data_4MOR
#
_entry.id   4MOR
#
_cell.length_a   100.242
_cell.length_b   102.469
_cell.length_c   137.840
_cell.angle_alpha   90.00
_cell.angle_beta   91.09
_cell.angle_gamma   90.00
#
_symmetry.space_group_name_H-M   'P 1 21 1'
#
loop_
_entity.id
_entity.type
_entity.pdbx_description
1 polymer 'Pyranose 2-oxidase'
2 non-polymer 'DIHYDROFLAVINE-ADENINE DINUCLEOTIDE'
3 non-polymer 3-deoxy-3-fluoro-beta-D-galactopyranose
4 non-polymer 'DODECAETHYLENE GLYCOL'
5 non-polymer '2-(N-MORPHOLINO)-ETHANESULFONIC ACID'
6 water water
#
_entity_poly.entity_id   1
_entity_poly.type   'polypeptide(L)'
_entity_poly.pdbx_seq_one_letter_code
;MATSSSDPFFNFAKSSFRSAAAQKASASSLPPLPGPDKKVPGMDIKYDVVIVGSGPIGCTYARELVGAGYKVAMFDIGEI
DSGLKIGAHKKNTVEYQKNIDKFVNVIQGQLMSVSVPVNTLVVDTLSPTSWQASTFFVRNGSNPEQDPLRNLSGQAVTRV
VGGMSTHWTCATPRFDREQRPLLVKDDADADDAEWDRLYTKAESYFQTGTDQFKESIRHNLVLNKLTEEYKGQRDFQQIP
LAATRRSPTFVEWSSANTVFDLQNRPNTDAPEERFNLFPAVACERVVRNALNSEIESLHIHDLISGDRFEIKADVYVLTA
GAVHNTQLLVNSGFGQLGRPNPANPPELLPSLGSYITEQSLVFCQTVMSTELIDSVKSDMTIRGTPGELTYSVTYTPGAS
TNKHPDWWNEKVKNHMMQHQEDPLPIPFEDPEPQVTTLFQPSHPWHTQIGRDAFSYGAVQQSIDSRLIVDWRFFGRTEPK
EENKLWFSDKITDAYNMPQPTFDFRFPAGRTSKEAEDMMTDMCVMSAKIGGFLPGSLPQFMEPGLCLHLGGTHRMGFDEK
EDNCCVNTDSRVFGFKNLFLGGCGNIPTAYGANPTLTAMSLAIKSCEYIKQNFTPSPFTSEAAAALEHHHHHH
;
_entity_poly.pdbx_strand_id   A,B,C,D
#
loop_
_chem_comp.id
_chem_comp.type
_chem_comp.name
_chem_comp.formula
12P non-polymer 'DODECAETHYLENE GLYCOL' 'C24 H50 O13'
2H5 D-saccharide, beta linking 3-deoxy-3-fluoro-beta-D-galactopyranose 'C6 H11 F O5'
FDA non-polymer 'DIHYDROFLAVINE-ADENINE DINUCLEOTIDE' 'C27 H35 N9 O15 P2'
MES non-polymer '2-(N-MORPHOLINO)-ETHANESULFONIC ACID' 'C6 H13 N O4 S'
#
# COMPACT_ATOMS: atom_id res chain seq x y z
N MET A 43 0.03 35.35 38.13
CA MET A 43 -1.32 35.74 37.51
C MET A 43 -2.16 36.65 38.45
N ASP A 44 -2.44 37.86 37.95
CA ASP A 44 -3.49 38.76 38.54
C ASP A 44 -4.90 38.34 38.07
N ILE A 45 -5.88 38.83 38.80
CA ILE A 45 -7.29 38.55 38.48
C ILE A 45 -7.79 39.57 37.43
N LYS A 46 -7.07 40.71 37.23
CA LYS A 46 -7.56 41.88 36.41
C LYS A 46 -6.48 42.46 35.45
N TYR A 47 -6.90 42.63 34.18
CA TYR A 47 -6.05 43.15 33.12
C TYR A 47 -6.83 44.17 32.33
N ASP A 48 -6.14 44.97 31.57
CA ASP A 48 -6.81 45.87 30.68
C ASP A 48 -7.36 45.15 29.50
N VAL A 49 -6.56 44.24 28.92
CA VAL A 49 -6.91 43.47 27.73
C VAL A 49 -6.49 42.00 27.93
N VAL A 50 -7.42 41.07 27.69
CA VAL A 50 -7.11 39.63 27.62
CA VAL A 50 -7.08 39.63 27.64
C VAL A 50 -7.23 39.13 26.23
N ILE A 51 -6.20 38.43 25.78
CA ILE A 51 -6.12 37.87 24.43
C ILE A 51 -6.14 36.34 24.56
N VAL A 52 -7.08 35.67 23.92
CA VAL A 52 -7.08 34.17 23.81
C VAL A 52 -6.43 33.70 22.57
N GLY A 53 -5.26 33.05 22.72
CA GLY A 53 -4.48 32.47 21.62
C GLY A 53 -3.27 33.32 21.30
N SER A 54 -2.12 32.61 21.11
CA SER A 54 -0.81 33.21 20.86
C SER A 54 -0.30 32.92 19.46
N GLY A 55 -1.23 32.70 18.53
CA GLY A 55 -0.83 32.67 17.15
C GLY A 55 -0.48 34.06 16.62
N PRO A 56 -0.22 34.17 15.34
CA PRO A 56 0.19 35.46 14.74
C PRO A 56 -0.88 36.55 14.85
N ILE A 57 -2.16 36.16 14.91
CA ILE A 57 -3.22 37.17 15.06
C ILE A 57 -3.37 37.67 16.50
N GLY A 58 -3.32 36.77 17.48
CA GLY A 58 -3.23 37.25 18.88
C GLY A 58 -1.98 38.10 19.06
N CYS A 59 -0.85 37.69 18.45
CA CYS A 59 0.38 38.50 18.56
C CYS A 59 0.32 39.90 17.90
N THR A 60 -0.57 40.07 16.97
CA THR A 60 -0.79 41.37 16.34
C THR A 60 -1.47 42.25 17.31
N TYR A 61 -2.55 41.76 17.95
CA TYR A 61 -3.16 42.47 19.07
C TYR A 61 -2.20 42.78 20.19
N ALA A 62 -1.35 41.84 20.56
CA ALA A 62 -0.35 42.05 21.63
C ALA A 62 0.59 43.17 21.20
N ARG A 63 1.17 43.08 20.02
CA ARG A 63 2.11 44.10 19.57
C ARG A 63 1.51 45.51 19.67
N GLU A 64 0.32 45.71 19.13
CA GLU A 64 -0.30 47.05 19.05
CA GLU A 64 -0.30 47.05 19.07
C GLU A 64 -0.65 47.53 20.46
N LEU A 65 -1.24 46.62 21.27
CA LEU A 65 -1.79 47.10 22.53
C LEU A 65 -0.78 47.09 23.63
N VAL A 66 0.13 46.14 23.67
CA VAL A 66 1.24 46.26 24.62
C VAL A 66 2.04 47.56 24.31
N GLY A 67 2.33 47.76 23.06
CA GLY A 67 3.09 48.99 22.62
C GLY A 67 2.39 50.27 23.01
N ALA A 68 1.04 50.30 22.96
CA ALA A 68 0.25 51.46 23.37
C ALA A 68 0.02 51.62 24.91
N GLY A 69 0.64 50.79 25.71
CA GLY A 69 0.58 50.96 27.16
C GLY A 69 -0.46 50.16 27.95
N TYR A 70 -1.21 49.25 27.31
CA TYR A 70 -2.27 48.47 28.01
C TYR A 70 -1.62 47.38 28.81
N LYS A 71 -2.23 47.07 29.91
CA LYS A 71 -1.81 45.90 30.70
C LYS A 71 -2.46 44.70 30.09
N VAL A 72 -1.65 43.83 29.43
CA VAL A 72 -2.18 42.77 28.58
C VAL A 72 -1.83 41.41 29.17
N ALA A 73 -2.82 40.49 29.15
CA ALA A 73 -2.57 39.02 29.41
C ALA A 73 -2.98 38.26 28.20
N MET A 74 -2.18 37.24 27.86
CA MET A 74 -2.50 36.31 26.79
C MET A 74 -2.46 34.90 27.32
N PHE A 75 -3.50 34.16 26.97
CA PHE A 75 -3.60 32.75 27.36
C PHE A 75 -3.47 31.92 26.12
N ASP A 76 -2.81 30.76 26.25
CA ASP A 76 -2.84 29.73 25.22
C ASP A 76 -3.05 28.37 25.86
N ILE A 77 -3.86 27.56 25.22
CA ILE A 77 -4.17 26.18 25.66
C ILE A 77 -2.94 25.26 25.48
N GLY A 78 -2.10 25.63 24.52
CA GLY A 78 -0.84 24.94 24.35
C GLY A 78 0.37 25.50 25.07
N GLU A 79 1.56 24.91 24.76
CA GLU A 79 2.75 25.13 25.60
C GLU A 79 3.95 25.70 24.77
N ILE A 80 4.92 26.21 25.51
CA ILE A 80 6.14 26.71 24.91
C ILE A 80 7.00 25.50 24.64
N ASP A 81 7.24 25.23 23.38
CA ASP A 81 7.85 23.99 23.03
C ASP A 81 8.98 24.01 21.98
N SER A 82 9.32 25.22 21.44
CA SER A 82 10.03 25.70 20.11
C SER A 82 11.45 26.29 20.23
N GLY A 83 12.17 26.22 21.36
CA GLY A 83 13.38 27.04 21.53
C GLY A 83 13.23 28.27 22.45
N LEU A 84 14.29 29.02 22.67
CA LEU A 84 14.20 30.15 23.62
C LEU A 84 13.51 31.36 23.01
N LYS A 85 13.29 31.37 21.69
CA LYS A 85 12.47 32.39 21.02
C LYS A 85 11.05 31.86 21.04
N ILE A 86 10.23 32.41 21.93
CA ILE A 86 8.94 31.88 22.22
C ILE A 86 8.02 32.12 20.99
N GLY A 87 7.34 31.04 20.56
CA GLY A 87 6.43 31.14 19.45
C GLY A 87 7.08 31.22 18.08
N ALA A 88 8.36 30.86 17.98
CA ALA A 88 9.11 31.01 16.73
C ALA A 88 8.89 29.81 15.80
N HIS A 89 9.39 29.99 14.60
CA HIS A 89 9.17 28.96 13.54
C HIS A 89 10.06 27.72 13.89
N LYS A 90 9.48 26.54 13.90
CA LYS A 90 10.22 25.30 14.20
C LYS A 90 11.15 24.85 13.08
N LYS A 91 11.01 25.43 11.89
CA LYS A 91 11.94 25.04 10.79
C LYS A 91 13.29 25.84 10.87
N ASN A 92 13.42 26.77 11.78
CA ASN A 92 14.60 27.63 11.90
C ASN A 92 15.68 26.94 12.77
N THR A 93 15.94 25.68 12.52
CA THR A 93 17.11 25.03 13.10
C THR A 93 18.03 24.59 12.00
N VAL A 94 19.33 24.54 12.30
CA VAL A 94 20.27 24.06 11.36
C VAL A 94 19.93 22.69 10.89
N GLU A 95 19.50 21.80 11.79
CA GLU A 95 19.20 20.48 11.46
C GLU A 95 18.01 20.37 10.52
N TYR A 96 16.93 21.09 10.71
CA TYR A 96 15.82 21.01 9.75
C TYR A 96 16.17 21.58 8.43
N GLN A 97 16.97 22.60 8.35
CA GLN A 97 17.31 23.08 7.01
C GLN A 97 18.32 22.25 6.27
N LYS A 98 19.13 21.44 6.99
CA LYS A 98 19.87 20.37 6.36
C LYS A 98 19.09 19.12 6.04
N ASN A 99 17.96 18.93 6.66
CA ASN A 99 17.15 17.67 6.53
C ASN A 99 15.73 18.10 6.26
N ILE A 100 15.49 18.91 5.19
CA ILE A 100 14.21 19.58 5.05
C ILE A 100 13.03 18.55 4.82
N ASP A 101 13.40 17.40 4.29
CA ASP A 101 12.40 16.29 4.15
C ASP A 101 11.79 15.78 5.48
N LYS A 102 12.46 16.12 6.58
CA LYS A 102 11.94 15.68 7.90
C LYS A 102 10.92 16.61 8.54
N PHE A 103 10.79 17.84 8.05
CA PHE A 103 9.90 18.80 8.66
C PHE A 103 8.42 18.39 8.58
N VAL A 104 8.04 17.61 7.57
CA VAL A 104 6.63 17.16 7.42
C VAL A 104 6.18 16.46 8.72
N ASN A 105 7.13 15.80 9.43
CA ASN A 105 6.79 15.22 10.70
C ASN A 105 6.40 16.17 11.78
N VAL A 106 7.05 17.34 11.85
CA VAL A 106 6.72 18.38 12.78
C VAL A 106 5.28 18.82 12.50
N ILE A 107 4.96 19.14 11.26
CA ILE A 107 3.62 19.53 10.85
C ILE A 107 2.59 18.49 11.31
N GLN A 108 2.82 17.23 10.91
CA GLN A 108 1.87 16.18 11.26
C GLN A 108 1.65 16.00 12.73
N GLY A 109 2.74 16.09 13.45
CA GLY A 109 2.78 16.00 14.95
C GLY A 109 1.90 17.03 15.64
N GLN A 110 1.56 18.14 14.98
CA GLN A 110 0.75 19.13 15.69
C GLN A 110 -0.43 19.54 14.85
N LEU A 111 -0.92 18.67 14.00
CA LEU A 111 -2.23 18.84 13.30
C LEU A 111 -3.18 17.76 13.79
N MET A 112 -4.09 18.19 14.65
CA MET A 112 -5.04 17.31 15.30
C MET A 112 -6.38 17.46 14.55
N SER A 113 -6.87 16.39 13.92
CA SER A 113 -8.10 16.48 13.10
C SER A 113 -9.28 17.07 13.94
N VAL A 114 -10.05 17.93 13.24
CA VAL A 114 -11.19 18.57 13.88
C VAL A 114 -12.36 17.63 14.11
N SER A 115 -12.76 16.96 13.07
CA SER A 115 -13.99 16.10 13.11
C SER A 115 -13.70 14.83 12.29
N VAL A 116 -13.70 13.67 13.01
CA VAL A 116 -13.38 12.37 12.42
C VAL A 116 -14.69 11.59 12.57
N PRO A 117 -15.30 11.20 11.40
CA PRO A 117 -16.58 10.43 11.47
C PRO A 117 -16.33 9.05 12.04
N VAL A 118 -17.41 8.45 12.51
CA VAL A 118 -17.34 7.03 13.00
C VAL A 118 -16.82 6.11 11.89
N ASN A 119 -15.84 5.30 12.22
CA ASN A 119 -15.17 4.37 11.26
C ASN A 119 -16.06 3.18 10.98
N THR A 120 -16.11 2.88 9.70
CA THR A 120 -16.92 1.69 9.21
C THR A 120 -16.09 0.70 8.42
N LEU A 121 -14.77 0.71 8.61
CA LEU A 121 -13.88 -0.31 7.99
C LEU A 121 -14.20 -1.66 8.54
N VAL A 122 -14.24 -2.64 7.66
CA VAL A 122 -14.53 -4.00 8.08
C VAL A 122 -13.24 -4.77 8.38
N VAL A 123 -13.03 -5.16 9.61
CA VAL A 123 -11.92 -6.02 10.00
C VAL A 123 -12.50 -7.36 10.39
N ASP A 124 -12.41 -8.28 9.42
CA ASP A 124 -12.96 -9.62 9.61
C ASP A 124 -11.93 -10.75 9.65
N THR A 125 -10.69 -10.39 10.02
CA THR A 125 -9.63 -11.35 10.18
C THR A 125 -9.06 -11.30 11.58
N LEU A 126 -9.86 -10.87 12.54
CA LEU A 126 -9.44 -11.06 13.92
C LEU A 126 -9.44 -12.54 14.28
N SER A 127 -8.65 -12.91 15.26
CA SER A 127 -8.82 -14.24 15.83
C SER A 127 -10.22 -14.38 16.46
N PRO A 128 -10.81 -15.57 16.40
CA PRO A 128 -12.06 -15.85 17.08
C PRO A 128 -11.98 -15.61 18.59
N THR A 129 -10.83 -15.67 19.22
CA THR A 129 -10.79 -15.31 20.67
C THR A 129 -10.81 -13.85 20.95
N SER A 130 -10.45 -12.99 20.02
CA SER A 130 -10.42 -11.55 20.24
C SER A 130 -11.79 -10.91 20.38
N TRP A 131 -11.95 -9.96 21.28
CA TRP A 131 -13.19 -9.19 21.46
C TRP A 131 -13.51 -8.50 20.16
N GLN A 132 -14.73 -8.76 19.65
CA GLN A 132 -15.13 -8.37 18.24
C GLN A 132 -16.41 -7.58 18.37
N ALA A 133 -16.46 -6.46 17.64
CA ALA A 133 -17.62 -5.55 17.69
C ALA A 133 -18.80 -6.12 17.02
N SER A 134 -19.98 -5.79 17.57
CA SER A 134 -21.27 -6.09 16.85
C SER A 134 -21.78 -4.93 16.02
N THR A 135 -21.30 -3.72 16.29
CA THR A 135 -21.73 -2.51 15.59
C THR A 135 -20.53 -1.63 15.30
N PHE A 136 -20.70 -0.60 14.47
CA PHE A 136 -19.63 0.44 14.34
C PHE A 136 -19.95 1.51 15.36
N PHE A 137 -19.50 1.20 16.58
CA PHE A 137 -19.80 2.06 17.73
C PHE A 137 -18.76 3.22 17.77
N VAL A 138 -18.97 4.16 18.67
CA VAL A 138 -18.11 5.38 18.79
C VAL A 138 -16.75 5.02 19.43
N ARG A 139 -15.74 4.90 18.59
CA ARG A 139 -14.36 4.44 18.98
C ARG A 139 -13.41 5.67 18.81
N ASN A 140 -12.38 5.70 19.64
CA ASN A 140 -11.15 6.44 19.33
C ASN A 140 -11.38 7.96 19.21
N GLY A 141 -12.38 8.47 19.91
CA GLY A 141 -12.67 9.89 19.87
C GLY A 141 -13.35 10.41 18.60
N SER A 142 -13.91 9.49 17.83
CA SER A 142 -14.71 9.83 16.71
C SER A 142 -16.01 10.57 17.06
N ASN A 143 -16.52 11.26 16.03
CA ASN A 143 -17.67 12.15 16.19
C ASN A 143 -18.90 11.57 15.52
N PRO A 144 -19.85 11.03 16.29
CA PRO A 144 -21.02 10.40 15.66
C PRO A 144 -21.99 11.40 15.05
N GLU A 145 -21.82 12.72 15.29
CA GLU A 145 -22.59 13.73 14.61
C GLU A 145 -22.25 13.94 13.16
N GLN A 146 -21.02 13.57 12.79
CA GLN A 146 -20.43 13.92 11.49
C GLN A 146 -20.89 12.96 10.36
N ASP A 147 -21.48 13.57 9.33
CA ASP A 147 -21.70 12.86 8.08
C ASP A 147 -20.34 12.76 7.39
N PRO A 148 -19.86 11.55 7.08
CA PRO A 148 -18.49 11.46 6.49
C PRO A 148 -18.46 12.06 5.06
N LEU A 149 -19.62 12.19 4.42
CA LEU A 149 -19.72 12.66 3.09
C LEU A 149 -19.94 14.16 2.95
N ARG A 150 -20.07 14.85 4.12
CA ARG A 150 -20.26 16.37 4.14
C ARG A 150 -19.30 16.98 5.11
N ASN A 151 -18.07 16.51 5.08
CA ASN A 151 -17.02 16.87 6.04
C ASN A 151 -15.94 17.76 5.36
N LEU A 152 -15.13 18.34 6.23
CA LEU A 152 -13.81 18.88 5.84
C LEU A 152 -12.85 17.92 6.61
N SER A 153 -12.63 16.75 6.04
CA SER A 153 -11.83 15.71 6.77
C SER A 153 -10.37 16.06 6.99
N GLY A 154 -9.84 16.93 6.17
CA GLY A 154 -8.44 17.42 6.29
C GLY A 154 -8.32 18.55 7.29
N GLN A 155 -9.46 19.18 7.74
CA GLN A 155 -9.33 20.23 8.73
C GLN A 155 -8.68 19.73 10.02
N ALA A 156 -7.80 20.55 10.59
CA ALA A 156 -7.02 20.21 11.72
C ALA A 156 -6.68 21.49 12.48
N VAL A 157 -6.33 21.34 13.77
CA VAL A 157 -5.99 22.43 14.67
C VAL A 157 -4.62 22.14 15.32
N THR A 158 -3.94 23.23 15.71
CA THR A 158 -2.63 23.25 16.37
C THR A 158 -2.69 23.92 17.70
N ARG A 159 -2.27 23.23 18.78
CA ARG A 159 -2.29 23.79 20.09
C ARG A 159 -0.90 23.80 20.67
N VAL A 160 -0.21 24.92 20.37
CA VAL A 160 1.17 25.16 20.83
C VAL A 160 1.31 26.69 20.81
N VAL A 161 2.18 27.17 21.63
CA VAL A 161 2.47 28.67 21.67
C VAL A 161 2.97 29.06 20.31
N GLY A 162 2.38 30.14 19.75
CA GLY A 162 2.64 30.57 18.40
C GLY A 162 1.71 29.99 17.41
N GLY A 163 0.84 29.05 17.83
CA GLY A 163 -0.13 28.47 16.92
C GLY A 163 0.42 27.78 15.67
N MET A 164 -0.27 27.95 14.56
CA MET A 164 0.12 27.26 13.30
C MET A 164 1.30 28.01 12.67
N SER A 165 1.61 29.22 13.18
CA SER A 165 2.78 29.93 12.65
C SER A 165 4.13 29.39 13.11
N THR A 166 4.12 28.40 13.99
CA THR A 166 5.27 27.61 14.26
C THR A 166 5.61 26.56 13.15
N HIS A 167 4.76 26.32 12.18
CA HIS A 167 5.04 25.34 11.13
C HIS A 167 4.64 25.82 9.74
N TRP A 168 4.05 27.00 9.61
CA TRP A 168 3.43 27.45 8.28
C TRP A 168 4.48 27.67 7.19
N THR A 169 3.98 27.80 5.99
CA THR A 169 4.80 28.02 4.79
C THR A 169 5.34 29.44 4.62
N CYS A 170 4.70 30.41 5.30
CA CYS A 170 5.03 31.84 5.34
C CYS A 170 4.64 32.60 4.04
N ALA A 171 3.76 32.02 3.23
CA ALA A 171 3.29 32.76 2.05
C ALA A 171 2.27 33.82 2.48
N THR A 172 2.54 35.05 2.12
CA THR A 172 1.72 36.21 2.52
C THR A 172 1.35 37.08 1.37
N PRO A 173 0.59 36.59 0.42
CA PRO A 173 0.10 37.53 -0.62
C PRO A 173 -1.03 38.41 -0.17
N ARG A 174 -1.13 39.57 -0.86
CA ARG A 174 -2.34 40.41 -0.70
C ARG A 174 -3.50 39.88 -1.55
N PHE A 175 -4.70 40.15 -1.11
CA PHE A 175 -5.87 39.89 -1.88
C PHE A 175 -6.11 41.17 -2.78
N ASP A 176 -6.42 40.89 -4.03
CA ASP A 176 -7.00 41.89 -4.96
C ASP A 176 -8.46 42.11 -4.64
N ARG A 177 -9.09 43.14 -5.24
CA ARG A 177 -10.46 43.51 -4.89
C ARG A 177 -11.40 42.31 -4.95
N GLU A 178 -11.23 41.46 -5.99
CA GLU A 178 -12.20 40.41 -6.25
C GLU A 178 -12.31 39.40 -5.11
N GLN A 179 -11.25 39.26 -4.34
CA GLN A 179 -11.22 38.26 -3.21
C GLN A 179 -11.45 38.84 -1.80
N ARG A 180 -11.63 40.17 -1.74
CA ARG A 180 -11.39 40.98 -0.53
C ARG A 180 -12.70 41.62 -0.04
N PRO A 181 -12.98 41.59 1.28
CA PRO A 181 -14.21 42.30 1.72
C PRO A 181 -13.95 43.84 1.69
N LEU A 182 -15.02 44.56 1.54
CA LEU A 182 -14.98 45.98 1.64
C LEU A 182 -14.75 46.47 3.06
N LEU A 183 -13.89 47.48 3.16
CA LEU A 183 -13.72 48.25 4.41
C LEU A 183 -14.32 49.67 4.27
N VAL A 184 -14.55 50.13 3.05
CA VAL A 184 -15.18 51.46 2.79
C VAL A 184 -16.25 51.18 1.78
N LYS A 185 -17.51 51.57 2.03
CA LYS A 185 -18.58 51.42 0.98
C LYS A 185 -18.55 52.56 -0.04
N ASP A 186 -18.95 52.25 -1.28
CA ASP A 186 -19.23 53.23 -2.30
C ASP A 186 -18.06 54.13 -2.59
N ASP A 187 -16.82 53.61 -2.42
CA ASP A 187 -15.61 54.42 -2.79
C ASP A 187 -14.44 53.47 -2.93
N ALA A 188 -14.34 52.88 -4.12
CA ALA A 188 -13.38 51.82 -4.44
C ALA A 188 -11.96 52.30 -4.21
N ASP A 189 -11.65 53.55 -4.63
CA ASP A 189 -10.32 54.07 -4.41
C ASP A 189 -9.98 54.22 -2.95
N ALA A 190 -10.92 54.72 -2.12
CA ALA A 190 -10.63 54.86 -0.69
C ALA A 190 -10.51 53.45 -0.07
N ASP A 191 -11.34 52.51 -0.50
CA ASP A 191 -11.24 51.12 -0.05
C ASP A 191 -9.83 50.57 -0.35
N ASP A 192 -9.38 50.75 -1.58
CA ASP A 192 -8.04 50.32 -1.96
C ASP A 192 -6.96 50.99 -1.10
N ALA A 193 -7.15 52.28 -0.80
CA ALA A 193 -6.16 53.04 0.00
C ALA A 193 -6.09 52.48 1.43
N GLU A 194 -7.26 52.17 2.02
CA GLU A 194 -7.28 51.64 3.35
C GLU A 194 -6.60 50.23 3.44
N TRP A 195 -6.89 49.41 2.49
CA TRP A 195 -6.27 48.11 2.38
C TRP A 195 -4.75 48.16 2.12
N ASP A 196 -4.31 49.11 1.31
CA ASP A 196 -2.88 49.28 1.12
C ASP A 196 -2.18 49.73 2.47
N ARG A 197 -2.81 50.60 3.20
CA ARG A 197 -2.25 51.08 4.46
C ARG A 197 -2.07 49.90 5.42
N LEU A 198 -3.15 49.14 5.57
CA LEU A 198 -3.09 48.03 6.47
C LEU A 198 -2.14 46.89 6.03
N TYR A 199 -2.19 46.50 4.75
CA TYR A 199 -1.33 45.46 4.23
C TYR A 199 0.15 45.89 4.37
N THR A 200 0.49 47.14 4.11
CA THR A 200 1.85 47.58 4.25
C THR A 200 2.37 47.36 5.69
N LYS A 201 1.53 47.72 6.66
CA LYS A 201 1.93 47.47 8.09
C LYS A 201 2.08 45.98 8.37
N ALA A 202 1.11 45.21 7.93
CA ALA A 202 1.11 43.78 8.16
C ALA A 202 2.39 43.11 7.54
N GLU A 203 2.73 43.56 6.33
CA GLU A 203 3.95 43.10 5.68
C GLU A 203 5.16 43.42 6.51
N SER A 204 5.20 44.60 7.11
CA SER A 204 6.25 44.98 8.00
CA SER A 204 6.27 44.94 8.01
C SER A 204 6.35 44.08 9.24
N TYR A 205 5.23 43.81 9.85
CA TYR A 205 5.18 42.95 11.04
C TYR A 205 5.71 41.52 10.70
N PHE A 206 5.31 40.96 9.58
CA PHE A 206 5.71 39.64 9.27
C PHE A 206 7.09 39.60 8.62
N GLN A 207 7.67 40.75 8.19
CA GLN A 207 8.96 40.77 7.42
C GLN A 207 8.76 40.08 6.05
N THR A 208 7.61 40.37 5.39
CA THR A 208 7.31 39.91 4.05
C THR A 208 8.32 40.48 3.05
N GLY A 209 8.71 39.64 2.12
CA GLY A 209 9.59 40.08 1.03
C GLY A 209 9.46 39.17 -0.17
N THR A 210 10.07 39.62 -1.27
CA THR A 210 9.94 38.94 -2.53
C THR A 210 11.28 38.63 -3.19
N ASP A 211 12.33 38.72 -2.43
CA ASP A 211 13.67 38.47 -3.06
C ASP A 211 14.62 37.52 -2.32
N GLN A 212 14.08 36.70 -1.44
CA GLN A 212 14.85 35.73 -0.67
C GLN A 212 15.37 34.56 -1.49
N PHE A 213 14.73 34.24 -2.60
CA PHE A 213 15.11 33.18 -3.51
C PHE A 213 15.66 33.63 -4.84
N LYS A 214 16.11 34.88 -4.90
CA LYS A 214 16.37 35.48 -6.21
C LYS A 214 17.58 34.84 -6.88
N GLU A 215 18.52 34.29 -6.09
CA GLU A 215 19.74 33.62 -6.67
C GLU A 215 19.70 32.09 -6.59
N SER A 216 18.51 31.55 -6.48
CA SER A 216 18.32 30.11 -6.72
C SER A 216 18.25 29.80 -8.17
N ILE A 217 19.10 28.84 -8.58
CA ILE A 217 19.05 28.33 -9.96
C ILE A 217 17.69 27.73 -10.25
N ARG A 218 17.24 26.80 -9.40
CA ARG A 218 15.95 26.15 -9.65
C ARG A 218 14.77 27.12 -9.74
N HIS A 219 14.78 28.11 -8.87
CA HIS A 219 13.76 29.15 -8.84
C HIS A 219 13.72 29.88 -10.17
N ASN A 220 14.88 30.40 -10.59
CA ASN A 220 14.93 31.12 -11.85
C ASN A 220 14.71 30.27 -13.05
N LEU A 221 15.15 29.03 -13.10
CA LEU A 221 14.89 28.16 -14.21
C LEU A 221 13.36 28.03 -14.43
N VAL A 222 12.63 27.73 -13.37
CA VAL A 222 11.17 27.64 -13.46
C VAL A 222 10.50 28.97 -13.76
N LEU A 223 10.88 29.99 -12.99
CA LEU A 223 10.33 31.33 -13.23
C LEU A 223 10.51 31.80 -14.65
N ASN A 224 11.74 31.70 -15.20
CA ASN A 224 11.99 32.20 -16.54
C ASN A 224 11.19 31.43 -17.56
N LYS A 225 11.07 30.15 -17.40
CA LYS A 225 10.35 29.35 -18.38
C LYS A 225 8.85 29.65 -18.41
N LEU A 226 8.24 29.75 -17.22
CA LEU A 226 6.82 30.11 -17.12
C LEU A 226 6.62 31.57 -17.61
N THR A 227 7.51 32.51 -17.22
CA THR A 227 7.37 33.89 -17.74
C THR A 227 7.35 33.84 -19.26
N GLU A 228 8.27 33.15 -19.92
CA GLU A 228 8.29 33.08 -21.40
C GLU A 228 7.03 32.42 -21.97
N GLU A 229 6.61 31.25 -21.46
CA GLU A 229 5.46 30.54 -21.93
C GLU A 229 4.14 31.32 -21.84
N TYR A 230 4.05 32.22 -20.88
CA TYR A 230 2.84 33.00 -20.65
C TYR A 230 3.10 34.49 -20.91
N LYS A 231 4.12 34.79 -21.68
CA LYS A 231 4.39 36.20 -22.03
C LYS A 231 3.19 36.96 -22.62
N GLY A 232 2.87 38.08 -21.99
CA GLY A 232 1.73 38.92 -22.36
C GLY A 232 0.40 38.38 -21.92
N GLN A 233 0.38 37.25 -21.15
CA GLN A 233 -0.87 36.59 -20.74
C GLN A 233 -0.97 36.48 -19.24
N ARG A 234 0.10 36.00 -18.55
CA ARG A 234 0.13 36.00 -17.10
C ARG A 234 1.52 36.46 -16.58
N ASP A 235 1.51 37.07 -15.42
CA ASP A 235 2.69 37.52 -14.75
C ASP A 235 3.09 36.47 -13.65
N PHE A 236 4.37 36.17 -13.58
CA PHE A 236 4.97 35.27 -12.58
C PHE A 236 5.98 36.06 -11.74
N GLN A 237 6.13 35.69 -10.47
CA GLN A 237 7.04 36.38 -9.53
C GLN A 237 7.34 35.36 -8.42
N GLN A 238 8.23 35.79 -7.47
CA GLN A 238 8.38 35.01 -6.26
C GLN A 238 7.11 35.12 -5.44
N ILE A 239 6.73 34.00 -4.84
CA ILE A 239 5.71 34.01 -3.76
C ILE A 239 6.19 34.99 -2.74
N PRO A 240 5.32 35.95 -2.26
CA PRO A 240 5.68 36.82 -1.16
C PRO A 240 5.77 35.99 0.09
N LEU A 241 6.88 36.05 0.77
CA LEU A 241 7.23 35.18 1.89
C LEU A 241 7.62 36.02 3.12
N ALA A 242 7.07 35.61 4.27
CA ALA A 242 7.43 36.18 5.57
C ALA A 242 8.67 35.51 6.07
N ALA A 243 9.84 36.05 5.74
CA ALA A 243 11.16 35.35 5.95
C ALA A 243 12.28 36.35 5.64
N THR A 244 13.43 36.07 6.25
CA THR A 244 14.65 36.81 5.97
C THR A 244 15.74 35.82 5.71
N ARG A 245 16.37 35.87 4.52
CA ARG A 245 17.53 35.01 4.27
C ARG A 245 18.75 35.44 5.14
N ARG A 246 19.39 34.47 5.83
CA ARG A 246 20.50 34.72 6.68
C ARG A 246 21.78 34.31 5.97
N SER A 247 21.73 33.35 5.04
CA SER A 247 22.99 32.86 4.41
C SER A 247 22.53 32.13 3.18
N PRO A 248 23.43 31.68 2.31
CA PRO A 248 22.97 30.96 1.11
C PRO A 248 22.26 29.60 1.40
N THR A 249 22.44 29.08 2.60
CA THR A 249 21.81 27.81 2.98
C THR A 249 20.86 27.91 4.17
N PHE A 250 20.53 29.11 4.61
CA PHE A 250 19.61 29.29 5.80
C PHE A 250 18.68 30.49 5.68
N VAL A 251 17.39 30.19 5.83
CA VAL A 251 16.32 31.21 5.83
C VAL A 251 15.71 31.27 7.21
N GLU A 252 15.66 32.46 7.78
CA GLU A 252 14.90 32.65 9.00
C GLU A 252 13.44 32.93 8.62
N TRP A 253 12.62 31.88 8.74
CA TRP A 253 11.18 31.95 8.52
C TRP A 253 10.50 32.69 9.61
N SER A 254 9.56 33.59 9.27
CA SER A 254 8.79 34.35 10.29
C SER A 254 7.74 33.51 10.92
N SER A 255 7.18 34.07 11.98
CA SER A 255 6.21 33.35 12.85
C SER A 255 5.56 34.44 13.75
N ALA A 256 4.71 33.98 14.67
CA ALA A 256 4.22 34.85 15.77
C ALA A 256 5.27 35.58 16.47
N ASN A 257 6.40 34.92 16.72
CA ASN A 257 7.56 35.52 17.44
C ASN A 257 8.08 36.77 16.68
N THR A 258 8.04 36.74 15.35
CA THR A 258 8.47 37.90 14.51
C THR A 258 7.58 39.06 14.83
N VAL A 259 6.29 38.80 14.93
CA VAL A 259 5.27 39.88 15.19
C VAL A 259 5.47 40.45 16.61
N PHE A 260 5.55 39.53 17.59
CA PHE A 260 5.67 39.92 18.98
C PHE A 260 6.45 38.80 19.67
N ASP A 261 7.50 39.17 20.41
CA ASP A 261 8.47 38.14 20.98
C ASP A 261 7.94 37.29 22.11
N LEU A 262 6.74 37.69 22.62
CA LEU A 262 6.10 36.90 23.67
C LEU A 262 6.81 36.78 25.01
N GLN A 263 7.79 37.67 25.26
CA GLN A 263 8.48 37.77 26.52
C GLN A 263 7.61 38.57 27.51
N ASN A 264 7.60 38.12 28.76
CA ASN A 264 6.89 38.88 29.76
C ASN A 264 7.54 40.25 29.94
N ARG A 265 6.69 41.24 30.18
CA ARG A 265 7.08 42.61 30.39
C ARG A 265 6.42 43.13 31.62
N PRO A 266 7.09 44.03 32.39
CA PRO A 266 8.20 44.87 31.95
C PRO A 266 9.48 44.02 31.91
N ASN A 267 10.39 44.41 31.02
CA ASN A 267 11.72 43.77 31.04
C ASN A 267 12.72 44.85 30.71
N THR A 268 14.00 44.49 30.66
CA THR A 268 15.04 45.48 30.46
C THR A 268 14.83 46.22 29.13
N ASP A 269 14.44 45.48 28.11
CA ASP A 269 14.25 46.09 26.77
C ASP A 269 12.98 46.91 26.63
N ALA A 270 11.97 46.64 27.47
CA ALA A 270 10.66 47.34 27.45
C ALA A 270 10.23 47.55 28.91
N PRO A 271 10.82 48.51 29.60
CA PRO A 271 10.64 48.65 31.03
C PRO A 271 9.28 49.30 31.46
N GLU A 272 8.54 49.86 30.47
CA GLU A 272 7.23 50.39 30.75
C GLU A 272 6.08 49.70 30.10
N GLU A 273 6.32 48.51 29.61
CA GLU A 273 5.27 47.70 28.98
C GLU A 273 4.86 46.61 29.96
N ARG A 274 3.64 46.10 29.75
CA ARG A 274 3.00 45.17 30.63
C ARG A 274 2.37 44.08 29.82
N PHE A 275 2.94 42.88 29.89
CA PHE A 275 2.49 41.70 29.16
C PHE A 275 2.84 40.43 29.91
N ASN A 276 1.86 39.54 30.04
CA ASN A 276 2.10 38.21 30.53
C ASN A 276 1.49 37.18 29.64
N LEU A 277 2.23 36.12 29.34
CA LEU A 277 1.74 35.00 28.59
C LEU A 277 1.57 33.84 29.53
N PHE A 278 0.41 33.19 29.47
CA PHE A 278 0.04 32.04 30.31
C PHE A 278 -0.24 30.80 29.47
N PRO A 279 0.79 29.97 29.26
CA PRO A 279 0.59 28.74 28.49
C PRO A 279 -0.16 27.69 29.31
N ALA A 280 -0.63 26.68 28.62
CA ALA A 280 -1.38 25.56 29.24
C ALA A 280 -2.59 26.09 30.03
N VAL A 281 -3.33 27.02 29.42
CA VAL A 281 -4.59 27.55 30.01
C VAL A 281 -5.63 27.41 28.91
N ALA A 282 -6.63 26.54 29.17
CA ALA A 282 -7.76 26.38 28.26
C ALA A 282 -8.79 27.42 28.58
N CYS A 283 -9.11 28.30 27.62
CA CYS A 283 -10.16 29.36 27.86
C CYS A 283 -11.46 28.76 27.41
N GLU A 284 -12.45 28.79 28.29
CA GLU A 284 -13.67 27.96 28.05
C GLU A 284 -14.97 28.78 27.70
N ARG A 285 -15.08 29.97 28.33
CA ARG A 285 -16.28 30.78 28.21
C ARG A 285 -15.95 32.23 28.43
N VAL A 286 -16.56 33.10 27.63
CA VAL A 286 -16.75 34.54 27.99
C VAL A 286 -18.13 34.65 28.64
N VAL A 287 -18.19 35.31 29.77
CA VAL A 287 -19.43 35.48 30.49
C VAL A 287 -20.14 36.78 30.02
N ARG A 288 -21.30 36.56 29.42
CA ARG A 288 -22.17 37.65 28.99
C ARG A 288 -22.92 38.23 30.18
N ASN A 289 -23.07 39.54 30.20
CA ASN A 289 -24.03 40.14 31.13
C ASN A 289 -25.44 39.75 30.73
N ALA A 290 -26.44 39.90 31.59
CA ALA A 290 -27.77 39.52 31.26
C ALA A 290 -28.34 40.29 30.05
N LEU A 291 -27.93 41.54 29.93
CA LEU A 291 -28.37 42.43 28.88
C LEU A 291 -27.75 42.14 27.51
N ASN A 292 -26.76 41.29 27.48
CA ASN A 292 -26.03 40.95 26.21
C ASN A 292 -25.47 42.21 25.54
N SER A 293 -24.83 43.00 26.38
CA SER A 293 -24.12 44.26 25.96
C SER A 293 -22.65 44.27 26.29
N GLU A 294 -22.19 43.42 27.16
CA GLU A 294 -20.84 43.48 27.70
C GLU A 294 -20.42 42.06 28.10
N ILE A 295 -19.12 41.78 27.91
CA ILE A 295 -18.50 40.61 28.57
C ILE A 295 -17.98 41.00 29.94
N GLU A 296 -18.26 40.19 30.96
CA GLU A 296 -17.92 40.43 32.38
C GLU A 296 -16.72 39.65 32.88
N SER A 297 -16.36 38.54 32.24
CA SER A 297 -15.18 37.73 32.65
C SER A 297 -14.91 36.69 31.70
N LEU A 298 -13.72 36.10 31.81
CA LEU A 298 -13.24 34.95 30.98
C LEU A 298 -13.00 33.80 31.89
N HIS A 299 -13.71 32.66 31.64
CA HIS A 299 -13.56 31.50 32.49
C HIS A 299 -12.45 30.65 31.87
N ILE A 300 -11.48 30.37 32.71
CA ILE A 300 -10.27 29.60 32.30
C ILE A 300 -10.05 28.34 33.15
N HIS A 301 -9.31 27.40 32.56
CA HIS A 301 -8.92 26.16 33.21
C HIS A 301 -7.41 26.04 33.09
N ASP A 302 -6.68 26.13 34.20
CA ASP A 302 -5.22 25.85 34.26
C ASP A 302 -5.03 24.36 34.16
N LEU A 303 -4.42 23.92 33.05
CA LEU A 303 -4.28 22.48 32.69
C LEU A 303 -3.19 21.80 33.55
N ILE A 304 -2.26 22.57 34.12
CA ILE A 304 -1.22 21.97 34.99
C ILE A 304 -1.72 21.74 36.42
N SER A 305 -2.33 22.75 37.02
CA SER A 305 -2.89 22.59 38.38
C SER A 305 -4.24 21.87 38.36
N GLY A 306 -4.98 22.12 37.28
CA GLY A 306 -6.38 21.69 37.11
C GLY A 306 -7.34 22.71 37.70
N ASP A 307 -6.85 23.80 38.28
CA ASP A 307 -7.74 24.78 38.84
C ASP A 307 -8.43 25.65 37.77
N ARG A 308 -9.63 26.10 38.11
CA ARG A 308 -10.40 27.04 37.30
C ARG A 308 -10.38 28.47 37.95
N PHE A 309 -10.47 29.47 37.08
CA PHE A 309 -10.42 30.89 37.52
C PHE A 309 -11.38 31.71 36.66
N GLU A 310 -11.84 32.87 37.19
CA GLU A 310 -12.56 33.84 36.34
C GLU A 310 -11.64 35.10 36.26
N ILE A 311 -11.21 35.47 35.06
CA ILE A 311 -10.26 36.59 34.76
C ILE A 311 -11.09 37.77 34.26
N LYS A 312 -10.84 38.92 34.89
CA LYS A 312 -11.54 40.15 34.45
C LYS A 312 -10.60 41.00 33.58
N ALA A 313 -11.16 41.55 32.50
CA ALA A 313 -10.51 42.53 31.67
C ALA A 313 -11.48 43.61 31.22
N ASP A 314 -10.91 44.74 30.84
CA ASP A 314 -11.72 45.72 30.11
C ASP A 314 -12.14 45.27 28.72
N VAL A 315 -11.24 44.61 27.99
CA VAL A 315 -11.35 44.26 26.60
C VAL A 315 -10.96 42.81 26.42
N TYR A 316 -11.82 42.08 25.73
CA TYR A 316 -11.64 40.64 25.51
C TYR A 316 -11.45 40.44 24.02
N VAL A 317 -10.33 39.84 23.67
CA VAL A 317 -9.95 39.53 22.27
C VAL A 317 -9.84 38.02 22.03
N LEU A 318 -10.65 37.45 21.15
CA LEU A 318 -10.60 36.04 20.83
C LEU A 318 -9.85 35.78 19.48
N THR A 319 -8.67 35.21 19.57
CA THR A 319 -7.81 34.79 18.42
C THR A 319 -7.38 33.35 18.58
N ALA A 320 -8.35 32.41 18.72
CA ALA A 320 -8.09 31.06 18.97
C ALA A 320 -8.12 30.18 17.73
N GLY A 321 -8.20 30.84 16.59
CA GLY A 321 -8.36 30.20 15.27
C GLY A 321 -9.84 30.12 14.82
N ALA A 322 -10.04 29.78 13.56
CA ALA A 322 -11.37 29.93 12.92
C ALA A 322 -12.31 28.85 13.51
N VAL A 323 -11.77 27.70 13.89
CA VAL A 323 -12.56 26.68 14.61
C VAL A 323 -12.81 27.03 16.05
N HIS A 324 -11.74 27.29 16.77
CA HIS A 324 -11.89 27.43 18.23
C HIS A 324 -12.42 28.74 18.73
N ASN A 325 -12.34 29.81 17.96
CA ASN A 325 -13.09 31.05 18.32
C ASN A 325 -14.60 30.70 18.34
N THR A 326 -15.03 30.00 17.26
CA THR A 326 -16.45 29.59 17.06
C THR A 326 -16.93 28.71 18.21
N GLN A 327 -16.09 27.76 18.61
CA GLN A 327 -16.36 26.87 19.70
C GLN A 327 -16.52 27.64 21.03
N LEU A 328 -15.63 28.55 21.30
CA LEU A 328 -15.65 29.32 22.58
C LEU A 328 -16.93 30.19 22.63
N LEU A 329 -17.27 30.84 21.51
CA LEU A 329 -18.48 31.64 21.45
C LEU A 329 -19.69 30.78 21.60
N VAL A 330 -19.79 29.63 20.96
CA VAL A 330 -21.03 28.83 21.15
C VAL A 330 -21.14 28.27 22.53
N ASN A 331 -20.00 27.94 23.15
CA ASN A 331 -19.94 27.46 24.54
C ASN A 331 -20.32 28.57 25.55
N SER A 332 -20.35 29.81 25.04
CA SER A 332 -20.68 31.00 25.82
C SER A 332 -22.08 31.55 25.51
N GLY A 333 -22.89 30.85 24.76
CA GLY A 333 -24.28 31.25 24.52
C GLY A 333 -24.52 32.08 23.26
N PHE A 334 -23.48 32.25 22.43
CA PHE A 334 -23.68 32.88 21.09
C PHE A 334 -24.01 31.83 20.05
N GLY A 335 -24.72 32.22 19.00
CA GLY A 335 -25.19 31.28 17.95
C GLY A 335 -26.09 30.22 18.61
N GLN A 336 -26.03 29.06 18.01
CA GLN A 336 -26.90 27.94 18.36
C GLN A 336 -26.02 26.70 18.67
N LEU A 337 -26.14 26.17 19.87
CA LEU A 337 -25.53 24.87 20.22
C LEU A 337 -26.37 23.70 19.64
N GLY A 338 -25.68 22.67 19.16
CA GLY A 338 -26.35 21.46 18.72
C GLY A 338 -26.60 21.54 17.23
N ARG A 339 -27.20 20.50 16.76
CA ARG A 339 -27.53 20.29 15.34
C ARG A 339 -28.42 21.46 14.90
N PRO A 340 -28.10 22.07 13.80
CA PRO A 340 -28.90 23.26 13.44
C PRO A 340 -30.41 22.96 13.40
N ASN A 341 -31.16 23.93 13.93
CA ASN A 341 -32.63 23.80 14.03
C ASN A 341 -33.21 25.19 13.72
N PRO A 342 -33.53 25.46 12.44
CA PRO A 342 -34.09 26.79 12.07
C PRO A 342 -35.39 27.17 12.82
N ALA A 343 -36.12 26.18 13.29
CA ALA A 343 -37.32 26.47 14.07
C ALA A 343 -37.05 27.07 15.47
N ASN A 344 -35.80 27.08 15.97
CA ASN A 344 -35.45 27.76 17.24
C ASN A 344 -34.36 28.73 16.93
N PRO A 345 -34.69 29.88 16.35
CA PRO A 345 -33.62 30.83 16.01
C PRO A 345 -32.80 31.18 17.25
N PRO A 346 -31.48 31.33 17.08
CA PRO A 346 -30.72 31.68 18.30
C PRO A 346 -30.94 33.14 18.72
N GLU A 347 -30.68 33.41 19.99
CA GLU A 347 -30.87 34.77 20.47
C GLU A 347 -29.76 35.72 19.94
N LEU A 348 -28.55 35.21 19.80
CA LEU A 348 -27.39 36.05 19.44
C LEU A 348 -26.64 35.50 18.24
N LEU A 349 -26.16 36.41 17.35
CA LEU A 349 -25.24 36.02 16.27
C LEU A 349 -25.77 34.81 15.44
N PRO A 350 -26.96 35.03 14.83
CA PRO A 350 -27.53 33.88 14.10
C PRO A 350 -26.63 33.40 12.94
N SER A 351 -25.75 34.26 12.42
CA SER A 351 -24.87 33.81 11.31
C SER A 351 -23.58 33.15 11.80
N LEU A 352 -23.31 33.03 13.10
CA LEU A 352 -22.14 32.37 13.53
C LEU A 352 -22.08 30.92 13.14
N GLY A 353 -20.95 30.52 12.59
CA GLY A 353 -20.81 29.16 12.03
C GLY A 353 -21.44 28.82 10.71
N SER A 354 -22.11 29.78 10.06
CA SER A 354 -22.67 29.64 8.73
C SER A 354 -21.79 30.41 7.73
N TYR A 355 -22.04 30.13 6.46
CA TYR A 355 -21.30 30.76 5.36
C TYR A 355 -19.80 30.40 5.39
N ILE A 356 -19.48 29.23 5.91
CA ILE A 356 -18.06 28.90 6.01
C ILE A 356 -17.52 28.61 4.63
N THR A 357 -16.24 29.00 4.41
CA THR A 357 -15.57 28.71 3.19
C THR A 357 -14.26 27.89 3.49
N GLU A 358 -13.89 27.02 2.61
CA GLU A 358 -12.60 26.37 2.54
C GLU A 358 -12.31 26.24 1.05
N GLN A 359 -11.01 26.33 0.73
CA GLN A 359 -10.55 26.22 -0.64
C GLN A 359 -10.40 24.83 -1.12
N SER A 360 -10.66 24.70 -2.42
CA SER A 360 -10.28 23.49 -3.13
C SER A 360 -8.76 23.55 -3.36
N LEU A 361 -8.08 22.43 -3.25
CA LEU A 361 -6.63 22.30 -3.48
C LEU A 361 -6.33 21.17 -4.43
N VAL A 362 -5.56 21.46 -5.44
CA VAL A 362 -5.05 20.42 -6.37
C VAL A 362 -3.52 20.50 -6.25
N PHE A 363 -2.98 19.33 -6.46
CA PHE A 363 -1.57 19.03 -6.22
C PHE A 363 -1.03 18.04 -7.22
N CYS A 364 0.20 18.29 -7.61
CA CYS A 364 1.06 17.27 -8.21
C CYS A 364 2.55 17.60 -8.02
N GLN A 365 3.42 16.69 -8.43
CA GLN A 365 4.87 16.98 -8.55
C GLN A 365 5.28 16.58 -9.98
N THR A 366 6.30 17.29 -10.48
CA THR A 366 6.88 17.00 -11.78
C THR A 366 8.38 16.73 -11.66
N VAL A 367 8.91 16.03 -12.64
CA VAL A 367 10.34 15.76 -12.81
C VAL A 367 10.85 16.64 -13.99
N MET A 368 11.88 17.42 -13.75
CA MET A 368 12.29 18.47 -14.68
C MET A 368 12.57 17.92 -16.04
N SER A 369 12.17 18.61 -17.09
CA SER A 369 12.49 18.13 -18.45
C SER A 369 13.97 18.15 -18.76
N THR A 370 14.33 17.21 -19.60
CA THR A 370 15.68 17.10 -20.12
C THR A 370 16.07 18.44 -20.70
N GLU A 371 15.17 19.04 -21.48
CA GLU A 371 15.53 20.35 -22.12
C GLU A 371 15.91 21.40 -21.06
N LEU A 372 15.11 21.53 -20.00
CA LEU A 372 15.40 22.51 -18.99
C LEU A 372 16.73 22.20 -18.27
N ILE A 373 16.97 20.92 -17.93
CA ILE A 373 18.19 20.56 -17.23
C ILE A 373 19.43 20.91 -18.08
N ASP A 374 19.37 20.54 -19.36
CA ASP A 374 20.54 20.79 -20.23
C ASP A 374 20.74 22.32 -20.38
N SER A 375 19.63 23.09 -20.36
CA SER A 375 19.73 24.61 -20.39
C SER A 375 20.51 25.19 -19.23
N VAL A 376 20.60 24.52 -18.08
CA VAL A 376 21.22 25.09 -16.89
C VAL A 376 22.70 25.31 -17.20
N LYS A 377 23.30 24.46 -18.04
CA LYS A 377 24.76 24.55 -18.32
C LYS A 377 25.06 25.06 -19.71
N SER A 378 24.10 25.78 -20.34
CA SER A 378 24.22 26.24 -21.69
C SER A 378 25.40 27.18 -21.94
N ASP A 379 25.85 27.86 -20.89
CA ASP A 379 26.94 28.85 -21.05
C ASP A 379 28.35 28.31 -20.72
N MET A 380 28.46 27.03 -20.43
CA MET A 380 29.74 26.44 -20.00
C MET A 380 30.52 25.92 -21.19
N THR A 381 31.84 26.05 -21.09
CA THR A 381 32.80 25.36 -21.98
C THR A 381 33.44 24.25 -21.18
N ILE A 382 33.32 23.02 -21.69
CA ILE A 382 33.72 21.84 -20.93
C ILE A 382 34.80 21.08 -21.73
N ARG A 383 35.86 20.70 -21.04
CA ARG A 383 36.90 19.85 -21.67
C ARG A 383 37.46 18.88 -20.64
N GLY A 384 38.14 17.85 -21.14
CA GLY A 384 38.76 16.89 -20.22
C GLY A 384 37.80 15.81 -19.81
N THR A 385 38.28 15.00 -18.86
CA THR A 385 37.54 13.78 -18.38
C THR A 385 37.11 14.00 -16.97
N PRO A 386 35.78 13.96 -16.74
CA PRO A 386 35.35 14.05 -15.35
C PRO A 386 36.11 13.06 -14.45
N GLY A 387 36.59 13.54 -13.31
CA GLY A 387 37.27 12.73 -12.29
C GLY A 387 38.77 12.74 -12.44
N GLU A 388 39.25 13.42 -13.48
CA GLU A 388 40.68 13.47 -13.78
C GLU A 388 41.16 14.94 -13.66
N LEU A 389 42.48 15.05 -13.58
CA LEU A 389 43.13 16.35 -13.47
C LEU A 389 42.97 17.24 -14.77
N THR A 390 42.64 16.59 -15.94
CA THR A 390 42.36 17.28 -17.25
C THR A 390 40.95 17.97 -17.32
N TYR A 391 40.04 17.58 -16.42
CA TYR A 391 38.72 18.18 -16.49
C TYR A 391 38.79 19.65 -16.21
N SER A 392 38.09 20.38 -17.10
CA SER A 392 37.83 21.81 -16.94
C SER A 392 36.46 22.30 -17.43
N VAL A 393 35.82 23.06 -16.54
CA VAL A 393 34.54 23.73 -16.84
C VAL A 393 34.72 25.20 -16.62
N THR A 394 34.47 25.98 -17.66
CA THR A 394 34.66 27.42 -17.61
C THR A 394 33.54 28.18 -18.30
N TYR A 395 33.47 29.52 -18.08
CA TYR A 395 32.49 30.36 -18.78
C TYR A 395 33.11 31.73 -18.92
N THR A 396 32.48 32.53 -19.76
CA THR A 396 32.86 33.94 -19.95
CA THR A 396 32.87 33.95 -19.94
C THR A 396 31.93 34.89 -19.23
N PRO A 397 32.39 35.45 -18.11
CA PRO A 397 31.49 36.46 -17.49
C PRO A 397 31.05 37.64 -18.37
N GLY A 398 29.77 38.01 -18.44
CA GLY A 398 29.41 39.19 -19.33
C GLY A 398 29.11 38.88 -20.81
N ALA A 399 29.44 37.70 -21.29
CA ALA A 399 29.25 37.41 -22.72
C ALA A 399 27.78 37.62 -23.12
N SER A 400 27.55 38.24 -24.28
CA SER A 400 26.20 38.68 -24.64
C SER A 400 25.46 37.48 -25.18
N THR A 401 26.22 36.46 -25.56
CA THR A 401 25.71 35.20 -26.01
C THR A 401 25.36 34.30 -24.77
N ASN A 402 25.61 34.81 -23.56
CA ASN A 402 25.25 33.97 -22.31
C ASN A 402 23.78 34.04 -22.12
N LYS A 403 23.13 32.90 -21.82
CA LYS A 403 21.69 32.85 -21.51
C LYS A 403 21.39 33.14 -20.05
N HIS A 404 22.40 33.07 -19.18
CA HIS A 404 22.26 33.20 -17.74
C HIS A 404 23.17 34.21 -17.16
N PRO A 405 22.79 34.78 -16.03
CA PRO A 405 23.67 35.67 -15.34
C PRO A 405 24.94 35.08 -14.75
N ASP A 406 25.87 35.97 -14.45
CA ASP A 406 27.15 35.51 -13.92
C ASP A 406 27.02 34.74 -12.59
N TRP A 407 26.08 35.12 -11.69
CA TRP A 407 25.91 34.40 -10.44
C TRP A 407 25.52 32.95 -10.65
N TRP A 408 24.73 32.72 -11.69
CA TRP A 408 24.22 31.42 -12.01
C TRP A 408 25.36 30.57 -12.57
N ASN A 409 26.06 31.12 -13.54
CA ASN A 409 27.15 30.37 -14.12
C ASN A 409 28.29 30.06 -13.17
N GLU A 410 28.57 30.98 -12.26
CA GLU A 410 29.60 30.74 -11.27
C GLU A 410 29.21 29.52 -10.37
N LYS A 411 27.96 29.45 -9.95
CA LYS A 411 27.54 28.29 -9.15
C LYS A 411 27.53 26.96 -9.93
N VAL A 412 27.10 26.95 -11.20
CA VAL A 412 27.12 25.80 -12.02
C VAL A 412 28.54 25.31 -12.19
N LYS A 413 29.38 26.26 -12.54
CA LYS A 413 30.81 25.88 -12.76
C LYS A 413 31.45 25.27 -11.51
N ASN A 414 31.21 25.90 -10.35
CA ASN A 414 31.78 25.40 -9.12
C ASN A 414 31.22 24.03 -8.72
N HIS A 415 29.94 23.80 -8.95
CA HIS A 415 29.38 22.44 -8.76
C HIS A 415 29.98 21.39 -9.70
N MET A 416 30.03 21.66 -10.99
CA MET A 416 30.60 20.77 -11.98
C MET A 416 32.07 20.47 -11.72
N MET A 417 32.82 21.45 -11.24
CA MET A 417 34.27 21.25 -10.92
CA MET A 417 34.24 21.17 -10.96
C MET A 417 34.50 20.50 -9.62
N GLN A 418 33.65 20.73 -8.63
CA GLN A 418 33.87 20.13 -7.33
C GLN A 418 33.22 18.72 -7.20
N HIS A 419 32.27 18.42 -8.10
CA HIS A 419 31.50 17.15 -8.05
C HIS A 419 31.43 16.58 -9.40
N GLN A 420 32.58 16.15 -9.90
CA GLN A 420 32.63 15.78 -11.30
C GLN A 420 31.98 14.44 -11.66
N GLU A 421 31.66 13.66 -10.65
CA GLU A 421 30.92 12.41 -10.79
C GLU A 421 29.42 12.65 -10.94
N ASP A 422 28.95 13.85 -10.60
CA ASP A 422 27.54 14.01 -10.45
C ASP A 422 27.02 14.34 -11.86
N PRO A 423 25.88 13.73 -12.32
CA PRO A 423 25.36 13.95 -13.67
C PRO A 423 24.49 15.21 -13.85
N LEU A 424 24.18 16.00 -12.80
CA LEU A 424 23.35 17.19 -12.93
C LEU A 424 24.16 18.44 -12.74
N PRO A 425 23.69 19.55 -13.34
CA PRO A 425 24.44 20.80 -13.27
C PRO A 425 24.01 21.72 -12.13
N ILE A 426 22.97 21.30 -11.42
CA ILE A 426 22.39 22.05 -10.31
C ILE A 426 23.18 21.80 -9.04
N PRO A 427 23.64 22.84 -8.35
CA PRO A 427 24.35 22.63 -7.06
C PRO A 427 23.49 21.87 -6.06
N PHE A 428 24.16 21.09 -5.20
CA PHE A 428 23.39 20.31 -4.23
C PHE A 428 22.59 21.17 -3.24
N GLU A 429 23.12 22.27 -2.81
CA GLU A 429 22.33 23.00 -1.83
C GLU A 429 21.57 24.17 -2.49
N ASP A 430 21.29 24.06 -3.79
CA ASP A 430 20.55 25.15 -4.48
C ASP A 430 19.15 25.20 -3.81
N PRO A 431 18.71 26.40 -3.38
CA PRO A 431 17.36 26.45 -2.83
C PRO A 431 16.25 26.14 -3.80
N GLU A 432 15.08 25.69 -3.25
CA GLU A 432 13.91 25.40 -4.05
C GLU A 432 13.28 26.60 -4.79
N PRO A 433 12.56 26.32 -5.87
CA PRO A 433 11.72 27.41 -6.40
C PRO A 433 10.67 27.85 -5.37
N GLN A 434 10.29 29.12 -5.51
CA GLN A 434 9.20 29.72 -4.81
C GLN A 434 8.38 30.58 -5.77
N VAL A 435 7.74 29.95 -6.73
CA VAL A 435 7.12 30.69 -7.86
C VAL A 435 5.58 30.79 -7.80
N THR A 436 4.99 31.93 -8.19
CA THR A 436 3.55 32.08 -8.29
C THR A 436 3.20 32.90 -9.52
N THR A 437 2.01 32.60 -10.03
CA THR A 437 1.17 33.55 -10.73
C THR A 437 -0.06 33.78 -9.87
N LEU A 438 -0.19 35.02 -9.37
CA LEU A 438 -1.26 35.35 -8.45
C LEU A 438 -2.64 35.26 -9.15
N PHE A 439 -3.66 34.99 -8.35
CA PHE A 439 -5.06 35.02 -8.72
C PHE A 439 -5.42 36.20 -9.62
N GLN A 440 -6.05 35.88 -10.77
CA GLN A 440 -6.67 36.88 -11.63
C GLN A 440 -7.99 36.43 -12.14
N PRO A 441 -8.78 37.37 -12.70
CA PRO A 441 -10.10 36.89 -13.19
C PRO A 441 -10.04 35.81 -14.23
N SER A 442 -9.04 35.84 -15.08
CA SER A 442 -8.87 34.81 -16.10
C SER A 442 -8.19 33.49 -15.64
N HIS A 443 -7.72 33.44 -14.40
CA HIS A 443 -7.21 32.25 -13.73
C HIS A 443 -7.45 32.46 -12.27
N PRO A 444 -8.69 32.23 -11.84
CA PRO A 444 -9.16 32.64 -10.50
C PRO A 444 -8.76 31.65 -9.40
N TRP A 445 -7.46 31.45 -9.28
CA TRP A 445 -6.85 30.52 -8.30
C TRP A 445 -5.52 31.02 -7.91
N HIS A 446 -5.11 30.75 -6.66
CA HIS A 446 -3.72 31.04 -6.25
C HIS A 446 -2.85 29.87 -6.64
N THR A 447 -1.56 30.12 -6.90
CA THR A 447 -0.63 29.07 -7.29
C THR A 447 0.66 29.18 -6.43
N GLN A 448 1.22 28.02 -6.08
CA GLN A 448 2.54 27.91 -5.45
C GLN A 448 3.26 26.74 -6.06
N ILE A 449 4.40 27.09 -6.65
CA ILE A 449 5.23 26.18 -7.44
C ILE A 449 6.64 26.15 -6.88
N GLY A 450 7.06 24.97 -6.44
CA GLY A 450 8.36 24.81 -5.85
C GLY A 450 8.55 23.57 -5.03
N ARG A 451 8.82 23.75 -3.76
CA ARG A 451 8.88 22.65 -2.83
C ARG A 451 8.29 23.06 -1.48
N ASP A 452 7.22 22.41 -1.09
CA ASP A 452 6.56 22.65 0.17
C ASP A 452 7.03 21.60 1.20
N ALA A 453 7.19 22.02 2.46
CA ALA A 453 7.59 21.08 3.54
C ALA A 453 6.46 20.15 3.89
N PHE A 454 5.20 20.48 3.54
CA PHE A 454 4.09 19.58 3.85
C PHE A 454 3.90 18.55 2.66
N SER A 455 4.73 17.53 2.65
CA SER A 455 4.59 16.45 1.76
C SER A 455 3.43 15.57 2.18
N TYR A 456 2.79 15.00 1.16
CA TYR A 456 1.53 14.24 1.39
C TYR A 456 1.60 12.72 1.36
N GLY A 457 2.62 12.23 0.72
CA GLY A 457 2.92 10.76 0.77
C GLY A 457 4.33 10.49 1.29
N ALA A 458 4.72 9.20 1.38
CA ALA A 458 6.13 8.89 1.74
C ALA A 458 7.09 9.59 0.75
N VAL A 459 8.19 10.18 1.24
CA VAL A 459 9.05 10.95 0.27
C VAL A 459 9.87 10.00 -0.59
N GLN A 460 9.61 10.03 -1.88
CA GLN A 460 10.37 9.16 -2.74
C GLN A 460 11.87 9.48 -2.71
N GLN A 461 12.68 8.46 -2.91
CA GLN A 461 14.05 8.62 -2.90
C GLN A 461 14.71 8.18 -4.21
N SER A 462 13.97 7.66 -5.18
CA SER A 462 14.61 7.12 -6.35
CA SER A 462 14.58 7.13 -6.40
C SER A 462 14.97 8.21 -7.40
N ILE A 463 14.17 9.29 -7.44
CA ILE A 463 14.45 10.41 -8.36
C ILE A 463 15.21 11.50 -7.62
N ASP A 464 16.31 12.01 -8.23
CA ASP A 464 17.02 13.09 -7.55
C ASP A 464 16.13 14.25 -7.17
N SER A 465 16.23 14.70 -5.93
CA SER A 465 15.36 15.75 -5.42
C SER A 465 15.50 17.10 -6.20
N ARG A 466 16.68 17.32 -6.78
CA ARG A 466 16.90 18.63 -7.53
C ARG A 466 16.00 18.68 -8.73
N LEU A 467 15.48 17.53 -9.23
CA LEU A 467 14.58 17.49 -10.41
C LEU A 467 13.09 17.78 -10.11
N ILE A 468 12.75 17.74 -8.84
CA ILE A 468 11.34 17.74 -8.43
CA ILE A 468 11.35 17.71 -8.43
C ILE A 468 10.81 19.12 -8.19
N VAL A 469 9.64 19.38 -8.73
CA VAL A 469 8.92 20.64 -8.54
C VAL A 469 7.51 20.31 -8.11
N ASP A 470 7.04 20.93 -7.04
CA ASP A 470 5.67 20.76 -6.53
C ASP A 470 4.80 21.84 -7.17
N TRP A 471 3.52 21.51 -7.31
CA TRP A 471 2.46 22.36 -7.85
C TRP A 471 1.29 22.30 -6.92
N ARG A 472 0.82 23.43 -6.40
CA ARG A 472 -0.39 23.52 -5.57
C ARG A 472 -1.19 24.72 -6.05
N PHE A 473 -2.43 24.48 -6.48
CA PHE A 473 -3.33 25.51 -6.94
C PHE A 473 -4.56 25.47 -6.02
N PHE A 474 -4.91 26.65 -5.57
CA PHE A 474 -5.98 26.90 -4.55
C PHE A 474 -7.13 27.71 -5.08
N GLY A 475 -8.30 27.11 -5.05
CA GLY A 475 -9.50 27.75 -5.56
C GLY A 475 -10.27 28.52 -4.52
N ARG A 476 -11.15 29.41 -4.97
CA ARG A 476 -11.98 30.21 -4.05
C ARG A 476 -13.33 29.55 -3.93
N THR A 477 -13.92 29.69 -2.75
CA THR A 477 -15.22 29.06 -2.45
C THR A 477 -16.32 30.07 -2.09
N GLU A 478 -17.40 30.07 -2.83
CA GLU A 478 -18.56 30.96 -2.57
C GLU A 478 -19.06 30.73 -1.12
N PRO A 479 -19.32 31.80 -0.38
CA PRO A 479 -19.96 31.63 0.95
C PRO A 479 -21.45 31.27 0.79
N LYS A 480 -21.90 30.16 1.42
CA LYS A 480 -23.28 29.71 1.33
C LYS A 480 -23.78 29.41 2.69
N GLU A 481 -25.00 29.87 3.02
CA GLU A 481 -25.52 29.78 4.39
CA GLU A 481 -25.58 29.77 4.37
C GLU A 481 -25.56 28.31 4.83
N GLU A 482 -25.81 27.40 3.89
CA GLU A 482 -25.88 26.01 4.28
C GLU A 482 -24.58 25.31 4.66
N ASN A 483 -23.47 25.89 4.30
CA ASN A 483 -22.13 25.36 4.70
C ASN A 483 -21.83 25.86 6.08
N LYS A 484 -21.71 24.90 7.02
CA LYS A 484 -21.69 25.20 8.42
C LYS A 484 -20.64 24.47 9.22
N LEU A 485 -20.20 25.13 10.28
CA LEU A 485 -19.46 24.52 11.39
C LEU A 485 -20.37 24.69 12.62
N TRP A 486 -20.75 23.60 13.24
CA TRP A 486 -21.60 23.64 14.41
C TRP A 486 -21.03 22.74 15.51
N PHE A 487 -21.55 22.79 16.70
CA PHE A 487 -20.98 22.10 17.83
C PHE A 487 -22.00 21.22 18.51
N SER A 488 -21.66 19.98 18.75
CA SER A 488 -22.57 19.03 19.40
C SER A 488 -23.03 19.51 20.80
N ASP A 489 -24.26 19.24 21.16
CA ASP A 489 -24.77 19.50 22.51
C ASP A 489 -24.54 18.30 23.45
N LYS A 490 -23.95 17.23 22.95
CA LYS A 490 -23.67 16.04 23.80
C LYS A 490 -22.22 15.58 23.73
N ILE A 491 -21.70 15.47 22.53
CA ILE A 491 -20.35 14.96 22.29
C ILE A 491 -19.33 16.11 22.61
N THR A 492 -18.25 15.71 23.27
CA THR A 492 -17.20 16.64 23.65
C THR A 492 -15.85 16.15 23.11
N ASP A 493 -14.95 17.11 22.99
CA ASP A 493 -13.58 16.92 22.49
C ASP A 493 -12.62 16.60 23.68
N ALA A 494 -11.35 16.54 23.33
CA ALA A 494 -10.37 16.19 24.32
C ALA A 494 -10.19 17.15 25.43
N TYR A 495 -10.73 18.37 25.33
CA TYR A 495 -10.67 19.37 26.40
C TYR A 495 -12.05 19.61 27.00
N ASN A 496 -12.93 18.66 26.73
CA ASN A 496 -14.29 18.67 27.35
C ASN A 496 -15.11 19.81 26.87
N MET A 497 -14.90 20.20 25.65
CA MET A 497 -15.59 21.33 25.02
C MET A 497 -16.49 20.75 23.96
N PRO A 498 -17.54 21.51 23.49
CA PRO A 498 -18.47 20.97 22.50
C PRO A 498 -17.79 20.51 21.23
N GLN A 499 -18.02 19.29 20.78
CA GLN A 499 -17.37 18.72 19.59
C GLN A 499 -17.71 19.41 18.28
N PRO A 500 -16.71 19.95 17.58
CA PRO A 500 -17.02 20.62 16.28
C PRO A 500 -17.45 19.53 15.24
N THR A 501 -18.40 19.95 14.37
CA THR A 501 -18.98 19.13 13.31
C THR A 501 -19.08 20.02 12.10
N PHE A 502 -18.73 19.48 10.95
CA PHE A 502 -18.89 20.22 9.67
C PHE A 502 -20.09 19.69 8.90
N ASP A 503 -20.80 20.58 8.20
CA ASP A 503 -21.78 20.25 7.17
C ASP A 503 -21.41 21.08 5.95
N PHE A 504 -20.57 20.48 5.07
CA PHE A 504 -19.89 21.23 4.02
C PHE A 504 -19.90 20.48 2.72
N ARG A 505 -20.22 21.14 1.61
CA ARG A 505 -19.85 20.67 0.28
C ARG A 505 -19.40 21.91 -0.54
N PHE A 506 -18.48 21.72 -1.47
CA PHE A 506 -18.17 22.79 -2.42
C PHE A 506 -19.44 23.16 -3.23
N PRO A 507 -19.80 24.45 -3.23
CA PRO A 507 -21.04 24.81 -3.91
C PRO A 507 -21.04 24.48 -5.40
N ALA A 508 -22.18 24.07 -5.92
CA ALA A 508 -22.38 23.87 -7.33
C ALA A 508 -22.25 25.28 -7.98
N GLY A 509 -22.04 25.27 -9.25
CA GLY A 509 -21.94 26.54 -9.98
C GLY A 509 -20.49 26.96 -10.03
N ARG A 510 -20.22 28.26 -9.83
CA ARG A 510 -18.90 28.82 -10.13
C ARG A 510 -17.78 28.14 -9.33
N THR A 511 -18.02 27.87 -8.06
CA THR A 511 -17.01 27.14 -7.24
C THR A 511 -16.51 25.84 -7.92
N SER A 512 -17.49 25.05 -8.32
CA SER A 512 -17.21 23.73 -8.80
C SER A 512 -16.58 23.85 -10.16
N LYS A 513 -17.15 24.67 -11.07
CA LYS A 513 -16.55 24.84 -12.37
C LYS A 513 -15.07 25.32 -12.31
N GLU A 514 -14.87 26.36 -11.50
CA GLU A 514 -13.51 26.86 -11.36
C GLU A 514 -12.57 25.78 -10.77
N ALA A 515 -13.05 24.96 -9.83
CA ALA A 515 -12.16 23.93 -9.24
C ALA A 515 -11.66 22.99 -10.31
N GLU A 516 -12.56 22.53 -11.19
CA GLU A 516 -12.13 21.62 -12.21
C GLU A 516 -11.28 22.33 -13.22
N ASP A 517 -11.68 23.54 -13.61
CA ASP A 517 -10.80 24.31 -14.50
C ASP A 517 -9.41 24.53 -13.96
N MET A 518 -9.31 24.75 -12.63
CA MET A 518 -8.03 24.85 -11.91
C MET A 518 -7.17 23.57 -12.09
N MET A 519 -7.77 22.42 -11.88
CA MET A 519 -7.13 21.11 -12.18
C MET A 519 -6.53 21.07 -13.58
N THR A 520 -7.36 21.36 -14.59
CA THR A 520 -6.88 21.34 -15.89
C THR A 520 -5.73 22.36 -16.06
N ASP A 521 -5.84 23.56 -15.50
CA ASP A 521 -4.77 24.52 -15.64
C ASP A 521 -3.46 24.01 -15.03
N MET A 522 -3.44 23.37 -13.87
CA MET A 522 -2.28 22.71 -13.33
C MET A 522 -1.68 21.68 -14.27
N CYS A 523 -2.50 20.84 -14.86
CA CYS A 523 -2.02 19.83 -15.80
C CYS A 523 -1.35 20.48 -17.02
N VAL A 524 -1.96 21.56 -17.56
CA VAL A 524 -1.39 22.24 -18.72
C VAL A 524 -0.09 23.00 -18.37
N MET A 525 -0.13 23.75 -17.22
CA MET A 525 1.04 24.52 -16.91
C MET A 525 2.23 23.69 -16.50
N SER A 526 2.00 22.70 -15.64
CA SER A 526 3.14 21.89 -15.09
C SER A 526 3.85 21.14 -16.22
N ALA A 527 3.13 20.79 -17.27
CA ALA A 527 3.69 20.10 -18.42
C ALA A 527 4.77 20.89 -19.17
N LYS A 528 4.75 22.23 -18.99
CA LYS A 528 5.78 23.12 -19.52
C LYS A 528 7.15 22.96 -18.84
N ILE A 529 7.13 22.44 -17.63
CA ILE A 529 8.33 22.16 -16.84
C ILE A 529 8.82 20.75 -16.88
N GLY A 530 7.87 19.77 -16.80
CA GLY A 530 8.21 18.37 -16.85
C GLY A 530 6.98 17.54 -16.66
N GLY A 531 7.18 16.25 -16.89
CA GLY A 531 6.06 15.31 -16.63
C GLY A 531 5.89 15.02 -15.18
N PHE A 532 4.73 14.41 -14.88
CA PHE A 532 4.40 14.10 -13.54
C PHE A 532 5.30 13.05 -12.93
N LEU A 533 5.60 13.22 -11.64
CA LEU A 533 6.29 12.25 -10.85
C LEU A 533 5.35 11.13 -10.44
N PRO A 534 5.65 9.89 -10.77
CA PRO A 534 4.84 8.76 -10.27
C PRO A 534 4.69 8.79 -8.81
N GLY A 535 3.48 8.61 -8.32
CA GLY A 535 3.19 8.74 -6.93
C GLY A 535 2.75 10.07 -6.43
N SER A 536 2.87 11.10 -7.30
CA SER A 536 2.42 12.45 -7.04
C SER A 536 1.67 12.99 -8.25
N LEU A 537 0.75 12.20 -8.73
CA LEU A 537 -0.03 12.50 -9.92
C LEU A 537 -1.10 13.56 -9.59
N PRO A 538 -1.65 14.25 -10.59
CA PRO A 538 -2.61 15.33 -10.34
C PRO A 538 -3.84 14.83 -9.58
N GLN A 539 -4.16 15.55 -8.50
CA GLN A 539 -5.20 15.11 -7.60
C GLN A 539 -5.76 16.26 -6.81
N PHE A 540 -7.03 16.09 -6.41
CA PHE A 540 -7.62 16.95 -5.37
C PHE A 540 -7.17 16.45 -4.01
N MET A 541 -6.88 17.37 -3.11
CA MET A 541 -6.48 17.00 -1.69
C MET A 541 -7.82 16.91 -0.87
N GLU A 542 -7.74 16.20 0.23
CA GLU A 542 -8.86 16.10 1.15
C GLU A 542 -9.39 17.47 1.50
N PRO A 543 -10.72 17.60 1.59
CA PRO A 543 -11.31 18.91 1.89
C PRO A 543 -10.82 19.46 3.25
N GLY A 544 -10.29 20.67 3.22
CA GLY A 544 -9.72 21.30 4.38
C GLY A 544 -8.31 21.03 4.74
N LEU A 545 -7.65 20.12 3.99
CA LEU A 545 -6.22 19.88 4.26
C LEU A 545 -5.38 21.11 4.16
N CYS A 546 -5.80 22.00 3.30
CA CYS A 546 -5.10 23.30 3.07
C CYS A 546 -5.19 24.28 4.25
N LEU A 547 -6.16 24.12 5.14
CA LEU A 547 -6.19 24.92 6.41
C LEU A 547 -6.35 26.41 6.12
N HIS A 548 -7.25 26.73 5.20
CA HIS A 548 -7.61 28.14 4.82
C HIS A 548 -9.06 28.44 5.11
N LEU A 549 -9.61 27.74 6.08
CA LEU A 549 -10.98 27.98 6.56
C LEU A 549 -11.27 29.45 6.93
N GLY A 550 -12.33 30.00 6.34
CA GLY A 550 -12.77 31.29 6.70
C GLY A 550 -14.25 31.35 6.91
N GLY A 551 -14.68 32.54 7.35
CA GLY A 551 -16.10 32.98 7.44
C GLY A 551 -16.90 32.36 8.58
N THR A 552 -16.22 31.66 9.51
CA THR A 552 -16.93 31.01 10.62
C THR A 552 -17.44 32.09 11.65
N HIS A 553 -16.92 33.32 11.63
CA HIS A 553 -17.48 34.45 12.49
C HIS A 553 -17.30 35.74 11.72
N ARG A 554 -17.95 35.72 10.54
CA ARG A 554 -17.60 36.64 9.48
C ARG A 554 -17.93 38.09 9.74
N MET A 555 -17.13 38.95 9.08
CA MET A 555 -17.24 40.40 9.12
C MET A 555 -18.20 40.94 8.08
N GLY A 556 -18.89 42.00 8.46
CA GLY A 556 -19.56 42.87 7.47
C GLY A 556 -20.01 44.14 8.12
N PHE A 557 -20.70 44.99 7.35
CA PHE A 557 -21.12 46.28 7.90
C PHE A 557 -22.37 46.22 8.79
N ASP A 558 -23.31 45.38 8.40
CA ASP A 558 -24.57 45.31 9.11
C ASP A 558 -24.93 43.86 9.42
N GLU A 559 -25.13 43.61 10.70
CA GLU A 559 -25.42 42.22 11.15
C GLU A 559 -26.41 41.45 10.29
N LYS A 560 -27.59 42.04 10.05
CA LYS A 560 -28.63 41.40 9.29
C LYS A 560 -28.39 41.48 7.81
N GLU A 561 -28.10 42.63 7.23
CA GLU A 561 -28.05 42.75 5.79
C GLU A 561 -26.85 41.97 5.20
N ASP A 562 -25.74 41.86 5.95
CA ASP A 562 -24.54 41.19 5.49
C ASP A 562 -24.30 39.83 6.17
N ASN A 563 -25.29 39.34 6.90
CA ASN A 563 -25.28 38.01 7.48
C ASN A 563 -23.93 37.72 8.17
N CYS A 564 -23.66 38.53 9.20
CA CYS A 564 -22.34 38.54 9.78
C CYS A 564 -22.34 38.67 11.31
N CYS A 565 -21.14 38.61 11.90
CA CYS A 565 -20.93 38.48 13.30
C CYS A 565 -20.16 39.61 13.97
N VAL A 566 -19.22 40.19 13.19
CA VAL A 566 -18.41 41.30 13.66
C VAL A 566 -18.49 42.41 12.62
N ASN A 567 -18.36 43.63 13.09
CA ASN A 567 -18.25 44.78 12.17
C ASN A 567 -16.81 45.02 11.67
N THR A 568 -16.56 46.13 10.97
CA THR A 568 -15.22 46.34 10.44
C THR A 568 -14.14 46.76 11.46
N ASP A 569 -14.52 46.97 12.71
CA ASP A 569 -13.60 47.08 13.81
C ASP A 569 -13.31 45.67 14.45
N SER A 570 -13.95 44.62 13.87
CA SER A 570 -13.89 43.24 14.42
C SER A 570 -14.61 43.10 15.73
N ARG A 571 -15.48 44.04 16.06
CA ARG A 571 -16.20 44.03 17.27
C ARG A 571 -17.49 43.21 17.08
N VAL A 572 -17.79 42.33 18.02
CA VAL A 572 -19.03 41.52 18.05
C VAL A 572 -20.24 42.47 18.17
N PHE A 573 -21.19 42.36 17.25
CA PHE A 573 -22.37 43.20 17.27
C PHE A 573 -23.03 43.15 18.64
N GLY A 574 -23.37 44.31 19.14
CA GLY A 574 -24.10 44.39 20.38
C GLY A 574 -23.26 44.41 21.65
N PHE A 575 -21.95 44.03 21.52
CA PHE A 575 -21.09 43.95 22.65
C PHE A 575 -20.01 45.04 22.67
N LYS A 576 -19.88 45.72 23.77
CA LYS A 576 -19.02 46.91 23.80
C LYS A 576 -17.51 46.50 23.67
N ASN A 577 -17.15 45.34 24.22
CA ASN A 577 -15.78 45.09 24.66
C ASN A 577 -15.29 43.68 24.21
N LEU A 578 -15.92 43.10 23.21
CA LEU A 578 -15.57 41.77 22.65
C LEU A 578 -15.21 41.84 21.24
N PHE A 579 -13.97 41.40 20.91
CA PHE A 579 -13.40 41.44 19.55
C PHE A 579 -12.92 40.07 19.15
N LEU A 580 -13.11 39.81 17.89
CA LEU A 580 -12.59 38.55 17.25
C LEU A 580 -11.51 38.84 16.22
N GLY A 581 -10.44 38.05 16.19
CA GLY A 581 -9.41 38.16 15.15
C GLY A 581 -9.22 36.83 14.51
N GLY A 582 -8.89 36.85 13.22
CA GLY A 582 -8.53 35.66 12.46
C GLY A 582 -9.21 35.52 11.17
N CYS A 583 -8.87 34.40 10.56
CA CYS A 583 -9.40 34.06 9.18
C CYS A 583 -10.94 33.84 9.24
N GLY A 584 -11.49 33.50 10.41
CA GLY A 584 -12.97 33.34 10.55
C GLY A 584 -13.72 34.66 10.32
N ASN A 585 -12.98 35.81 10.34
CA ASN A 585 -13.56 37.11 10.01
C ASN A 585 -13.81 37.27 8.51
N ILE A 586 -13.01 36.60 7.66
CA ILE A 586 -13.02 36.89 6.22
C ILE A 586 -14.30 36.37 5.57
N PRO A 587 -15.16 37.22 4.98
CA PRO A 587 -16.51 36.81 4.53
C PRO A 587 -16.61 36.49 3.04
N THR A 588 -15.48 36.62 2.30
CA THR A 588 -15.51 36.48 0.85
C THR A 588 -14.96 35.15 0.39
N ALA A 589 -15.08 34.90 -0.90
CA ALA A 589 -14.44 33.76 -1.56
C ALA A 589 -13.06 34.19 -2.03
N TYR A 590 -12.07 33.52 -1.45
CA TYR A 590 -10.62 33.85 -1.68
C TYR A 590 -9.83 32.61 -1.98
N GLY A 591 -8.86 32.76 -2.87
CA GLY A 591 -8.00 31.66 -3.27
C GLY A 591 -6.61 31.74 -2.63
N ALA A 592 -6.11 32.99 -2.43
CA ALA A 592 -4.82 33.27 -1.85
C ALA A 592 -4.79 32.96 -0.34
N ASN A 593 -3.58 32.81 0.17
CA ASN A 593 -3.38 32.45 1.59
C ASN A 593 -3.87 33.59 2.46
N PRO A 594 -4.70 33.25 3.47
CA PRO A 594 -5.45 34.34 4.21
C PRO A 594 -4.80 35.06 5.35
N THR A 595 -3.70 34.57 5.92
CA THR A 595 -3.23 35.12 7.20
C THR A 595 -2.88 36.65 7.12
N LEU A 596 -2.25 37.09 6.03
CA LEU A 596 -1.89 38.52 5.89
C LEU A 596 -3.17 39.41 5.94
N THR A 597 -4.20 38.97 5.33
CA THR A 597 -5.46 39.66 5.31
C THR A 597 -6.03 39.70 6.75
N ALA A 598 -6.04 38.54 7.47
CA ALA A 598 -6.50 38.59 8.87
C ALA A 598 -5.72 39.48 9.69
N MET A 599 -4.39 39.58 9.53
CA MET A 599 -3.53 40.45 10.31
C MET A 599 -3.92 41.91 10.04
N SER A 600 -4.21 42.24 8.78
CA SER A 600 -4.64 43.57 8.35
C SER A 600 -5.87 43.99 9.09
N LEU A 601 -6.85 43.08 9.20
CA LEU A 601 -8.05 43.40 9.90
C LEU A 601 -7.78 43.58 11.41
N ALA A 602 -6.90 42.81 12.05
CA ALA A 602 -6.56 42.94 13.45
C ALA A 602 -5.91 44.26 13.75
N ILE A 603 -5.07 44.75 12.78
CA ILE A 603 -4.49 46.07 12.91
C ILE A 603 -5.58 47.17 13.02
N LYS A 604 -6.52 47.09 12.13
CA LYS A 604 -7.67 48.03 12.16
C LYS A 604 -8.46 47.91 13.44
N SER A 605 -8.63 46.73 13.96
CA SER A 605 -9.35 46.51 15.19
C SER A 605 -8.65 47.20 16.35
N CYS A 606 -7.32 47.11 16.41
CA CYS A 606 -6.59 47.69 17.48
C CYS A 606 -6.73 49.25 17.43
N GLU A 607 -6.92 49.84 16.26
CA GLU A 607 -7.09 51.26 16.16
C GLU A 607 -8.40 51.67 16.88
N TYR A 608 -9.45 50.86 16.78
CA TYR A 608 -10.65 51.12 17.51
C TYR A 608 -10.48 50.98 18.99
N ILE A 609 -9.85 49.90 19.42
CA ILE A 609 -9.53 49.66 20.84
C ILE A 609 -8.81 50.81 21.49
N LYS A 610 -7.78 51.28 20.80
CA LYS A 610 -6.94 52.36 21.33
C LYS A 610 -7.70 53.68 21.50
N GLN A 611 -8.68 53.91 20.61
CA GLN A 611 -9.54 55.15 20.68
C GLN A 611 -10.62 55.03 21.68
N ASN A 612 -11.02 53.84 22.10
CA ASN A 612 -12.24 53.66 22.91
C ASN A 612 -12.03 53.07 24.34
N PHE A 613 -10.78 52.79 24.71
CA PHE A 613 -10.41 52.28 26.02
C PHE A 613 -9.10 52.92 26.47
N THR A 614 -9.01 53.25 27.73
CA THR A 614 -7.80 53.89 28.21
C THR A 614 -6.99 52.85 29.01
N PRO A 615 -5.66 52.84 28.89
CA PRO A 615 -4.89 51.95 29.76
C PRO A 615 -4.96 52.38 31.15
N SER A 616 -4.85 51.42 32.06
CA SER A 616 -4.74 51.61 33.48
C SER A 616 -3.36 52.22 33.79
N PRO A 617 -3.28 53.01 34.87
CA PRO A 617 -1.94 53.52 35.30
C PRO A 617 -0.92 52.38 35.58
N PHE A 618 0.34 52.61 35.18
CA PHE A 618 1.39 51.57 35.25
C PHE A 618 1.73 51.07 36.68
N MET B 43 31.93 32.84 25.63
CA MET B 43 32.90 31.71 25.40
CA MET B 43 32.90 31.69 25.41
C MET B 43 34.35 31.99 25.82
N ASP B 44 34.87 31.14 26.72
CA ASP B 44 36.30 31.16 27.10
C ASP B 44 37.16 30.31 26.20
N ILE B 45 38.44 30.60 26.26
CA ILE B 45 39.39 29.77 25.53
C ILE B 45 39.65 28.48 26.34
N LYS B 46 39.47 28.54 27.71
CA LYS B 46 39.98 27.48 28.70
C LYS B 46 38.92 27.12 29.75
N TYR B 47 38.72 25.82 29.89
CA TYR B 47 37.77 25.25 30.86
C TYR B 47 38.52 24.14 31.63
N ASP B 48 37.97 23.74 32.78
CA ASP B 48 38.48 22.51 33.45
C ASP B 48 38.07 21.27 32.67
N VAL B 49 36.78 21.18 32.33
CA VAL B 49 36.22 20.04 31.63
C VAL B 49 35.42 20.52 30.43
N VAL B 50 35.62 19.91 29.29
CA VAL B 50 34.73 20.06 28.13
CA VAL B 50 34.73 20.05 28.13
C VAL B 50 34.00 18.73 27.85
N ILE B 51 32.70 18.81 27.64
CA ILE B 51 31.81 17.73 27.35
C ILE B 51 31.20 17.90 25.93
N VAL B 52 31.40 16.96 25.05
CA VAL B 52 30.80 16.92 23.70
C VAL B 52 29.48 16.14 23.79
N GLY B 53 28.36 16.82 23.70
CA GLY B 53 27.00 16.17 23.69
C GLY B 53 26.27 16.51 24.95
N SER B 54 24.97 16.78 24.81
CA SER B 54 24.10 17.22 25.87
C SER B 54 22.98 16.21 26.09
N GLY B 55 23.19 14.95 25.65
CA GLY B 55 22.24 13.91 26.00
C GLY B 55 22.35 13.50 27.46
N PRO B 56 21.65 12.43 27.87
CA PRO B 56 21.64 12.11 29.30
C PRO B 56 22.95 11.65 29.86
N ILE B 57 23.82 11.13 29.00
CA ILE B 57 25.18 10.74 29.47
C ILE B 57 26.12 11.91 29.59
N GLY B 58 26.12 12.83 28.68
CA GLY B 58 26.84 14.08 28.94
C GLY B 58 26.29 14.85 30.10
N CYS B 59 24.99 14.78 30.36
CA CYS B 59 24.43 15.41 31.51
C CYS B 59 24.75 14.74 32.86
N THR B 60 25.10 13.47 32.80
CA THR B 60 25.60 12.74 33.95
C THR B 60 26.95 13.30 34.33
N TYR B 61 27.87 13.45 33.38
CA TYR B 61 29.12 14.08 33.59
C TYR B 61 28.96 15.46 34.13
N ALA B 62 28.06 16.26 33.54
CA ALA B 62 27.80 17.67 34.02
C ALA B 62 27.29 17.69 35.41
N ARG B 63 26.35 16.83 35.77
CA ARG B 63 25.79 16.83 37.10
C ARG B 63 26.92 16.53 38.10
N GLU B 64 27.70 15.50 37.86
CA GLU B 64 28.78 15.09 38.79
C GLU B 64 29.81 16.19 38.90
N LEU B 65 30.27 16.70 37.77
CA LEU B 65 31.50 17.52 37.74
C LEU B 65 31.19 18.98 38.06
N VAL B 66 30.07 19.51 37.56
CA VAL B 66 29.64 20.87 37.88
C VAL B 66 29.42 20.84 39.42
N GLY B 67 28.74 19.82 39.94
CA GLY B 67 28.59 19.74 41.39
C GLY B 67 29.80 19.68 42.25
N ALA B 68 30.89 19.11 41.73
CA ALA B 68 32.16 18.97 42.39
C ALA B 68 33.02 20.21 42.16
N GLY B 69 32.47 21.24 41.57
CA GLY B 69 33.19 22.51 41.45
C GLY B 69 34.08 22.77 40.27
N TYR B 70 34.01 21.88 39.28
CA TYR B 70 34.77 22.09 38.04
C TYR B 70 34.13 23.17 37.17
N LYS B 71 35.00 23.92 36.48
CA LYS B 71 34.55 24.83 35.39
C LYS B 71 34.24 24.05 34.11
N VAL B 72 32.98 23.86 33.75
CA VAL B 72 32.56 22.96 32.67
C VAL B 72 31.95 23.72 31.54
N ALA B 73 32.37 23.37 30.34
CA ALA B 73 31.69 23.69 29.06
C ALA B 73 31.15 22.41 28.43
N MET B 74 29.96 22.57 27.88
CA MET B 74 29.31 21.56 27.07
C MET B 74 28.90 22.12 25.75
N PHE B 75 29.19 21.35 24.70
CA PHE B 75 28.86 21.72 23.31
C PHE B 75 27.87 20.72 22.73
N ASP B 76 26.84 21.19 22.02
CA ASP B 76 26.05 20.26 21.27
C ASP B 76 25.85 20.81 19.88
N ILE B 77 25.88 19.92 18.92
CA ILE B 77 25.70 20.28 17.53
C ILE B 77 24.23 20.73 17.27
N GLY B 78 23.34 20.28 18.08
CA GLY B 78 21.88 20.65 17.88
C GLY B 78 21.50 21.80 18.78
N GLU B 79 20.20 22.12 18.80
CA GLU B 79 19.70 23.35 19.43
C GLU B 79 18.70 23.06 20.49
N ILE B 80 18.37 24.12 21.21
CA ILE B 80 17.37 24.05 22.26
C ILE B 80 16.02 24.08 21.58
N ASP B 81 15.25 23.03 21.79
CA ASP B 81 13.93 22.96 21.21
C ASP B 81 12.99 21.95 22.02
N SER B 82 13.05 21.95 23.33
CA SER B 82 12.02 21.35 24.22
C SER B 82 11.20 22.36 25.06
N GLY B 83 11.18 23.65 24.75
CA GLY B 83 10.62 24.60 25.69
C GLY B 83 11.62 25.23 26.69
N LEU B 84 11.08 25.84 27.73
CA LEU B 84 11.92 26.56 28.70
C LEU B 84 12.71 25.60 29.59
N LYS B 85 12.32 24.33 29.68
CA LYS B 85 13.17 23.38 30.43
C LYS B 85 14.11 22.77 29.41
N ILE B 86 15.37 23.21 29.48
CA ILE B 86 16.37 22.87 28.44
C ILE B 86 16.65 21.37 28.46
N GLY B 87 16.49 20.69 27.31
CA GLY B 87 16.81 19.25 27.16
C GLY B 87 15.72 18.35 27.70
N ALA B 88 14.53 18.92 27.94
CA ALA B 88 13.42 18.15 28.52
C ALA B 88 12.70 17.22 27.53
N HIS B 89 11.84 16.34 28.05
CA HIS B 89 11.12 15.36 27.23
C HIS B 89 10.03 16.08 26.44
N LYS B 90 10.03 15.95 25.14
CA LYS B 90 9.06 16.55 24.25
CA LYS B 90 9.06 16.55 24.23
C LYS B 90 7.64 16.00 24.38
N LYS B 91 7.48 14.85 25.03
CA LYS B 91 6.17 14.25 25.31
C LYS B 91 5.51 14.90 26.47
N ASN B 92 6.20 15.70 27.24
CA ASN B 92 5.62 16.36 28.49
C ASN B 92 4.72 17.60 28.17
N THR B 93 3.89 17.48 27.13
CA THR B 93 2.89 18.48 26.93
C THR B 93 1.54 17.88 27.17
N VAL B 94 0.60 18.71 27.62
CA VAL B 94 -0.78 18.25 27.81
C VAL B 94 -1.35 17.75 26.47
N GLU B 95 -1.09 18.48 25.37
CA GLU B 95 -1.55 18.09 24.07
C GLU B 95 -1.06 16.74 23.61
N TYR B 96 0.22 16.40 23.72
CA TYR B 96 0.75 15.13 23.35
C TYR B 96 0.19 14.00 24.20
N GLN B 97 -0.10 14.22 25.46
CA GLN B 97 -0.62 13.14 26.29
C GLN B 97 -2.11 12.94 26.08
N LYS B 98 -2.82 13.94 25.54
CA LYS B 98 -4.19 13.81 25.10
C LYS B 98 -4.30 13.25 23.71
N ASN B 99 -3.22 13.31 22.91
CA ASN B 99 -3.26 12.89 21.53
C ASN B 99 -2.06 11.94 21.32
N ILE B 100 -1.93 10.87 22.17
CA ILE B 100 -0.57 10.18 22.20
C ILE B 100 -0.23 9.47 20.83
N ASP B 101 -1.25 9.15 19.99
CA ASP B 101 -0.98 8.69 18.60
C ASP B 101 -0.18 9.68 17.72
N LYS B 102 -0.07 10.90 18.17
CA LYS B 102 0.69 11.91 17.42
C LYS B 102 2.20 11.96 17.70
N PHE B 103 2.65 11.49 18.87
CA PHE B 103 4.07 11.65 19.24
C PHE B 103 5.01 10.88 18.34
N VAL B 104 4.57 9.86 17.62
CA VAL B 104 5.45 9.14 16.64
C VAL B 104 6.09 10.13 15.67
N ASN B 105 5.31 11.17 15.34
CA ASN B 105 5.82 12.22 14.41
C ASN B 105 6.96 12.98 14.95
N VAL B 106 6.97 13.22 16.27
CA VAL B 106 8.05 13.93 16.87
C VAL B 106 9.30 13.03 16.79
N ILE B 107 9.18 11.74 17.12
CA ILE B 107 10.29 10.82 17.05
C ILE B 107 10.86 10.76 15.63
N GLN B 108 9.95 10.64 14.65
CA GLN B 108 10.38 10.51 13.23
C GLN B 108 11.05 11.75 12.71
N GLY B 109 10.55 12.88 13.20
CA GLY B 109 11.13 14.17 12.88
C GLY B 109 12.56 14.38 13.24
N GLN B 110 13.09 13.66 14.23
CA GLN B 110 14.40 13.91 14.73
C GLN B 110 15.23 12.59 14.77
N LEU B 111 14.88 11.65 13.93
CA LEU B 111 15.68 10.42 13.66
C LEU B 111 16.20 10.50 12.25
N MET B 112 17.45 10.90 12.05
CA MET B 112 18.11 11.00 10.81
C MET B 112 18.91 9.72 10.55
N SER B 113 18.61 8.99 9.46
CA SER B 113 19.22 7.67 9.14
C SER B 113 20.74 7.84 9.07
N VAL B 114 21.40 6.90 9.73
CA VAL B 114 22.88 6.94 9.74
C VAL B 114 23.51 6.60 8.38
N SER B 115 23.09 5.56 7.73
CA SER B 115 23.72 5.14 6.45
C SER B 115 22.63 4.59 5.55
N VAL B 116 22.37 5.25 4.44
CA VAL B 116 21.33 4.88 3.46
C VAL B 116 22.05 4.44 2.25
N PRO B 117 21.90 3.18 1.82
CA PRO B 117 22.57 2.71 0.59
C PRO B 117 21.98 3.41 -0.67
N VAL B 118 22.79 3.38 -1.72
CA VAL B 118 22.33 3.95 -3.01
C VAL B 118 21.05 3.18 -3.42
N ASN B 119 20.08 3.98 -3.84
CA ASN B 119 18.75 3.54 -4.16
C ASN B 119 18.71 2.95 -5.60
N THR B 120 18.15 1.75 -5.75
CA THR B 120 18.07 1.02 -7.01
C THR B 120 16.58 0.68 -7.41
N LEU B 121 15.60 1.41 -6.87
CA LEU B 121 14.22 1.26 -7.31
C LEU B 121 14.08 1.67 -8.74
N VAL B 122 13.30 0.91 -9.50
CA VAL B 122 13.06 1.12 -10.91
C VAL B 122 11.81 1.95 -11.09
N VAL B 123 11.99 3.12 -11.57
CA VAL B 123 10.83 3.94 -11.95
C VAL B 123 10.82 4.09 -13.48
N ASP B 124 9.97 3.37 -14.17
CA ASP B 124 9.88 3.32 -15.61
C ASP B 124 8.59 3.88 -16.20
N THR B 125 7.86 4.69 -15.44
CA THR B 125 6.68 5.37 -15.87
C THR B 125 6.82 6.91 -15.86
N LEU B 126 8.05 7.43 -15.94
CA LEU B 126 8.28 8.86 -16.18
C LEU B 126 7.77 9.19 -17.58
N SER B 127 7.39 10.45 -17.81
CA SER B 127 7.14 10.90 -19.11
C SER B 127 8.48 10.90 -19.90
N PRO B 128 8.39 10.63 -21.19
CA PRO B 128 9.60 10.73 -22.01
C PRO B 128 10.27 12.12 -22.07
N THR B 129 9.56 13.20 -21.76
CA THR B 129 10.22 14.55 -21.63
C THR B 129 11.04 14.81 -20.38
N SER B 130 10.84 14.00 -19.33
CA SER B 130 11.50 14.21 -18.07
C SER B 130 12.97 13.67 -18.13
N TRP B 131 13.89 14.42 -17.52
CA TRP B 131 15.29 14.02 -17.34
C TRP B 131 15.34 12.73 -16.59
N GLN B 132 16.09 11.78 -17.19
CA GLN B 132 16.26 10.54 -16.48
CA GLN B 132 16.08 10.32 -16.78
CA GLN B 132 16.13 10.39 -16.66
C GLN B 132 17.55 9.90 -16.58
N ALA B 133 17.74 9.10 -15.49
CA ALA B 133 19.04 8.66 -15.15
C ALA B 133 19.41 7.56 -16.02
N SER B 134 20.73 7.44 -16.37
CA SER B 134 21.14 6.15 -17.04
C SER B 134 21.66 5.12 -16.10
N THR B 135 22.00 5.57 -14.92
CA THR B 135 22.52 4.75 -13.83
C THR B 135 21.85 5.11 -12.51
N PHE B 136 21.99 4.18 -11.54
CA PHE B 136 21.63 4.41 -10.18
C PHE B 136 22.78 5.14 -9.44
N PHE B 137 22.90 6.46 -9.76
CA PHE B 137 23.99 7.30 -9.29
C PHE B 137 23.78 7.79 -7.86
N VAL B 138 24.86 8.31 -7.26
CA VAL B 138 24.76 8.74 -5.87
C VAL B 138 23.90 9.99 -5.72
N ARG B 139 22.73 9.88 -5.07
CA ARG B 139 21.57 10.77 -5.09
C ARG B 139 21.13 10.95 -3.64
N ASN B 140 20.55 12.09 -3.32
CA ASN B 140 19.77 12.29 -2.14
C ASN B 140 20.52 11.98 -0.84
N GLY B 141 21.84 12.22 -0.83
CA GLY B 141 22.56 11.95 0.40
C GLY B 141 22.88 10.52 0.77
N SER B 142 22.72 9.65 -0.19
CA SER B 142 23.02 8.26 -0.02
C SER B 142 24.51 7.95 0.02
N ASN B 143 24.80 6.83 0.66
CA ASN B 143 26.17 6.42 0.93
C ASN B 143 26.62 5.30 0.00
N PRO B 144 27.47 5.56 -0.98
CA PRO B 144 27.89 4.52 -1.95
C PRO B 144 28.82 3.47 -1.33
N GLU B 145 29.33 3.71 -0.11
CA GLU B 145 30.11 2.72 0.62
C GLU B 145 29.30 1.55 1.15
N GLN B 146 28.00 1.81 1.35
CA GLN B 146 27.17 0.86 2.10
C GLN B 146 26.66 -0.33 1.29
N ASP B 147 26.97 -1.54 1.75
CA ASP B 147 26.36 -2.74 1.22
C ASP B 147 24.91 -2.73 1.82
N PRO B 148 23.88 -2.68 0.99
CA PRO B 148 22.52 -2.68 1.51
C PRO B 148 22.15 -3.90 2.30
N LEU B 149 22.85 -5.01 2.04
CA LEU B 149 22.58 -6.36 2.64
C LEU B 149 23.42 -6.60 3.91
N ARG B 150 24.27 -5.63 4.33
CA ARG B 150 25.01 -5.79 5.60
C ARG B 150 24.91 -4.51 6.40
N ASN B 151 23.72 -3.92 6.46
CA ASN B 151 23.47 -2.64 7.08
C ASN B 151 22.72 -2.75 8.39
N LEU B 152 22.76 -1.68 9.20
CA LEU B 152 21.73 -1.42 10.19
C LEU B 152 20.81 -0.28 9.64
N SER B 153 19.93 -0.62 8.74
CA SER B 153 19.12 0.39 8.04
C SER B 153 18.32 1.26 8.97
N GLY B 154 17.93 0.69 10.09
CA GLY B 154 17.18 1.42 11.09
C GLY B 154 17.90 2.40 11.93
N GLN B 155 19.21 2.19 12.02
CA GLN B 155 20.00 3.10 12.84
C GLN B 155 19.86 4.55 12.43
N ALA B 156 19.72 5.45 13.42
CA ALA B 156 19.46 6.84 13.16
C ALA B 156 19.99 7.62 14.37
N VAL B 157 20.25 8.91 14.16
CA VAL B 157 20.81 9.80 15.17
C VAL B 157 19.90 11.04 15.31
N THR B 158 19.95 11.64 16.46
CA THR B 158 19.20 12.80 16.93
C THR B 158 20.11 13.93 17.29
N ARG B 159 20.00 15.07 16.65
CA ARG B 159 20.84 16.27 16.92
C ARG B 159 19.97 17.37 17.46
N VAL B 160 19.83 17.41 18.75
CA VAL B 160 18.97 18.38 19.51
C VAL B 160 19.49 18.37 20.91
N VAL B 161 19.41 19.52 21.62
CA VAL B 161 19.81 19.61 23.04
C VAL B 161 19.01 18.58 23.87
N GLY B 162 19.72 17.76 24.70
CA GLY B 162 19.12 16.59 25.32
C GLY B 162 19.21 15.33 24.60
N GLY B 163 19.66 15.37 23.36
CA GLY B 163 19.76 14.18 22.49
C GLY B 163 18.46 13.36 22.32
N MET B 164 18.66 12.07 22.36
CA MET B 164 17.53 11.09 22.22
C MET B 164 16.61 11.08 23.42
N SER B 165 17.11 11.55 24.54
CA SER B 165 16.27 11.68 25.77
C SER B 165 15.19 12.74 25.74
N THR B 166 15.13 13.50 24.64
CA THR B 166 13.97 14.34 24.38
C THR B 166 12.78 13.56 23.78
N HIS B 167 12.96 12.28 23.40
CA HIS B 167 11.90 11.50 22.82
C HIS B 167 11.79 10.04 23.31
N TRP B 168 12.71 9.61 24.15
CA TRP B 168 12.81 8.11 24.48
C TRP B 168 11.62 7.62 25.27
N THR B 169 11.54 6.30 25.38
CA THR B 169 10.46 5.62 26.13
C THR B 169 10.61 5.65 27.63
N CYS B 170 11.81 5.91 28.11
CA CYS B 170 12.15 6.05 29.53
C CYS B 170 12.20 4.70 30.36
N ALA B 171 12.35 3.62 29.61
CA ALA B 171 12.49 2.26 30.24
C ALA B 171 13.97 2.20 30.74
N THR B 172 14.16 1.90 32.01
CA THR B 172 15.47 1.90 32.68
C THR B 172 15.63 0.63 33.56
N PRO B 173 15.71 -0.54 32.93
CA PRO B 173 15.96 -1.79 33.71
C PRO B 173 17.45 -1.86 34.03
N ARG B 174 17.81 -2.53 35.14
CA ARG B 174 19.18 -2.97 35.35
C ARG B 174 19.48 -4.19 34.55
N PHE B 175 20.73 -4.35 34.18
CA PHE B 175 21.18 -5.60 33.64
C PHE B 175 21.45 -6.55 34.79
N ASP B 176 21.07 -7.81 34.57
CA ASP B 176 21.55 -8.89 35.46
C ASP B 176 22.96 -9.31 35.04
N ARG B 177 23.58 -10.13 35.88
CA ARG B 177 25.01 -10.39 35.76
C ARG B 177 25.31 -10.88 34.33
N GLU B 178 24.43 -11.71 33.75
CA GLU B 178 24.70 -12.31 32.47
C GLU B 178 24.80 -11.34 31.29
N GLN B 179 24.20 -10.19 31.49
CA GLN B 179 24.22 -9.12 30.48
C GLN B 179 25.32 -8.03 30.72
N ARG B 180 25.94 -8.05 31.88
CA ARG B 180 26.57 -6.84 32.41
C ARG B 180 28.12 -6.96 32.32
N PRO B 181 28.84 -5.85 31.98
CA PRO B 181 30.26 -6.11 32.02
C PRO B 181 30.78 -6.13 33.48
N LEU B 182 31.94 -6.64 33.65
CA LEU B 182 32.60 -6.72 34.88
C LEU B 182 33.27 -5.40 35.20
N LEU B 183 33.05 -5.01 36.45
CA LEU B 183 33.84 -3.90 37.04
C LEU B 183 34.93 -4.33 38.03
N VAL B 184 34.73 -5.43 38.72
CA VAL B 184 35.71 -6.05 39.63
C VAL B 184 35.83 -7.54 39.08
N LYS B 185 37.02 -7.98 38.66
CA LYS B 185 37.20 -9.44 38.37
C LYS B 185 37.58 -10.23 39.64
N ASP B 186 37.19 -11.50 39.61
CA ASP B 186 37.53 -12.45 40.61
C ASP B 186 36.95 -12.08 41.94
N ASP B 187 36.02 -11.10 41.98
CA ASP B 187 35.25 -10.94 43.21
C ASP B 187 33.84 -10.51 42.89
N ALA B 188 32.96 -11.50 42.72
CA ALA B 188 31.63 -11.21 42.30
C ALA B 188 30.78 -10.40 43.32
N ASP B 189 31.00 -10.61 44.62
CA ASP B 189 30.25 -9.81 45.59
C ASP B 189 30.69 -8.32 45.53
N ALA B 190 31.97 -8.05 45.29
CA ALA B 190 32.52 -6.69 45.15
C ALA B 190 31.91 -6.12 43.86
N ASP B 191 31.89 -6.94 42.81
CA ASP B 191 31.31 -6.49 41.49
C ASP B 191 29.80 -6.19 41.63
N ASP B 192 29.04 -7.07 42.30
CA ASP B 192 27.65 -6.82 42.59
C ASP B 192 27.42 -5.53 43.42
N ALA B 193 28.26 -5.35 44.40
CA ALA B 193 28.12 -4.18 45.31
C ALA B 193 28.33 -2.92 44.52
N GLU B 194 29.35 -2.92 43.68
CA GLU B 194 29.68 -1.74 42.90
C GLU B 194 28.54 -1.39 41.91
N TRP B 195 28.07 -2.35 41.18
CA TRP B 195 26.90 -2.19 40.28
C TRP B 195 25.69 -1.73 41.04
N ASP B 196 25.37 -2.36 42.18
CA ASP B 196 24.18 -1.89 42.95
C ASP B 196 24.31 -0.40 43.43
N ARG B 197 25.51 0.05 43.84
CA ARG B 197 25.72 1.45 44.25
C ARG B 197 25.53 2.38 43.02
N LEU B 198 26.14 2.02 41.90
CA LEU B 198 26.07 2.84 40.69
C LEU B 198 24.65 2.90 40.09
N TYR B 199 23.97 1.75 40.01
CA TYR B 199 22.60 1.74 39.49
C TYR B 199 21.60 2.51 40.35
N THR B 200 21.79 2.40 41.68
CA THR B 200 20.97 3.12 42.65
C THR B 200 21.11 4.65 42.40
N LYS B 201 22.34 5.11 42.24
CA LYS B 201 22.59 6.52 41.92
C LYS B 201 21.93 6.90 40.61
N ALA B 202 22.16 6.10 39.58
CA ALA B 202 21.69 6.35 38.25
C ALA B 202 20.11 6.42 38.31
N GLU B 203 19.53 5.49 39.08
CA GLU B 203 18.06 5.51 39.24
C GLU B 203 17.55 6.78 39.92
N SER B 204 18.33 7.33 40.84
CA SER B 204 17.99 8.59 41.52
CA SER B 204 17.99 8.59 41.50
C SER B 204 18.07 9.75 40.47
N TYR B 205 19.09 9.73 39.65
CA TYR B 205 19.23 10.75 38.62
C TYR B 205 18.06 10.81 37.62
N PHE B 206 17.59 9.63 37.22
CA PHE B 206 16.58 9.56 36.25
C PHE B 206 15.19 9.57 36.90
N GLN B 207 15.07 9.43 38.18
CA GLN B 207 13.81 9.27 38.86
C GLN B 207 13.05 8.03 38.42
N THR B 208 13.77 6.91 38.40
CA THR B 208 13.21 5.64 37.99
C THR B 208 12.27 5.12 39.07
N GLY B 209 11.14 4.57 38.65
CA GLY B 209 10.21 3.92 39.61
C GLY B 209 9.47 2.84 38.89
N THR B 210 8.64 2.13 39.69
CA THR B 210 7.86 1.00 39.23
C THR B 210 6.36 1.09 39.61
N ASP B 211 5.90 2.30 39.90
CA ASP B 211 4.58 2.54 40.49
C ASP B 211 3.68 3.48 39.70
N GLN B 212 4.15 4.01 38.59
CA GLN B 212 3.42 5.09 37.90
C GLN B 212 2.16 4.63 37.22
N PHE B 213 2.08 3.34 36.92
CA PHE B 213 0.92 2.78 36.24
C PHE B 213 0.07 1.83 37.09
N LYS B 214 0.28 1.86 38.38
CA LYS B 214 -0.28 0.88 39.30
C LYS B 214 -1.84 0.91 39.35
N GLU B 215 -2.42 2.09 39.04
CA GLU B 215 -3.92 2.21 38.99
C GLU B 215 -4.55 2.12 37.62
N SER B 216 -3.84 1.62 36.63
CA SER B 216 -4.44 1.41 35.30
C SER B 216 -5.16 0.01 35.30
N ILE B 217 -6.41 0.01 34.83
CA ILE B 217 -7.11 -1.25 34.64
C ILE B 217 -6.47 -2.14 33.57
N ARG B 218 -6.14 -1.54 32.46
CA ARG B 218 -5.50 -2.36 31.41
C ARG B 218 -4.13 -2.92 31.89
N HIS B 219 -3.31 -2.12 32.60
CA HIS B 219 -2.02 -2.57 33.06
C HIS B 219 -2.23 -3.78 33.96
N ASN B 220 -3.14 -3.69 34.95
CA ASN B 220 -3.36 -4.78 35.86
C ASN B 220 -4.03 -5.98 35.23
N LEU B 221 -4.90 -5.79 34.27
CA LEU B 221 -5.57 -6.87 33.52
C LEU B 221 -4.46 -7.73 32.88
N VAL B 222 -3.56 -7.08 32.16
CA VAL B 222 -2.56 -7.83 31.48
C VAL B 222 -1.45 -8.44 32.50
N LEU B 223 -1.00 -7.66 33.44
CA LEU B 223 -0.06 -8.11 34.46
C LEU B 223 -0.58 -9.31 35.19
N ASN B 224 -1.81 -9.22 35.69
CA ASN B 224 -2.36 -10.34 36.47
C ASN B 224 -2.54 -11.61 35.65
N LYS B 225 -3.01 -11.51 34.36
CA LYS B 225 -3.20 -12.69 33.57
C LYS B 225 -1.86 -13.33 33.29
N LEU B 226 -0.83 -12.56 32.94
CA LEU B 226 0.46 -13.14 32.69
C LEU B 226 1.08 -13.81 33.93
N THR B 227 0.94 -13.14 35.05
CA THR B 227 1.45 -13.69 36.30
C THR B 227 0.80 -15.00 36.59
N GLU B 228 -0.53 -15.08 36.45
CA GLU B 228 -1.29 -16.35 36.68
C GLU B 228 -0.85 -17.45 35.72
N GLU B 229 -0.77 -17.12 34.45
CA GLU B 229 -0.46 -18.08 33.43
C GLU B 229 0.94 -18.69 33.59
N TYR B 230 1.92 -17.93 34.03
CA TYR B 230 3.26 -18.42 34.15
C TYR B 230 3.54 -19.17 35.47
N LYS B 231 2.75 -18.88 36.50
CA LYS B 231 2.74 -19.64 37.75
C LYS B 231 4.10 -19.95 38.26
N GLY B 232 4.83 -18.88 38.41
CA GLY B 232 6.12 -18.88 39.00
C GLY B 232 7.24 -19.18 38.04
N GLN B 233 6.97 -19.72 36.84
CA GLN B 233 8.05 -19.96 35.88
C GLN B 233 8.64 -18.63 35.41
N ARG B 234 7.81 -17.57 35.31
CA ARG B 234 8.33 -16.24 34.98
C ARG B 234 7.58 -15.24 35.88
N ASP B 235 8.30 -14.24 36.29
CA ASP B 235 7.72 -13.18 37.10
C ASP B 235 7.61 -11.92 36.28
N PHE B 236 6.53 -11.22 36.58
CA PHE B 236 6.17 -9.97 35.85
C PHE B 236 6.07 -8.83 36.82
N GLN B 237 6.39 -7.64 36.30
CA GLN B 237 6.30 -6.40 37.01
C GLN B 237 6.06 -5.26 36.03
N GLN B 238 5.89 -4.04 36.60
CA GLN B 238 5.95 -2.84 35.78
C GLN B 238 7.33 -2.66 35.20
N ILE B 239 7.40 -2.31 33.91
CA ILE B 239 8.63 -1.80 33.31
C ILE B 239 9.15 -0.71 34.22
N PRO B 240 10.44 -0.73 34.61
CA PRO B 240 10.98 0.42 35.42
C PRO B 240 11.10 1.62 34.44
N LEU B 241 10.45 2.68 34.85
CA LEU B 241 10.33 3.85 34.04
C LEU B 241 10.93 5.05 34.76
N ALA B 242 11.69 5.90 33.97
CA ALA B 242 12.22 7.17 34.45
C ALA B 242 11.16 8.25 34.29
N ALA B 243 10.33 8.43 35.31
CA ALA B 243 9.09 9.22 35.18
C ALA B 243 8.48 9.45 36.53
N THR B 244 7.73 10.55 36.68
CA THR B 244 6.85 10.80 37.84
C THR B 244 5.45 11.12 37.36
N ARG B 245 4.48 10.47 37.95
CA ARG B 245 3.08 10.77 37.60
C ARG B 245 2.68 12.09 38.25
N ARG B 246 2.13 13.00 37.45
CA ARG B 246 1.64 14.28 37.96
C ARG B 246 0.17 14.18 38.40
N SER B 247 -0.59 13.45 37.63
CA SER B 247 -2.06 13.34 37.78
C SER B 247 -2.51 12.08 37.14
N PRO B 248 -3.78 11.69 37.30
CA PRO B 248 -4.28 10.53 36.57
C PRO B 248 -4.24 10.55 35.05
N THR B 249 -4.08 11.76 34.45
CA THR B 249 -4.01 11.84 32.99
C THR B 249 -2.62 12.32 32.47
N PHE B 250 -1.65 12.49 33.35
CA PHE B 250 -0.35 13.10 32.90
C PHE B 250 0.83 12.53 33.66
N VAL B 251 1.86 12.09 32.90
CA VAL B 251 3.13 11.63 33.40
C VAL B 251 4.24 12.57 33.00
N GLU B 252 5.03 13.04 33.98
CA GLU B 252 6.25 13.87 33.67
C GLU B 252 7.41 12.86 33.40
N TRP B 253 7.60 12.59 32.15
CA TRP B 253 8.67 11.68 31.60
C TRP B 253 10.03 12.28 31.88
N SER B 254 11.06 11.52 32.31
CA SER B 254 12.34 12.11 32.54
C SER B 254 13.13 12.18 31.24
N SER B 255 14.26 12.86 31.33
CA SER B 255 15.15 13.23 30.20
C SER B 255 16.44 13.67 30.74
N ALA B 256 17.31 14.13 29.80
CA ALA B 256 18.51 14.86 30.24
C ALA B 256 18.29 15.94 31.24
N ASN B 257 17.25 16.73 31.03
CA ASN B 257 16.84 17.84 31.90
C ASN B 257 16.68 17.37 33.33
N THR B 258 16.13 16.19 33.55
CA THR B 258 15.93 15.67 34.90
C THR B 258 17.27 15.39 35.53
N VAL B 259 18.28 14.94 34.73
CA VAL B 259 19.63 14.67 35.27
C VAL B 259 20.36 15.95 35.60
N PHE B 260 20.28 16.91 34.71
CA PHE B 260 20.94 18.21 34.89
C PHE B 260 20.15 19.25 34.11
N ASP B 261 19.79 20.34 34.75
CA ASP B 261 18.86 21.29 34.09
C ASP B 261 19.42 22.09 32.94
N LEU B 262 20.75 22.01 32.71
CA LEU B 262 21.39 22.65 31.57
C LEU B 262 21.38 24.20 31.55
N GLN B 263 21.00 24.81 32.68
CA GLN B 263 21.11 26.24 32.82
C GLN B 263 22.56 26.65 33.05
N ASN B 264 22.96 27.78 32.45
CA ASN B 264 24.28 28.30 32.72
C ASN B 264 24.41 28.70 34.16
N ARG B 265 25.61 28.50 34.71
CA ARG B 265 25.95 28.73 36.09
C ARG B 265 27.28 29.52 36.07
N PRO B 266 27.49 30.42 37.04
CA PRO B 266 26.67 30.58 38.20
C PRO B 266 25.27 31.24 37.95
N ASN B 267 24.33 30.88 38.78
CA ASN B 267 23.00 31.48 38.78
C ASN B 267 22.51 31.53 40.20
N THR B 268 21.34 32.18 40.44
CA THR B 268 20.82 32.31 41.81
C THR B 268 20.67 31.02 42.57
N ASP B 269 20.23 29.97 41.91
CA ASP B 269 20.10 28.66 42.54
C ASP B 269 21.40 27.93 42.79
N ALA B 270 22.41 28.25 41.98
CA ALA B 270 23.79 27.63 42.09
C ALA B 270 24.91 28.70 41.91
N PRO B 271 25.14 29.55 42.95
CA PRO B 271 26.01 30.71 42.77
C PRO B 271 27.51 30.41 42.72
N GLU B 272 27.89 29.22 43.20
CA GLU B 272 29.27 28.76 43.23
C GLU B 272 29.60 27.71 42.15
N GLU B 273 28.69 27.46 41.24
CA GLU B 273 28.92 26.52 40.18
C GLU B 273 29.22 27.19 38.83
N ARG B 274 29.93 26.48 37.96
CA ARG B 274 30.34 27.06 36.65
C ARG B 274 30.04 26.07 35.54
N PHE B 275 29.09 26.46 34.72
CA PHE B 275 28.66 25.64 33.58
C PHE B 275 28.19 26.60 32.45
N ASN B 276 28.56 26.28 31.21
CA ASN B 276 28.05 26.91 30.01
C ASN B 276 27.77 25.84 28.98
N LEU B 277 26.55 25.96 28.44
CA LEU B 277 26.13 25.17 27.29
C LEU B 277 26.15 25.99 26.04
N PHE B 278 26.75 25.41 25.01
CA PHE B 278 26.83 26.03 23.65
C PHE B 278 26.18 25.15 22.65
N PRO B 279 24.94 25.48 22.28
CA PRO B 279 24.23 24.79 21.25
C PRO B 279 24.70 25.22 19.89
N ALA B 280 24.35 24.46 18.87
CA ALA B 280 24.69 24.68 17.43
C ALA B 280 26.21 24.76 17.19
N VAL B 281 26.99 23.93 17.96
CA VAL B 281 28.45 23.87 17.84
C VAL B 281 28.85 22.43 17.51
N ALA B 282 29.33 22.22 16.28
CA ALA B 282 29.84 20.91 15.85
C ALA B 282 31.25 20.73 16.38
N CYS B 283 31.47 19.62 17.15
CA CYS B 283 32.80 19.26 17.60
C CYS B 283 33.38 18.31 16.59
N GLU B 284 34.57 18.60 16.09
CA GLU B 284 35.08 17.87 15.00
C GLU B 284 36.29 17.03 15.29
N ARG B 285 37.17 17.45 16.16
CA ARG B 285 38.49 16.74 16.35
C ARG B 285 38.99 17.01 17.72
N VAL B 286 39.57 16.01 18.35
CA VAL B 286 40.44 16.17 19.53
C VAL B 286 41.88 16.05 19.01
N VAL B 287 42.71 16.95 19.42
CA VAL B 287 44.13 17.03 18.99
C VAL B 287 45.01 16.24 20.02
N ARG B 288 45.69 15.26 19.48
CA ARG B 288 46.64 14.37 20.21
C ARG B 288 48.00 15.02 20.29
N ASN B 289 48.71 14.89 21.44
CA ASN B 289 50.12 15.17 21.49
C ASN B 289 50.91 14.13 20.66
N ALA B 290 52.16 14.38 20.37
CA ALA B 290 52.97 13.48 19.60
C ALA B 290 53.07 12.07 20.11
N LEU B 291 53.20 11.97 21.45
CA LEU B 291 53.37 10.70 22.06
C LEU B 291 52.02 9.95 22.26
N ASN B 292 50.92 10.49 21.87
CA ASN B 292 49.64 9.85 22.08
C ASN B 292 49.45 9.46 23.55
N SER B 293 49.66 10.48 24.40
CA SER B 293 49.45 10.37 25.88
C SER B 293 48.49 11.38 26.46
N GLU B 294 48.13 12.40 25.68
CA GLU B 294 47.22 13.46 26.18
C GLU B 294 46.53 14.10 24.95
N ILE B 295 45.37 14.61 25.23
CA ILE B 295 44.62 15.53 24.33
C ILE B 295 44.96 16.99 24.69
N GLU B 296 45.27 17.78 23.65
CA GLU B 296 45.73 19.14 23.80
C GLU B 296 44.67 20.22 23.48
N SER B 297 43.69 19.85 22.67
CA SER B 297 42.53 20.78 22.39
C SER B 297 41.39 20.02 21.72
N LEU B 298 40.26 20.72 21.65
CA LEU B 298 39.06 20.28 20.98
C LEU B 298 38.79 21.33 19.89
N HIS B 299 38.69 20.87 18.65
CA HIS B 299 38.36 21.79 17.48
C HIS B 299 36.92 21.79 17.24
N ILE B 300 36.34 23.00 17.27
CA ILE B 300 34.88 23.15 17.12
C ILE B 300 34.58 24.08 15.97
N HIS B 301 33.34 23.96 15.50
CA HIS B 301 32.79 24.78 14.41
C HIS B 301 31.42 25.33 14.88
N ASP B 302 31.33 26.65 14.99
CA ASP B 302 30.06 27.26 15.37
C ASP B 302 29.21 27.36 14.11
N LEU B 303 28.09 26.66 14.10
CA LEU B 303 27.27 26.62 12.95
C LEU B 303 26.52 27.86 12.64
N ILE B 304 26.35 28.80 13.58
CA ILE B 304 25.60 30.00 13.23
C ILE B 304 26.55 31.05 12.61
N SER B 305 27.65 31.35 13.30
CA SER B 305 28.70 32.29 12.78
C SER B 305 29.56 31.71 11.63
N GLY B 306 29.76 30.40 11.65
CA GLY B 306 30.78 29.73 10.76
C GLY B 306 32.20 29.72 11.38
N ASP B 307 32.36 30.32 12.54
CA ASP B 307 33.67 30.44 13.14
C ASP B 307 34.18 29.12 13.67
N ARG B 308 35.49 28.99 13.69
CA ARG B 308 36.14 27.81 14.22
CA ARG B 308 36.14 27.81 14.22
C ARG B 308 37.10 28.16 15.32
N PHE B 309 37.22 27.26 16.26
CA PHE B 309 38.00 27.53 17.48
C PHE B 309 38.66 26.28 17.93
N GLU B 310 39.73 26.47 18.69
CA GLU B 310 40.41 25.43 19.46
C GLU B 310 40.16 25.73 20.94
N ILE B 311 39.46 24.85 21.57
CA ILE B 311 39.09 24.99 23.00
C ILE B 311 40.05 24.12 23.85
N LYS B 312 40.56 24.66 24.95
CA LYS B 312 41.56 23.95 25.82
C LYS B 312 40.82 23.61 27.10
N ALA B 313 41.01 22.37 27.54
CA ALA B 313 40.50 21.88 28.78
C ALA B 313 41.55 20.98 29.47
N ASP B 314 41.38 20.81 30.76
CA ASP B 314 42.15 19.75 31.47
C ASP B 314 41.65 18.33 31.17
N VAL B 315 40.34 18.19 30.98
CA VAL B 315 39.63 16.91 30.83
C VAL B 315 38.68 17.06 29.65
N TYR B 316 38.74 16.08 28.77
CA TYR B 316 37.91 15.97 27.56
C TYR B 316 36.98 14.76 27.65
N VAL B 317 35.68 15.02 27.56
CA VAL B 317 34.66 13.96 27.69
C VAL B 317 33.78 13.90 26.44
N LEU B 318 33.74 12.78 25.75
CA LEU B 318 33.01 12.54 24.49
C LEU B 318 31.77 11.74 24.79
N THR B 319 30.61 12.40 24.76
CA THR B 319 29.27 11.75 24.92
C THR B 319 28.32 12.19 23.78
N ALA B 320 28.79 11.93 22.57
CA ALA B 320 28.11 12.30 21.36
C ALA B 320 27.20 11.21 20.79
N GLY B 321 27.06 10.11 21.51
CA GLY B 321 26.34 8.93 20.98
C GLY B 321 27.29 7.85 20.47
N ALA B 322 26.76 6.64 20.41
CA ALA B 322 27.59 5.53 19.98
C ALA B 322 28.11 5.69 18.58
N VAL B 323 27.39 6.32 17.64
CA VAL B 323 27.94 6.52 16.33
C VAL B 323 28.89 7.70 16.30
N HIS B 324 28.40 8.84 16.78
CA HIS B 324 29.25 10.08 16.68
C HIS B 324 30.49 10.20 17.57
N ASN B 325 30.49 9.54 18.70
CA ASN B 325 31.77 9.42 19.45
C ASN B 325 32.84 8.75 18.56
N THR B 326 32.43 7.64 17.90
CA THR B 326 33.30 6.85 17.00
C THR B 326 33.79 7.73 15.84
N GLN B 327 32.90 8.53 15.29
CA GLN B 327 33.17 9.38 14.18
C GLN B 327 34.24 10.40 14.56
N LEU B 328 34.01 11.05 15.68
CA LEU B 328 34.91 12.12 16.18
C LEU B 328 36.30 11.53 16.46
N LEU B 329 36.37 10.37 17.11
CA LEU B 329 37.63 9.71 17.28
C LEU B 329 38.35 9.30 16.02
N VAL B 330 37.65 8.79 15.02
CA VAL B 330 38.31 8.43 13.76
C VAL B 330 38.82 9.72 13.04
N ASN B 331 37.95 10.75 13.13
CA ASN B 331 38.40 12.02 12.51
C ASN B 331 39.62 12.64 13.19
N SER B 332 39.92 12.13 14.39
CA SER B 332 41.04 12.58 15.17
C SER B 332 42.27 11.68 15.16
N GLY B 333 42.29 10.66 14.31
CA GLY B 333 43.40 9.78 14.09
C GLY B 333 43.47 8.55 15.03
N PHE B 334 42.37 8.26 15.69
CA PHE B 334 42.17 6.93 16.35
C PHE B 334 41.54 5.90 15.42
N GLY B 335 41.84 4.63 15.65
CA GLY B 335 41.33 3.54 14.78
C GLY B 335 41.83 3.81 13.34
N GLN B 336 40.99 3.44 12.40
CA GLN B 336 41.33 3.38 11.00
C GLN B 336 40.25 4.17 10.24
N LEU B 337 40.60 5.24 9.58
CA LEU B 337 39.76 5.81 8.52
C LEU B 337 39.67 4.98 7.21
N GLY B 338 38.49 4.87 6.66
CA GLY B 338 38.28 4.26 5.40
C GLY B 338 37.86 2.79 5.59
N ARG B 339 37.64 2.16 4.50
CA ARG B 339 37.21 0.76 4.42
C ARG B 339 38.26 -0.08 5.15
N PRO B 340 37.84 -0.97 6.05
CA PRO B 340 38.79 -1.74 6.83
C PRO B 340 39.85 -2.45 5.94
N ASN B 341 41.07 -2.35 6.41
CA ASN B 341 42.18 -2.92 5.70
C ASN B 341 43.12 -3.49 6.76
N PRO B 342 42.99 -4.79 7.04
CA PRO B 342 43.84 -5.41 8.05
C PRO B 342 45.38 -5.42 7.71
N ALA B 343 45.76 -5.26 6.42
CA ALA B 343 47.18 -5.10 6.05
C ALA B 343 47.82 -3.74 6.48
N ASN B 344 47.02 -2.77 6.92
CA ASN B 344 47.50 -1.49 7.48
C ASN B 344 46.97 -1.29 8.92
N PRO B 345 47.45 -2.10 9.90
CA PRO B 345 46.85 -2.00 11.26
C PRO B 345 46.89 -0.56 11.83
N PRO B 346 45.84 -0.14 12.58
CA PRO B 346 45.94 1.26 13.02
C PRO B 346 46.99 1.55 14.10
N GLU B 347 47.46 2.79 14.15
CA GLU B 347 48.38 3.25 15.22
C GLU B 347 47.73 3.11 16.64
N LEU B 348 46.47 3.44 16.73
CA LEU B 348 45.78 3.59 18.01
C LEU B 348 44.41 2.92 17.97
N LEU B 349 44.03 2.31 19.10
CA LEU B 349 42.64 1.79 19.31
C LEU B 349 42.22 0.88 18.18
N PRO B 350 42.99 -0.20 17.96
CA PRO B 350 42.59 -1.12 16.83
C PRO B 350 41.19 -1.75 16.97
N SER B 351 40.62 -1.78 18.19
CA SER B 351 39.32 -2.31 18.38
C SER B 351 38.17 -1.26 18.18
N LEU B 352 38.46 0.01 17.94
CA LEU B 352 37.48 1.09 17.76
C LEU B 352 36.62 0.78 16.51
N GLY B 353 35.33 0.71 16.71
CA GLY B 353 34.39 0.44 15.66
C GLY B 353 34.20 -1.03 15.33
N SER B 354 34.81 -1.98 16.03
CA SER B 354 34.63 -3.38 15.85
C SER B 354 33.91 -3.96 17.06
N TYR B 355 33.41 -5.16 16.94
CA TYR B 355 32.61 -5.82 17.98
C TYR B 355 31.31 -5.06 18.29
N ILE B 356 30.77 -4.38 17.27
CA ILE B 356 29.52 -3.61 17.50
C ILE B 356 28.40 -4.60 17.75
N THR B 357 27.46 -4.20 18.58
CA THR B 357 26.26 -5.02 18.87
C THR B 357 25.03 -4.14 18.65
N GLU B 358 23.98 -4.72 18.09
CA GLU B 358 22.63 -4.17 18.06
C GLU B 358 21.73 -5.36 18.35
N GLN B 359 20.62 -5.04 18.95
CA GLN B 359 19.60 -6.03 19.33
C GLN B 359 18.71 -6.42 18.21
N SER B 360 18.26 -7.67 18.18
CA SER B 360 17.13 -8.06 17.37
C SER B 360 15.86 -7.60 18.10
N LEU B 361 14.91 -7.17 17.32
CA LEU B 361 13.63 -6.68 17.87
C LEU B 361 12.47 -7.28 17.09
N VAL B 362 11.58 -7.95 17.86
CA VAL B 362 10.34 -8.49 17.31
C VAL B 362 9.17 -7.79 17.93
N PHE B 363 8.13 -7.60 17.10
CA PHE B 363 6.95 -6.75 17.42
C PHE B 363 5.66 -7.34 16.93
N CYS B 364 4.56 -7.14 17.64
CA CYS B 364 3.21 -7.31 17.22
C CYS B 364 2.29 -6.50 18.06
N GLN B 365 1.04 -6.42 17.68
CA GLN B 365 -0.05 -5.91 18.54
C GLN B 365 -1.09 -6.99 18.61
N THR B 366 -1.84 -7.01 19.70
CA THR B 366 -2.95 -7.91 19.94
C THR B 366 -4.21 -7.14 20.26
N VAL B 367 -5.34 -7.83 20.08
CA VAL B 367 -6.69 -7.36 20.39
C VAL B 367 -7.20 -8.22 21.54
N MET B 368 -7.48 -7.58 22.67
CA MET B 368 -7.80 -8.25 23.91
C MET B 368 -8.88 -9.31 23.69
N SER B 369 -8.68 -10.47 24.35
CA SER B 369 -9.68 -11.52 24.29
C SER B 369 -10.99 -11.14 24.87
N THR B 370 -12.02 -11.78 24.35
CA THR B 370 -13.39 -11.65 24.90
C THR B 370 -13.38 -12.06 26.34
N GLU B 371 -12.69 -13.15 26.66
CA GLU B 371 -12.62 -13.60 28.08
C GLU B 371 -12.02 -12.58 29.00
N LEU B 372 -10.96 -11.91 28.54
CA LEU B 372 -10.38 -10.90 29.37
C LEU B 372 -11.21 -9.66 29.55
N ILE B 373 -11.88 -9.21 28.47
CA ILE B 373 -12.75 -8.06 28.60
C ILE B 373 -13.96 -8.42 29.51
N ASP B 374 -14.59 -9.54 29.34
CA ASP B 374 -15.68 -9.95 30.28
C ASP B 374 -15.16 -9.98 31.72
N SER B 375 -13.92 -10.39 31.92
CA SER B 375 -13.35 -10.42 33.26
C SER B 375 -13.24 -9.11 33.97
N VAL B 376 -13.16 -7.98 33.21
CA VAL B 376 -13.06 -6.68 33.78
C VAL B 376 -14.28 -6.44 34.59
N LYS B 377 -15.42 -7.00 34.21
CA LYS B 377 -16.72 -6.76 34.86
C LYS B 377 -17.22 -7.93 35.72
N SER B 378 -16.30 -8.85 36.00
CA SER B 378 -16.62 -10.09 36.76
C SER B 378 -17.29 -9.82 38.11
N ASP B 379 -16.99 -8.76 38.84
CA ASP B 379 -17.56 -8.49 40.14
C ASP B 379 -18.89 -7.69 40.14
N MET B 380 -19.33 -7.29 38.93
CA MET B 380 -20.49 -6.45 38.76
C MET B 380 -21.78 -7.22 38.67
N THR B 381 -22.82 -6.64 39.21
CA THR B 381 -24.21 -7.07 38.97
C THR B 381 -24.84 -6.04 38.05
N ILE B 382 -25.24 -6.48 36.89
CA ILE B 382 -25.73 -5.64 35.78
C ILE B 382 -27.17 -6.06 35.44
N ARG B 383 -28.10 -5.13 35.64
CA ARG B 383 -29.53 -5.38 35.43
C ARG B 383 -30.14 -4.33 34.50
N GLY B 384 -31.06 -4.81 33.64
CA GLY B 384 -31.70 -3.98 32.62
C GLY B 384 -30.93 -3.85 31.34
N THR B 385 -31.33 -2.88 30.53
CA THR B 385 -30.78 -2.68 29.22
CA THR B 385 -30.79 -2.68 29.21
C THR B 385 -30.08 -1.31 29.19
N PRO B 386 -28.81 -1.27 28.77
CA PRO B 386 -28.09 -0.01 28.73
C PRO B 386 -28.83 1.06 27.92
N GLY B 387 -28.93 2.25 28.48
CA GLY B 387 -29.56 3.40 27.81
C GLY B 387 -30.95 3.65 28.31
N GLU B 388 -31.45 2.74 29.19
CA GLU B 388 -32.75 2.89 29.81
CA GLU B 388 -32.78 2.83 29.83
C GLU B 388 -32.61 3.27 31.27
N LEU B 389 -33.60 3.99 31.76
CA LEU B 389 -33.53 4.48 33.14
C LEU B 389 -33.64 3.39 34.24
N THR B 390 -34.01 2.18 33.87
CA THR B 390 -33.99 0.99 34.71
C THR B 390 -32.65 0.19 34.78
N TYR B 391 -31.70 0.57 33.95
CA TYR B 391 -30.35 -0.04 33.98
C TYR B 391 -29.54 0.34 35.16
N SER B 392 -28.87 -0.65 35.75
CA SER B 392 -27.96 -0.41 36.84
C SER B 392 -26.80 -1.42 36.83
N VAL B 393 -25.69 -0.89 37.32
CA VAL B 393 -24.44 -1.61 37.56
C VAL B 393 -23.96 -1.33 38.97
N THR B 394 -23.78 -2.40 39.72
CA THR B 394 -23.38 -2.33 41.15
C THR B 394 -22.35 -3.38 41.47
N TYR B 395 -21.69 -3.23 42.61
CA TYR B 395 -20.78 -4.32 43.11
C TYR B 395 -20.83 -4.26 44.63
N THR B 396 -20.33 -5.32 45.24
CA THR B 396 -20.18 -5.38 46.75
C THR B 396 -18.76 -4.93 47.19
N PRO B 397 -18.66 -3.71 47.75
CA PRO B 397 -17.38 -3.24 48.21
C PRO B 397 -16.75 -4.16 49.25
N GLY B 398 -15.51 -4.48 49.00
CA GLY B 398 -14.63 -5.19 49.90
C GLY B 398 -14.93 -6.69 50.09
N ALA B 399 -15.77 -7.22 49.21
CA ALA B 399 -16.09 -8.67 49.22
C ALA B 399 -14.85 -9.47 48.96
N SER B 400 -14.67 -10.41 49.90
CA SER B 400 -13.56 -11.32 49.97
C SER B 400 -13.24 -12.06 48.65
N THR B 401 -14.35 -12.40 47.96
CA THR B 401 -14.35 -13.19 46.78
C THR B 401 -14.36 -12.35 45.47
N ASN B 402 -14.45 -11.03 45.60
CA ASN B 402 -14.27 -10.19 44.39
C ASN B 402 -12.92 -10.46 43.76
N LYS B 403 -12.88 -10.45 42.45
CA LYS B 403 -11.66 -10.70 41.70
C LYS B 403 -10.81 -9.43 41.67
N HIS B 404 -11.46 -8.28 41.81
CA HIS B 404 -10.78 -6.98 41.65
C HIS B 404 -10.93 -6.08 42.87
N PRO B 405 -10.02 -5.12 43.09
CA PRO B 405 -10.10 -4.20 44.18
C PRO B 405 -11.22 -3.21 43.95
N ASP B 406 -11.59 -2.56 45.03
CA ASP B 406 -12.71 -1.59 45.06
C ASP B 406 -12.41 -0.47 44.04
N TRP B 407 -11.18 -0.03 43.92
CA TRP B 407 -10.91 1.07 42.94
C TRP B 407 -11.17 0.71 41.54
N TRP B 408 -10.92 -0.52 41.18
CA TRP B 408 -11.19 -1.02 39.87
C TRP B 408 -12.67 -1.08 39.63
N ASN B 409 -13.38 -1.73 40.54
CA ASN B 409 -14.80 -1.82 40.39
C ASN B 409 -15.55 -0.49 40.35
N GLU B 410 -15.10 0.52 41.16
CA GLU B 410 -15.59 1.86 41.13
C GLU B 410 -15.44 2.50 39.71
N LYS B 411 -14.23 2.38 39.15
CA LYS B 411 -14.02 2.94 37.84
C LYS B 411 -14.84 2.26 36.75
N VAL B 412 -14.97 0.95 36.81
CA VAL B 412 -15.80 0.20 35.88
C VAL B 412 -17.25 0.65 36.03
N LYS B 413 -17.77 0.67 37.25
CA LYS B 413 -19.16 1.08 37.50
C LYS B 413 -19.46 2.48 36.91
N ASN B 414 -18.62 3.47 37.19
CA ASN B 414 -18.80 4.84 36.76
C ASN B 414 -18.73 4.89 35.27
N HIS B 415 -17.78 4.18 34.64
CA HIS B 415 -17.76 4.13 33.16
C HIS B 415 -19.06 3.59 32.57
N MET B 416 -19.48 2.45 33.08
CA MET B 416 -20.67 1.74 32.53
C MET B 416 -21.92 2.54 32.83
N MET B 417 -22.04 3.27 33.94
CA MET B 417 -23.27 3.98 34.17
C MET B 417 -23.31 5.34 33.46
N GLN B 418 -22.16 6.01 33.36
CA GLN B 418 -22.09 7.36 32.74
C GLN B 418 -22.00 7.28 31.22
N HIS B 419 -21.56 6.15 30.66
CA HIS B 419 -21.44 5.96 29.21
C HIS B 419 -22.11 4.71 28.75
N GLN B 420 -23.44 4.70 28.84
CA GLN B 420 -24.21 3.47 28.55
C GLN B 420 -24.27 3.14 27.05
N GLU B 421 -23.84 4.10 26.23
CA GLU B 421 -23.61 3.86 24.78
C GLU B 421 -22.39 3.04 24.42
N ASP B 422 -21.48 2.91 25.38
CA ASP B 422 -20.20 2.30 25.10
C ASP B 422 -20.24 0.79 25.45
N PRO B 423 -19.78 -0.06 24.55
CA PRO B 423 -19.87 -1.52 24.79
C PRO B 423 -18.74 -2.14 25.59
N LEU B 424 -17.70 -1.37 25.94
CA LEU B 424 -16.60 -1.81 26.79
C LEU B 424 -16.64 -1.32 28.19
N PRO B 425 -16.04 -2.16 29.09
CA PRO B 425 -16.07 -1.79 30.53
C PRO B 425 -14.87 -0.96 31.00
N ILE B 426 -13.89 -0.70 30.11
CA ILE B 426 -12.66 -0.01 30.38
C ILE B 426 -12.91 1.46 30.28
N PRO B 427 -12.57 2.24 31.32
CA PRO B 427 -12.75 3.67 31.12
C PRO B 427 -11.93 4.31 29.98
N PHE B 428 -12.53 5.33 29.38
CA PHE B 428 -11.86 6.01 28.26
C PHE B 428 -10.45 6.53 28.46
N GLU B 429 -10.12 7.04 29.63
CA GLU B 429 -8.74 7.56 29.71
C GLU B 429 -7.92 6.66 30.65
N ASP B 430 -8.26 5.39 30.68
CA ASP B 430 -7.45 4.42 31.45
C ASP B 430 -6.03 4.44 30.88
N PRO B 431 -5.01 4.55 31.70
CA PRO B 431 -3.59 4.44 31.14
C PRO B 431 -3.26 3.14 30.53
N GLU B 432 -2.26 3.13 29.64
CA GLU B 432 -1.81 1.96 28.99
C GLU B 432 -1.14 0.97 29.98
N PRO B 433 -1.11 -0.31 29.59
CA PRO B 433 -0.18 -1.20 30.29
C PRO B 433 1.26 -0.85 30.08
N GLN B 434 2.09 -1.17 31.10
CA GLN B 434 3.54 -1.03 31.02
C GLN B 434 4.14 -2.32 31.71
N VAL B 435 4.08 -3.47 31.05
CA VAL B 435 4.39 -4.76 31.71
C VAL B 435 5.69 -5.29 31.10
N THR B 436 6.46 -5.93 31.97
CA THR B 436 7.67 -6.68 31.58
C THR B 436 7.79 -7.99 32.39
N THR B 437 8.37 -9.01 31.69
CA THR B 437 9.18 -10.04 32.37
C THR B 437 10.65 -9.80 31.90
N LEU B 438 11.47 -9.47 32.90
CA LEU B 438 12.88 -9.15 32.60
C LEU B 438 13.63 -10.39 32.07
N PHE B 439 14.67 -10.13 31.35
CA PHE B 439 15.59 -11.09 30.83
C PHE B 439 16.06 -12.13 31.88
N GLN B 440 15.95 -13.44 31.56
CA GLN B 440 16.51 -14.49 32.38
C GLN B 440 17.18 -15.50 31.49
N PRO B 441 18.01 -16.37 32.09
CA PRO B 441 18.62 -17.42 31.24
C PRO B 441 17.69 -18.31 30.43
N SER B 442 16.53 -18.66 30.97
CA SER B 442 15.50 -19.45 30.29
C SER B 442 14.66 -18.66 29.24
N HIS B 443 14.78 -17.33 29.25
CA HIS B 443 14.14 -16.50 28.27
C HIS B 443 15.01 -15.29 28.09
N PRO B 444 16.10 -15.42 27.35
CA PRO B 444 17.19 -14.42 27.29
C PRO B 444 16.84 -13.27 26.30
N TRP B 445 15.80 -12.58 26.64
CA TRP B 445 15.34 -11.39 25.96
C TRP B 445 14.62 -10.47 26.90
N HIS B 446 14.71 -9.17 26.63
CA HIS B 446 13.90 -8.23 27.38
C HIS B 446 12.53 -8.13 26.68
N THR B 447 11.48 -7.72 27.47
CA THR B 447 10.08 -7.67 26.95
C THR B 447 9.47 -6.34 27.44
N GLN B 448 8.72 -5.73 26.57
CA GLN B 448 7.87 -4.58 26.90
C GLN B 448 6.52 -4.74 26.28
N ILE B 449 5.52 -4.74 27.14
CA ILE B 449 4.18 -5.11 26.78
C ILE B 449 3.25 -3.98 27.20
N GLY B 450 2.59 -3.33 26.25
CA GLY B 450 1.77 -2.20 26.58
C GLY B 450 1.42 -1.32 25.41
N ARG B 451 1.83 -0.06 25.49
CA ARG B 451 1.68 0.85 24.37
C ARG B 451 2.91 1.74 24.25
N ASP B 452 3.51 1.73 23.09
CA ASP B 452 4.70 2.48 22.85
C ASP B 452 4.35 3.63 21.91
N ALA B 453 4.90 4.79 22.20
CA ALA B 453 4.73 5.93 21.28
C ALA B 453 5.29 5.80 19.85
N PHE B 454 6.26 4.93 19.72
CA PHE B 454 6.94 4.71 18.42
C PHE B 454 6.17 3.61 17.65
N SER B 455 5.05 4.02 17.05
CA SER B 455 4.31 3.14 16.19
C SER B 455 5.04 3.01 14.90
N TYR B 456 4.80 1.87 14.21
CA TYR B 456 5.56 1.50 13.01
C TYR B 456 4.82 1.53 11.70
N GLY B 457 3.53 1.54 11.75
CA GLY B 457 2.77 1.85 10.52
C GLY B 457 1.70 2.85 10.84
N ALA B 458 0.82 3.09 9.83
CA ALA B 458 -0.33 3.93 10.02
C ALA B 458 -1.12 3.55 11.24
N VAL B 459 -1.58 4.49 12.09
CA VAL B 459 -2.32 4.01 13.29
C VAL B 459 -3.73 3.62 12.84
N GLN B 460 -4.11 2.37 13.09
CA GLN B 460 -5.45 1.91 12.67
C GLN B 460 -6.52 2.55 13.58
N GLN B 461 -7.70 2.73 13.01
CA GLN B 461 -8.79 3.35 13.80
C GLN B 461 -10.01 2.47 13.87
N SER B 462 -9.96 1.28 13.29
CA SER B 462 -11.17 0.46 13.25
CA SER B 462 -11.10 0.36 13.21
CA SER B 462 -11.16 0.40 13.25
C SER B 462 -11.40 -0.33 14.56
N ILE B 463 -10.36 -0.69 15.23
CA ILE B 463 -10.43 -1.48 16.50
C ILE B 463 -10.21 -0.49 17.65
N ASP B 464 -11.10 -0.56 18.63
CA ASP B 464 -10.91 0.38 19.78
C ASP B 464 -9.57 0.25 20.41
N SER B 465 -8.91 1.40 20.59
CA SER B 465 -7.62 1.48 21.22
C SER B 465 -7.45 0.83 22.59
N ARG B 466 -8.55 0.80 23.34
CA ARG B 466 -8.55 0.17 24.67
C ARG B 466 -8.26 -1.30 24.62
N LEU B 467 -8.52 -1.92 23.47
CA LEU B 467 -8.33 -3.36 23.29
C LEU B 467 -6.90 -3.75 22.84
N ILE B 468 -6.07 -2.77 22.47
CA ILE B 468 -4.81 -3.02 21.80
C ILE B 468 -3.69 -3.09 22.77
N VAL B 469 -2.84 -4.12 22.67
CA VAL B 469 -1.62 -4.24 23.52
C VAL B 469 -0.46 -4.47 22.55
N ASP B 470 0.64 -3.71 22.76
CA ASP B 470 1.79 -3.91 21.96
C ASP B 470 2.74 -4.91 22.66
N TRP B 471 3.57 -5.59 21.87
CA TRP B 471 4.55 -6.59 22.32
C TRP B 471 5.83 -6.27 21.61
N ARG B 472 6.89 -5.99 22.35
CA ARG B 472 8.22 -5.78 21.79
C ARG B 472 9.13 -6.65 22.63
N PHE B 473 9.89 -7.56 21.98
CA PHE B 473 10.88 -8.42 22.62
C PHE B 473 12.25 -8.14 21.95
N PHE B 474 13.26 -7.93 22.81
CA PHE B 474 14.58 -7.48 22.41
C PHE B 474 15.62 -8.52 22.80
N GLY B 475 16.35 -9.02 21.79
CA GLY B 475 17.41 -10.00 21.92
C GLY B 475 18.78 -9.44 22.13
N ARG B 476 19.61 -10.24 22.75
CA ARG B 476 21.02 -9.88 22.94
C ARG B 476 21.85 -10.42 21.77
N THR B 477 22.86 -9.61 21.40
CA THR B 477 23.79 -9.91 20.28
C THR B 477 25.25 -10.11 20.71
N GLU B 478 25.80 -11.28 20.36
CA GLU B 478 27.22 -11.61 20.67
C GLU B 478 28.13 -10.56 19.98
N PRO B 479 29.07 -10.03 20.73
CA PRO B 479 30.09 -9.14 20.11
C PRO B 479 31.03 -9.95 19.23
N LYS B 480 31.15 -9.55 17.96
CA LYS B 480 32.05 -10.22 17.02
C LYS B 480 32.92 -9.21 16.33
N GLU B 481 34.23 -9.49 16.17
CA GLU B 481 35.12 -8.53 15.51
CA GLU B 481 35.11 -8.54 15.52
C GLU B 481 34.66 -8.07 14.12
N GLU B 482 34.07 -8.98 13.35
CA GLU B 482 33.67 -8.70 11.94
C GLU B 482 32.53 -7.67 11.86
N ASN B 483 31.75 -7.52 12.92
CA ASN B 483 30.62 -6.52 12.94
C ASN B 483 31.21 -5.11 13.25
N LYS B 484 31.09 -4.20 12.25
CA LYS B 484 31.85 -2.98 12.24
C LYS B 484 30.99 -1.78 11.91
N LEU B 485 31.38 -0.68 12.51
CA LEU B 485 31.06 0.71 12.14
C LEU B 485 32.34 1.37 11.66
N TRP B 486 32.43 1.79 10.43
CA TRP B 486 33.60 2.48 9.90
C TRP B 486 33.22 3.71 9.15
N PHE B 487 34.19 4.54 8.81
CA PHE B 487 33.96 5.85 8.25
C PHE B 487 34.69 6.03 6.95
N SER B 488 33.97 6.48 5.94
CA SER B 488 34.57 6.63 4.61
C SER B 488 35.68 7.69 4.63
N ASP B 489 36.69 7.47 3.78
CA ASP B 489 37.81 8.43 3.59
C ASP B 489 37.50 9.41 2.48
N LYS B 490 36.35 9.25 1.84
CA LYS B 490 35.94 10.16 0.75
C LYS B 490 34.56 10.80 0.87
N ILE B 491 33.55 10.01 1.24
CA ILE B 491 32.16 10.48 1.36
C ILE B 491 32.05 11.15 2.76
N THR B 492 31.33 12.25 2.77
CA THR B 492 31.09 13.00 4.00
C THR B 492 29.55 13.14 4.16
N ASP B 493 29.24 13.38 5.41
CA ASP B 493 27.86 13.55 5.88
C ASP B 493 27.38 15.03 5.82
N ALA B 494 26.19 15.30 6.33
CA ALA B 494 25.64 16.66 6.21
C ALA B 494 26.40 17.73 6.97
N TYR B 495 27.28 17.32 7.90
CA TYR B 495 28.17 18.17 8.64
C TYR B 495 29.64 18.14 8.20
N ASN B 496 29.86 17.63 7.00
CA ASN B 496 31.15 17.50 6.34
C ASN B 496 32.13 16.63 7.14
N MET B 497 31.60 15.66 7.86
CA MET B 497 32.34 14.70 8.64
C MET B 497 32.37 13.35 7.92
N PRO B 498 33.36 12.50 8.21
CA PRO B 498 33.45 11.18 7.52
C PRO B 498 32.15 10.39 7.62
N GLN B 499 31.64 9.93 6.46
CA GLN B 499 30.36 9.24 6.39
C GLN B 499 30.36 7.88 7.13
N PRO B 500 29.49 7.66 8.13
CA PRO B 500 29.42 6.34 8.79
C PRO B 500 28.87 5.29 7.79
N THR B 501 29.44 4.08 7.96
CA THR B 501 29.16 2.89 7.15
C THR B 501 29.08 1.68 8.05
N PHE B 502 28.05 0.85 7.95
CA PHE B 502 28.00 -0.38 8.75
C PHE B 502 28.39 -1.61 7.91
N ASP B 503 28.96 -2.61 8.59
CA ASP B 503 29.11 -3.95 7.99
C ASP B 503 28.71 -4.89 9.09
N PHE B 504 27.46 -5.26 9.10
CA PHE B 504 26.85 -5.98 10.17
C PHE B 504 25.94 -7.04 9.74
N ARG B 505 26.03 -8.20 10.41
CA ARG B 505 24.98 -9.27 10.34
C ARG B 505 24.82 -9.81 11.73
N PHE B 506 23.62 -10.24 12.09
CA PHE B 506 23.44 -10.94 13.36
C PHE B 506 24.24 -12.26 13.32
N PRO B 507 25.11 -12.47 14.34
CA PRO B 507 25.89 -13.68 14.32
C PRO B 507 25.13 -14.96 14.31
N ALA B 508 25.68 -15.94 13.55
CA ALA B 508 25.17 -17.27 13.57
C ALA B 508 25.43 -17.80 15.03
N GLY B 509 24.79 -18.88 15.30
CA GLY B 509 24.90 -19.52 16.55
C GLY B 509 23.88 -18.94 17.51
N ARG B 510 24.31 -18.75 18.74
CA ARG B 510 23.42 -18.38 19.82
C ARG B 510 22.51 -17.16 19.46
N THR B 511 23.10 -16.06 18.93
CA THR B 511 22.38 -14.86 18.69
C THR B 511 21.19 -15.16 17.80
N SER B 512 21.40 -15.91 16.76
CA SER B 512 20.34 -16.23 15.80
C SER B 512 19.30 -17.22 16.32
N LYS B 513 19.77 -18.25 17.02
CA LYS B 513 18.83 -19.20 17.65
C LYS B 513 17.99 -18.48 18.65
N GLU B 514 18.60 -17.65 19.50
CA GLU B 514 17.76 -16.95 20.44
C GLU B 514 16.74 -16.00 19.83
N ALA B 515 17.13 -15.32 18.79
CA ALA B 515 16.30 -14.38 18.11
C ALA B 515 15.03 -15.02 17.58
N GLU B 516 15.19 -16.17 16.92
CA GLU B 516 14.02 -16.93 16.52
C GLU B 516 13.27 -17.54 17.62
N ASP B 517 13.91 -18.06 18.64
CA ASP B 517 13.17 -18.48 19.81
C ASP B 517 12.37 -17.36 20.49
N MET B 518 12.92 -16.17 20.50
CA MET B 518 12.27 -14.98 21.06
C MET B 518 10.99 -14.70 20.24
N MET B 519 11.07 -14.75 18.91
CA MET B 519 9.89 -14.63 18.05
C MET B 519 8.76 -15.59 18.47
N THR B 520 9.16 -16.85 18.58
CA THR B 520 8.20 -17.90 19.01
C THR B 520 7.62 -17.60 20.39
N ASP B 521 8.47 -17.19 21.31
CA ASP B 521 8.02 -16.79 22.66
C ASP B 521 7.00 -15.66 22.67
N MET B 522 7.20 -14.66 21.79
CA MET B 522 6.24 -13.57 21.67
C MET B 522 4.89 -14.07 21.14
N CYS B 523 4.93 -14.94 20.14
CA CYS B 523 3.71 -15.54 19.61
C CYS B 523 2.93 -16.36 20.63
N VAL B 524 3.71 -17.09 21.47
CA VAL B 524 3.09 -17.97 22.45
C VAL B 524 2.51 -17.11 23.60
N MET B 525 3.32 -16.18 24.10
CA MET B 525 2.89 -15.32 25.25
C MET B 525 1.70 -14.46 24.88
N SER B 526 1.82 -13.75 23.78
CA SER B 526 0.83 -12.74 23.42
C SER B 526 -0.57 -13.40 23.20
N ALA B 527 -0.61 -14.64 22.78
CA ALA B 527 -1.82 -15.40 22.58
C ALA B 527 -2.57 -15.67 23.84
N LYS B 528 -1.93 -15.53 25.00
CA LYS B 528 -2.60 -15.62 26.31
C LYS B 528 -3.47 -14.37 26.60
N ILE B 529 -3.24 -13.27 25.89
CA ILE B 529 -3.96 -12.03 26.03
C ILE B 529 -4.97 -11.82 24.90
N GLY B 530 -4.63 -12.12 23.68
CA GLY B 530 -5.51 -11.93 22.54
C GLY B 530 -4.86 -12.36 21.31
N GLY B 531 -5.65 -12.38 20.25
CA GLY B 531 -5.07 -12.68 18.91
C GLY B 531 -4.43 -11.41 18.31
N PHE B 532 -3.62 -11.61 17.29
CA PHE B 532 -2.90 -10.52 16.64
C PHE B 532 -3.84 -9.57 15.99
N LEU B 533 -3.47 -8.27 16.05
CA LEU B 533 -4.16 -7.24 15.27
C LEU B 533 -3.74 -7.27 13.82
N PRO B 534 -4.70 -7.38 12.88
CA PRO B 534 -4.39 -7.30 11.48
C PRO B 534 -3.63 -6.00 11.22
N GLY B 535 -2.58 -6.06 10.46
CA GLY B 535 -1.66 -4.95 10.22
C GLY B 535 -0.54 -4.70 11.17
N SER B 536 -0.53 -5.49 12.24
CA SER B 536 0.55 -5.49 13.26
C SER B 536 0.90 -6.90 13.62
N LEU B 537 1.07 -7.75 12.60
CA LEU B 537 1.37 -9.17 12.79
C LEU B 537 2.82 -9.40 13.25
N PRO B 538 3.14 -10.55 13.81
CA PRO B 538 4.50 -10.78 14.36
C PRO B 538 5.56 -10.65 13.33
N GLN B 539 6.58 -9.85 13.59
CA GLN B 539 7.64 -9.47 12.66
C GLN B 539 8.90 -9.07 13.34
N PHE B 540 10.01 -9.28 12.63
CA PHE B 540 11.25 -8.63 13.02
C PHE B 540 11.30 -7.23 12.43
N MET B 541 11.75 -6.30 13.24
CA MET B 541 11.97 -4.87 12.81
C MET B 541 13.32 -4.71 12.11
N GLU B 542 13.39 -3.64 11.30
CA GLU B 542 14.61 -3.32 10.58
C GLU B 542 15.81 -3.31 11.49
N PRO B 543 16.95 -3.79 11.04
CA PRO B 543 18.17 -3.90 11.95
C PRO B 543 18.55 -2.52 12.44
N GLY B 544 18.61 -2.31 13.74
CA GLY B 544 18.96 -1.04 14.30
C GLY B 544 17.84 -0.03 14.57
N LEU B 545 16.60 -0.34 14.13
CA LEU B 545 15.42 0.48 14.51
C LEU B 545 15.27 0.74 15.97
N CYS B 546 15.64 -0.28 16.77
CA CYS B 546 15.58 -0.22 18.22
C CYS B 546 16.60 0.70 18.88
N LEU B 547 17.62 1.18 18.16
CA LEU B 547 18.51 2.24 18.66
C LEU B 547 19.20 1.85 19.98
N HIS B 548 19.69 0.61 20.07
CA HIS B 548 20.39 0.07 21.24
C HIS B 548 21.78 -0.37 20.92
N LEU B 549 22.36 0.31 19.97
CA LEU B 549 23.75 0.04 19.50
C LEU B 549 24.72 0.16 20.62
N GLY B 550 25.62 -0.84 20.73
CA GLY B 550 26.64 -0.84 21.80
C GLY B 550 27.94 -1.22 21.21
N GLY B 551 28.99 -1.14 22.01
CA GLY B 551 30.30 -1.72 21.67
C GLY B 551 31.13 -1.04 20.64
N THR B 552 30.73 0.15 20.20
CA THR B 552 31.54 0.84 19.18
C THR B 552 32.83 1.49 19.71
N HIS B 553 32.99 1.62 21.03
CA HIS B 553 34.18 2.13 21.64
C HIS B 553 34.30 1.42 23.00
N ARG B 554 34.38 0.11 22.96
CA ARG B 554 34.01 -0.73 24.07
C ARG B 554 34.97 -0.69 25.29
N MET B 555 34.45 -1.02 26.46
CA MET B 555 35.18 -1.09 27.72
C MET B 555 35.77 -2.50 27.96
N GLY B 556 36.90 -2.52 28.61
CA GLY B 556 37.41 -3.75 29.21
C GLY B 556 38.58 -3.46 30.12
N PHE B 557 39.20 -4.51 30.65
CA PHE B 557 40.31 -4.29 31.61
C PHE B 557 41.62 -4.14 30.90
N ASP B 558 41.80 -4.80 29.73
CA ASP B 558 43.08 -4.80 29.04
C ASP B 558 42.84 -4.55 27.59
N GLU B 559 43.50 -3.51 27.04
CA GLU B 559 43.24 -3.12 25.67
C GLU B 559 43.36 -4.30 24.67
N LYS B 560 44.47 -5.07 24.73
CA LYS B 560 44.66 -6.17 23.80
C LYS B 560 43.85 -7.40 24.20
N GLU B 561 43.91 -7.85 25.46
CA GLU B 561 43.29 -9.11 25.86
C GLU B 561 41.77 -9.04 25.75
N ASP B 562 41.18 -7.88 26.06
CA ASP B 562 39.74 -7.69 26.04
C ASP B 562 39.24 -6.95 24.76
N ASN B 563 40.13 -6.63 23.82
CA ASN B 563 39.79 -6.12 22.48
C ASN B 563 38.93 -4.86 22.70
N CYS B 564 39.53 -3.87 23.36
CA CYS B 564 38.74 -2.77 23.84
C CYS B 564 39.44 -1.41 23.69
N CYS B 565 38.66 -0.37 23.96
CA CYS B 565 39.08 0.98 23.74
C CYS B 565 39.22 1.89 24.99
N VAL B 566 38.38 1.60 26.01
CA VAL B 566 38.44 2.29 27.27
C VAL B 566 38.51 1.25 28.39
N ASN B 567 39.10 1.71 29.46
CA ASN B 567 39.15 0.92 30.68
C ASN B 567 37.92 1.16 31.56
N THR B 568 37.89 0.57 32.78
CA THR B 568 36.71 0.67 33.60
C THR B 568 36.46 2.04 34.22
N ASP B 569 37.40 2.98 34.05
CA ASP B 569 37.15 4.40 34.34
C ASP B 569 36.65 5.13 33.12
N SER B 570 36.39 4.40 32.02
CA SER B 570 35.96 4.99 30.69
C SER B 570 37.05 5.91 30.12
N ARG B 571 38.32 5.64 30.52
CA ARG B 571 39.42 6.43 30.05
C ARG B 571 39.95 5.72 28.83
N VAL B 572 40.30 6.49 27.77
CA VAL B 572 40.86 5.90 26.54
C VAL B 572 42.29 5.44 26.88
N PHE B 573 42.62 4.20 26.61
CA PHE B 573 43.93 3.67 26.92
C PHE B 573 45.03 4.57 26.34
N GLY B 574 45.96 4.82 27.23
CA GLY B 574 47.16 5.56 26.86
C GLY B 574 47.02 7.06 27.08
N PHE B 575 45.76 7.56 27.19
CA PHE B 575 45.52 8.99 27.26
C PHE B 575 45.15 9.41 28.67
N LYS B 576 45.85 10.33 29.20
CA LYS B 576 45.63 10.75 30.60
C LYS B 576 44.26 11.39 30.81
N ASN B 577 43.71 12.07 29.80
CA ASN B 577 42.68 13.11 30.05
C ASN B 577 41.52 13.01 29.06
N LEU B 578 41.30 11.82 28.50
CA LEU B 578 40.27 11.61 27.45
C LEU B 578 39.40 10.47 27.92
N PHE B 579 38.06 10.78 27.96
CA PHE B 579 37.05 9.83 28.45
C PHE B 579 35.92 9.75 27.48
N LEU B 580 35.35 8.57 27.42
CA LEU B 580 34.18 8.36 26.63
C LEU B 580 33.01 7.92 27.45
N GLY B 581 31.80 8.41 27.15
CA GLY B 581 30.59 7.97 27.82
C GLY B 581 29.62 7.52 26.78
N GLY B 582 28.75 6.58 27.22
CA GLY B 582 27.65 6.15 26.42
C GLY B 582 27.57 4.65 26.23
N CYS B 583 26.57 4.27 25.44
CA CYS B 583 26.22 2.88 25.16
C CYS B 583 27.34 2.27 24.28
N GLY B 584 28.21 3.07 23.61
CA GLY B 584 29.32 2.49 22.83
C GLY B 584 30.37 1.84 23.75
N ASN B 585 30.32 2.22 25.02
CA ASN B 585 31.16 1.62 26.04
C ASN B 585 30.82 0.14 26.35
N ILE B 586 29.58 -0.22 26.22
CA ILE B 586 29.11 -1.52 26.77
C ILE B 586 29.65 -2.59 25.86
N PRO B 587 30.36 -3.60 26.42
CA PRO B 587 31.10 -4.60 25.55
C PRO B 587 30.39 -5.97 25.49
N THR B 588 29.28 -6.09 26.19
CA THR B 588 28.60 -7.36 26.36
C THR B 588 27.45 -7.54 25.35
N ALA B 589 26.83 -8.74 25.43
CA ALA B 589 25.62 -9.00 24.73
C ALA B 589 24.47 -8.73 25.71
N TYR B 590 23.65 -7.72 25.36
CA TYR B 590 22.52 -7.33 26.31
C TYR B 590 21.24 -7.19 25.51
N GLY B 591 20.11 -7.57 26.17
CA GLY B 591 18.79 -7.45 25.59
C GLY B 591 18.01 -6.30 26.21
N ALA B 592 18.30 -5.88 27.48
CA ALA B 592 17.62 -4.84 28.17
C ALA B 592 18.03 -3.43 27.59
N ASN B 593 17.24 -2.45 27.90
CA ASN B 593 17.47 -1.06 27.35
C ASN B 593 18.77 -0.55 28.05
N PRO B 594 19.76 -0.02 27.30
CA PRO B 594 21.14 0.16 27.83
C PRO B 594 21.38 1.48 28.55
N THR B 595 20.56 2.54 28.48
CA THR B 595 20.95 3.88 28.91
C THR B 595 21.33 3.87 30.40
N LEU B 596 20.53 3.24 31.29
CA LEU B 596 20.80 3.20 32.68
C LEU B 596 22.22 2.63 32.98
N THR B 597 22.56 1.61 32.25
CA THR B 597 23.89 0.97 32.37
C THR B 597 24.99 1.93 31.94
N ALA B 598 24.83 2.61 30.82
CA ALA B 598 25.73 3.68 30.41
C ALA B 598 25.86 4.78 31.46
N MET B 599 24.76 5.26 32.04
CA MET B 599 24.80 6.24 33.07
C MET B 599 25.63 5.76 34.25
N SER B 600 25.42 4.55 34.66
CA SER B 600 26.17 3.98 35.76
C SER B 600 27.71 3.95 35.48
N LEU B 601 28.12 3.66 34.26
CA LEU B 601 29.51 3.67 33.90
C LEU B 601 30.03 5.09 33.96
N ALA B 602 29.20 6.08 33.55
CA ALA B 602 29.58 7.47 33.58
C ALA B 602 29.81 7.98 34.97
N ILE B 603 28.95 7.57 35.90
CA ILE B 603 29.14 7.92 37.32
C ILE B 603 30.50 7.40 37.85
N LYS B 604 30.81 6.15 37.50
CA LYS B 604 32.10 5.61 37.89
C LYS B 604 33.33 6.34 37.27
N SER B 605 33.15 6.79 36.04
CA SER B 605 34.19 7.53 35.30
C SER B 605 34.43 8.82 36.06
N CYS B 606 33.36 9.50 36.43
CA CYS B 606 33.44 10.70 37.30
C CYS B 606 34.18 10.57 38.56
N GLU B 607 34.03 9.44 39.20
CA GLU B 607 34.82 9.12 40.38
C GLU B 607 36.31 9.24 40.11
N TYR B 608 36.80 8.67 39.01
CA TYR B 608 38.15 8.73 38.59
C TYR B 608 38.57 10.12 38.26
N ILE B 609 37.72 10.86 37.61
CA ILE B 609 38.05 12.28 37.40
C ILE B 609 38.29 13.04 38.65
N LYS B 610 37.38 12.89 39.62
CA LYS B 610 37.51 13.56 40.86
C LYS B 610 38.76 13.19 41.67
N GLN B 611 39.29 11.98 41.41
CA GLN B 611 40.46 11.52 42.10
C GLN B 611 41.75 11.95 41.43
N ASN B 612 41.69 12.53 40.25
CA ASN B 612 42.92 12.73 39.40
C ASN B 612 43.06 14.14 38.79
N PHE B 613 42.02 14.96 38.94
CA PHE B 613 42.05 16.36 38.42
C PHE B 613 41.48 17.31 39.48
N THR B 614 42.15 18.42 39.67
CA THR B 614 41.76 19.45 40.62
C THR B 614 40.93 20.56 39.93
N PRO B 615 39.73 20.86 40.48
CA PRO B 615 39.01 22.03 39.91
C PRO B 615 39.78 23.32 40.05
N SER B 616 39.71 24.20 39.07
CA SER B 616 40.29 25.52 39.19
C SER B 616 39.57 26.30 40.31
N PRO B 617 40.29 27.23 40.98
CA PRO B 617 39.66 28.08 42.00
C PRO B 617 38.51 28.95 41.35
N PHE B 618 37.37 29.07 42.04
CA PHE B 618 36.17 29.72 41.44
C PHE B 618 36.49 31.14 40.92
N LYS C 46 5.73 -34.64 -43.60
CA LYS C 46 5.72 -33.83 -44.90
C LYS C 46 4.41 -33.09 -45.32
N TYR C 47 4.47 -31.74 -45.35
CA TYR C 47 3.34 -30.87 -45.63
C TYR C 47 3.66 -29.89 -46.77
N ASP C 48 2.63 -29.31 -47.35
CA ASP C 48 2.86 -28.19 -48.27
C ASP C 48 3.33 -26.95 -47.57
N VAL C 49 2.63 -26.63 -46.48
CA VAL C 49 2.84 -25.38 -45.75
C VAL C 49 2.86 -25.73 -44.27
N VAL C 50 3.92 -25.32 -43.55
CA VAL C 50 3.87 -25.33 -42.10
C VAL C 50 3.78 -23.91 -41.57
N ILE C 51 2.91 -23.76 -40.57
CA ILE C 51 2.70 -22.48 -39.91
C ILE C 51 3.06 -22.59 -38.45
N VAL C 52 3.93 -21.70 -37.98
CA VAL C 52 4.34 -21.72 -36.58
C VAL C 52 3.46 -20.63 -35.87
N GLY C 53 2.52 -21.05 -35.01
CA GLY C 53 1.65 -20.11 -34.24
C GLY C 53 0.21 -20.12 -34.69
N SER C 54 -0.71 -20.23 -33.75
CA SER C 54 -2.15 -20.31 -33.98
C SER C 54 -2.87 -19.02 -33.54
N GLY C 55 -2.13 -17.92 -33.47
CA GLY C 55 -2.74 -16.61 -33.30
C GLY C 55 -3.58 -16.16 -34.51
N PRO C 56 -4.10 -14.94 -34.45
CA PRO C 56 -4.92 -14.51 -35.55
C PRO C 56 -4.12 -14.33 -36.88
N ILE C 57 -2.83 -14.07 -36.80
CA ILE C 57 -2.06 -13.95 -38.03
C ILE C 57 -1.76 -15.34 -38.61
N GLY C 58 -1.32 -16.34 -37.80
CA GLY C 58 -1.19 -17.70 -38.31
C GLY C 58 -2.50 -18.20 -38.91
N CYS C 59 -3.60 -17.83 -38.26
CA CYS C 59 -4.94 -18.20 -38.71
C CYS C 59 -5.35 -17.53 -40.06
N THR C 60 -4.80 -16.37 -40.36
CA THR C 60 -4.99 -15.73 -41.65
C THR C 60 -4.33 -16.60 -42.77
N TYR C 61 -3.08 -16.96 -42.53
CA TYR C 61 -2.36 -17.88 -43.45
C TYR C 61 -3.09 -19.21 -43.57
N ALA C 62 -3.64 -19.73 -42.46
CA ALA C 62 -4.37 -21.03 -42.55
C ALA C 62 -5.64 -20.82 -43.36
N ARG C 63 -6.38 -19.76 -43.06
CA ARG C 63 -7.63 -19.52 -43.75
C ARG C 63 -7.38 -19.46 -45.28
N GLU C 64 -6.35 -18.73 -45.66
CA GLU C 64 -6.06 -18.50 -47.09
C GLU C 64 -5.56 -19.77 -47.76
N LEU C 65 -4.65 -20.46 -47.11
CA LEU C 65 -3.90 -21.54 -47.78
C LEU C 65 -4.66 -22.87 -47.68
N VAL C 66 -5.33 -23.12 -46.54
CA VAL C 66 -6.15 -24.34 -46.38
C VAL C 66 -7.26 -24.20 -47.41
N GLY C 67 -7.85 -23.02 -47.47
CA GLY C 67 -8.89 -22.73 -48.46
C GLY C 67 -8.53 -22.87 -49.93
N ALA C 68 -7.28 -22.55 -50.27
CA ALA C 68 -6.77 -22.73 -51.64
C ALA C 68 -6.27 -24.16 -51.91
N GLY C 69 -6.46 -25.11 -50.98
CA GLY C 69 -6.18 -26.52 -51.27
C GLY C 69 -4.79 -27.01 -50.85
N TYR C 70 -4.03 -26.17 -50.14
CA TYR C 70 -2.71 -26.61 -49.67
C TYR C 70 -2.86 -27.59 -48.50
N LYS C 71 -1.97 -28.54 -48.40
CA LYS C 71 -1.84 -29.40 -47.22
C LYS C 71 -1.09 -28.65 -46.09
N VAL C 72 -1.83 -28.23 -45.05
CA VAL C 72 -1.27 -27.27 -44.02
C VAL C 72 -1.18 -27.96 -42.69
N ALA C 73 -0.03 -27.77 -42.05
CA ALA C 73 0.18 -28.12 -40.61
C ALA C 73 0.43 -26.82 -39.90
N MET C 74 -0.20 -26.72 -38.72
CA MET C 74 0.04 -25.63 -37.78
C MET C 74 0.47 -26.18 -36.40
N PHE C 75 1.52 -25.59 -35.89
CA PHE C 75 2.07 -25.92 -34.55
C PHE C 75 1.88 -24.76 -33.61
N ASP C 76 1.52 -25.12 -32.41
CA ASP C 76 1.55 -24.11 -31.34
C ASP C 76 2.15 -24.71 -30.07
N ILE C 77 2.97 -23.89 -29.41
CA ILE C 77 3.66 -24.24 -28.20
C ILE C 77 2.65 -24.38 -27.03
N GLY C 78 1.55 -23.64 -27.13
CA GLY C 78 0.49 -23.74 -26.14
C GLY C 78 -0.65 -24.69 -26.49
N GLU C 79 -1.66 -24.69 -25.65
CA GLU C 79 -2.68 -25.74 -25.68
C GLU C 79 -4.09 -25.20 -25.88
N ILE C 80 -4.99 -26.12 -26.21
CA ILE C 80 -6.38 -25.83 -26.42
C ILE C 80 -7.02 -25.83 -25.03
N ASP C 81 -7.50 -24.66 -24.65
CA ASP C 81 -7.97 -24.47 -23.31
C ASP C 81 -9.21 -23.62 -23.13
N SER C 82 -9.87 -23.22 -24.26
CA SER C 82 -10.96 -22.18 -24.50
C SER C 82 -12.40 -22.71 -24.71
N GLY C 83 -12.71 -23.96 -24.44
CA GLY C 83 -13.98 -24.49 -24.88
C GLY C 83 -13.93 -25.15 -26.27
N LEU C 84 -15.07 -25.52 -26.79
CA LEU C 84 -15.14 -26.37 -28.00
C LEU C 84 -14.87 -25.60 -29.27
N LYS C 85 -14.95 -24.27 -29.21
CA LYS C 85 -14.55 -23.40 -30.34
C LYS C 85 -13.08 -23.09 -30.09
N ILE C 86 -12.27 -23.80 -30.85
CA ILE C 86 -10.82 -23.81 -30.64
C ILE C 86 -10.24 -22.42 -30.96
N GLY C 87 -9.46 -21.86 -29.99
CA GLY C 87 -8.84 -20.55 -30.23
C GLY C 87 -9.82 -19.35 -30.20
N ALA C 88 -11.00 -19.54 -29.61
CA ALA C 88 -12.05 -18.50 -29.44
C ALA C 88 -11.84 -17.55 -28.25
N HIS C 89 -12.54 -16.44 -28.29
CA HIS C 89 -12.40 -15.42 -27.22
C HIS C 89 -12.90 -15.94 -25.88
N LYS C 90 -12.00 -15.89 -24.88
CA LYS C 90 -12.36 -16.30 -23.54
C LYS C 90 -13.41 -15.47 -22.85
N LYS C 91 -13.69 -14.26 -23.38
CA LYS C 91 -14.70 -13.36 -22.69
C LYS C 91 -16.11 -13.69 -23.18
N ASN C 92 -16.23 -14.60 -24.17
CA ASN C 92 -17.52 -15.08 -24.67
C ASN C 92 -18.18 -16.19 -23.87
N THR C 93 -18.23 -16.03 -22.57
CA THR C 93 -19.07 -16.85 -21.73
C THR C 93 -20.11 -15.96 -21.04
N VAL C 94 -21.26 -16.56 -20.73
CA VAL C 94 -22.30 -15.85 -20.02
C VAL C 94 -21.75 -15.29 -18.70
N GLU C 95 -20.97 -16.12 -18.00
CA GLU C 95 -20.43 -15.72 -16.73
C GLU C 95 -19.47 -14.51 -16.82
N TYR C 96 -18.62 -14.46 -17.83
CA TYR C 96 -17.69 -13.33 -17.91
C TYR C 96 -18.49 -12.08 -18.26
N GLN C 97 -19.49 -12.18 -19.11
CA GLN C 97 -20.21 -10.96 -19.45
C GLN C 97 -21.18 -10.45 -18.36
N LYS C 98 -21.60 -11.32 -17.43
CA LYS C 98 -22.27 -10.85 -16.21
C LYS C 98 -21.29 -10.45 -15.13
N ASN C 99 -19.99 -10.73 -15.30
CA ASN C 99 -18.97 -10.44 -14.25
C ASN C 99 -17.78 -9.84 -14.95
N ILE C 100 -17.97 -8.74 -15.69
CA ILE C 100 -16.89 -8.30 -16.57
C ILE C 100 -15.60 -7.83 -15.86
N ASP C 101 -15.73 -7.39 -14.62
CA ASP C 101 -14.53 -7.09 -13.77
C ASP C 101 -13.64 -8.24 -13.43
N LYS C 102 -14.11 -9.47 -13.68
CA LYS C 102 -13.28 -10.68 -13.46
C LYS C 102 -12.35 -11.03 -14.57
N PHE C 103 -12.63 -10.53 -15.77
CA PHE C 103 -11.84 -10.91 -16.90
C PHE C 103 -10.35 -10.48 -16.92
N VAL C 104 -10.02 -9.40 -16.19
CA VAL C 104 -8.61 -9.00 -16.04
C VAL C 104 -7.78 -10.20 -15.54
N ASN C 105 -8.37 -11.07 -14.73
CA ASN C 105 -7.64 -12.27 -14.23
C ASN C 105 -7.29 -13.23 -15.33
N VAL C 106 -8.15 -13.36 -16.35
CA VAL C 106 -7.86 -14.19 -17.48
C VAL C 106 -6.67 -13.61 -18.23
N ILE C 107 -6.71 -12.30 -18.45
CA ILE C 107 -5.59 -11.63 -19.15
C ILE C 107 -4.28 -11.87 -18.36
N GLN C 108 -4.28 -11.57 -17.06
CA GLN C 108 -3.11 -11.68 -16.25
C GLN C 108 -2.55 -13.05 -16.20
N GLY C 109 -3.48 -14.03 -16.14
CA GLY C 109 -3.09 -15.44 -16.17
C GLY C 109 -2.33 -15.93 -17.34
N GLN C 110 -2.39 -15.18 -18.43
CA GLN C 110 -1.76 -15.70 -19.66
C GLN C 110 -0.85 -14.61 -20.29
N LEU C 111 -0.42 -13.69 -19.45
CA LEU C 111 0.62 -12.76 -19.85
C LEU C 111 1.91 -13.01 -19.08
N MET C 112 2.89 -13.62 -19.72
CA MET C 112 4.09 -14.08 -19.11
C MET C 112 5.16 -13.03 -19.52
N SER C 113 5.78 -12.37 -18.57
CA SER C 113 6.75 -11.29 -18.89
C SER C 113 7.94 -11.77 -19.72
N VAL C 114 8.32 -10.92 -20.68
CA VAL C 114 9.34 -11.29 -21.66
C VAL C 114 10.74 -11.23 -21.00
N SER C 115 11.04 -10.15 -20.30
CA SER C 115 12.41 -9.95 -19.77
C SER C 115 12.23 -9.17 -18.41
N VAL C 116 12.58 -9.88 -17.33
CA VAL C 116 12.54 -9.41 -15.94
C VAL C 116 13.99 -9.26 -15.43
N PRO C 117 14.40 -8.00 -15.15
CA PRO C 117 15.78 -7.79 -14.69
C PRO C 117 15.96 -8.42 -13.27
N VAL C 118 17.22 -8.63 -12.94
CA VAL C 118 17.56 -9.13 -11.59
C VAL C 118 17.05 -8.13 -10.55
N ASN C 119 16.35 -8.69 -9.56
CA ASN C 119 15.72 -7.97 -8.46
C ASN C 119 16.78 -7.43 -7.44
N THR C 120 16.67 -6.13 -7.07
CA THR C 120 17.56 -5.53 -6.06
C THR C 120 16.81 -4.93 -4.91
N LEU C 121 15.59 -5.45 -4.63
CA LEU C 121 14.86 -5.04 -3.50
C LEU C 121 15.54 -5.57 -2.25
N VAL C 122 15.55 -4.73 -1.19
CA VAL C 122 16.22 -5.06 0.05
C VAL C 122 15.19 -5.57 1.03
N VAL C 123 15.35 -6.83 1.45
CA VAL C 123 14.56 -7.42 2.55
C VAL C 123 15.49 -7.64 3.70
N ASP C 124 15.37 -6.78 4.71
CA ASP C 124 16.27 -6.86 5.85
C ASP C 124 15.58 -7.13 7.14
N THR C 125 14.39 -7.72 7.06
CA THR C 125 13.60 -8.12 8.20
C THR C 125 13.34 -9.64 8.20
N LEU C 126 14.15 -10.40 7.49
CA LEU C 126 14.15 -11.84 7.73
C LEU C 126 14.54 -12.17 9.17
N SER C 127 14.08 -13.28 9.68
CA SER C 127 14.66 -13.81 10.90
C SER C 127 16.16 -14.04 10.75
N PRO C 128 16.92 -13.93 11.82
CA PRO C 128 18.35 -14.28 11.75
C PRO C 128 18.60 -15.79 11.45
N THR C 129 17.61 -16.69 11.71
CA THR C 129 17.78 -18.08 11.34
C THR C 129 17.54 -18.43 9.90
N SER C 130 16.91 -17.56 9.17
CA SER C 130 16.58 -17.81 7.73
C SER C 130 17.77 -17.60 6.83
N TRP C 131 17.86 -18.41 5.81
CA TRP C 131 18.90 -18.25 4.80
C TRP C 131 18.73 -16.87 4.15
N GLN C 132 19.85 -16.10 4.18
CA GLN C 132 19.87 -14.68 3.75
C GLN C 132 20.91 -14.55 2.64
N ALA C 133 20.52 -13.91 1.53
CA ALA C 133 21.44 -13.69 0.41
C ALA C 133 22.56 -12.74 0.80
N SER C 134 23.74 -12.99 0.18
CA SER C 134 24.89 -12.05 0.18
C SER C 134 24.94 -11.13 -0.97
N THR C 135 24.32 -11.53 -2.09
CA THR C 135 24.33 -10.73 -3.30
C THR C 135 22.92 -10.76 -3.87
N PHE C 136 22.72 -9.92 -4.88
CA PHE C 136 21.52 -9.96 -5.70
C PHE C 136 21.76 -10.90 -6.89
N PHE C 137 21.71 -12.18 -6.54
CA PHE C 137 21.98 -13.23 -7.49
C PHE C 137 20.79 -13.49 -8.44
N VAL C 138 20.99 -14.29 -9.47
CA VAL C 138 19.86 -14.53 -10.41
C VAL C 138 18.82 -15.49 -9.82
N ARG C 139 17.67 -14.96 -9.45
CA ARG C 139 16.62 -15.67 -8.72
C ARG C 139 15.42 -15.71 -9.67
N ASN C 140 14.56 -16.71 -9.47
CA ASN C 140 13.18 -16.66 -9.97
C ASN C 140 13.00 -16.45 -11.52
N GLY C 141 13.93 -16.97 -12.32
CA GLY C 141 13.81 -16.83 -13.77
C GLY C 141 14.20 -15.46 -14.34
N SER C 142 14.78 -14.60 -13.51
CA SER C 142 15.25 -13.34 -13.97
C SER C 142 16.43 -13.35 -14.96
N ASN C 143 16.51 -12.27 -15.70
CA ASN C 143 17.40 -12.17 -16.87
C ASN C 143 18.57 -11.23 -16.50
N PRO C 144 19.74 -11.79 -16.22
CA PRO C 144 20.86 -10.90 -15.83
C PRO C 144 21.46 -10.09 -16.97
N GLU C 145 21.03 -10.32 -18.21
CA GLU C 145 21.46 -9.49 -19.35
C GLU C 145 20.78 -8.15 -19.36
N GLN C 146 19.62 -8.09 -18.71
CA GLN C 146 18.69 -6.95 -18.87
C GLN C 146 19.01 -5.71 -18.02
N ASP C 147 19.32 -4.57 -18.67
CA ASP C 147 19.41 -3.29 -17.97
C ASP C 147 17.98 -2.91 -17.54
N PRO C 148 17.67 -2.85 -16.24
CA PRO C 148 16.31 -2.49 -15.81
C PRO C 148 15.84 -1.12 -16.30
N LEU C 149 16.79 -0.23 -16.58
CA LEU C 149 16.47 1.12 -17.08
C LEU C 149 16.29 1.25 -18.62
N ARG C 150 16.54 0.19 -19.36
CA ARG C 150 16.38 0.20 -20.88
C ARG C 150 15.53 -0.93 -21.30
N ASN C 151 14.43 -1.14 -20.56
CA ASN C 151 13.59 -2.33 -20.73
C ASN C 151 12.22 -1.95 -21.30
N LEU C 152 11.54 -2.98 -21.81
CA LEU C 152 10.10 -2.90 -21.94
C LEU C 152 9.49 -3.83 -20.86
N SER C 153 9.49 -3.35 -19.62
CA SER C 153 9.08 -4.22 -18.53
C SER C 153 7.66 -4.81 -18.65
N GLY C 154 6.74 -4.10 -19.36
CA GLY C 154 5.37 -4.54 -19.50
C GLY C 154 5.16 -5.50 -20.64
N GLN C 155 6.20 -5.67 -21.45
CA GLN C 155 6.10 -6.65 -22.56
C GLN C 155 5.88 -8.06 -22.01
N ALA C 156 4.97 -8.79 -22.62
CA ALA C 156 4.55 -10.12 -22.18
C ALA C 156 4.12 -10.93 -23.42
N VAL C 157 4.11 -12.23 -23.27
CA VAL C 157 3.65 -13.18 -24.27
C VAL C 157 2.60 -14.11 -23.73
N THR C 158 1.87 -14.64 -24.68
CA THR C 158 0.74 -15.56 -24.44
C THR C 158 0.98 -16.84 -25.20
N ARG C 159 0.97 -17.96 -24.50
CA ARG C 159 1.15 -19.25 -25.08
C ARG C 159 -0.09 -20.14 -24.86
N VAL C 160 -1.06 -19.96 -25.74
CA VAL C 160 -2.28 -20.77 -25.73
C VAL C 160 -2.78 -20.77 -27.20
N VAL C 161 -3.51 -21.82 -27.61
CA VAL C 161 -4.06 -21.87 -29.00
C VAL C 161 -5.04 -20.64 -29.20
N GLY C 162 -4.80 -19.87 -30.26
CA GLY C 162 -5.49 -18.63 -30.51
C GLY C 162 -4.63 -17.44 -30.14
N GLY C 163 -3.49 -17.73 -29.49
CA GLY C 163 -2.66 -16.61 -28.98
C GLY C 163 -3.29 -15.53 -28.11
N MET C 164 -2.94 -14.31 -28.44
CA MET C 164 -3.42 -13.17 -27.62
C MET C 164 -4.84 -12.81 -28.04
N SER C 165 -5.33 -13.29 -29.16
CA SER C 165 -6.71 -13.06 -29.59
C SER C 165 -7.73 -13.80 -28.78
N THR C 166 -7.26 -14.64 -27.87
CA THR C 166 -8.16 -15.24 -26.87
C THR C 166 -8.55 -14.26 -25.76
N HIS C 167 -7.87 -13.09 -25.66
CA HIS C 167 -8.12 -12.16 -24.56
C HIS C 167 -8.25 -10.70 -25.02
N TRP C 168 -7.91 -10.43 -26.29
CA TRP C 168 -7.71 -9.03 -26.77
C TRP C 168 -8.95 -8.16 -26.73
N THR C 169 -8.75 -6.87 -26.88
CA THR C 169 -9.85 -5.87 -26.84
C THR C 169 -10.71 -5.81 -28.13
N CYS C 170 -10.19 -6.32 -29.24
CA CYS C 170 -10.89 -6.38 -30.53
C CYS C 170 -10.96 -5.06 -31.27
N ALA C 171 -10.16 -4.07 -30.85
CA ALA C 171 -10.13 -2.77 -31.57
C ALA C 171 -9.27 -2.97 -32.82
N THR C 172 -9.92 -2.72 -33.95
CA THR C 172 -9.36 -2.89 -35.29
C THR C 172 -9.49 -1.63 -36.18
N PRO C 173 -8.82 -0.53 -35.86
CA PRO C 173 -8.77 0.63 -36.76
C PRO C 173 -7.80 0.41 -37.93
N ARG C 174 -8.07 1.09 -39.04
CA ARG C 174 -7.04 1.23 -40.08
C ARG C 174 -6.02 2.33 -39.72
N PHE C 175 -4.80 2.16 -40.19
CA PHE C 175 -3.80 3.20 -40.20
C PHE C 175 -4.10 4.16 -41.36
N ASP C 176 -4.03 5.46 -41.07
CA ASP C 176 -3.95 6.50 -42.14
C ASP C 176 -2.55 6.52 -42.78
N ARG C 177 -2.38 7.24 -43.91
CA ARG C 177 -1.05 7.26 -44.57
C ARG C 177 0.13 7.59 -43.67
N GLU C 178 -0.04 8.51 -42.72
CA GLU C 178 1.10 8.93 -41.92
C GLU C 178 1.67 7.80 -41.04
N GLN C 179 0.84 6.79 -40.71
CA GLN C 179 1.20 5.69 -39.81
C GLN C 179 1.60 4.38 -40.56
N ARG C 180 1.48 4.38 -41.90
CA ARG C 180 1.35 3.12 -42.66
C ARG C 180 2.56 2.90 -43.54
N PRO C 181 3.06 1.65 -43.61
CA PRO C 181 4.15 1.44 -44.56
C PRO C 181 3.62 1.49 -46.00
N LEU C 182 4.48 1.90 -46.90
CA LEU C 182 4.14 1.86 -48.33
C LEU C 182 4.16 0.43 -48.86
N LEU C 183 3.16 0.15 -49.69
CA LEU C 183 3.14 -1.08 -50.48
C LEU C 183 3.39 -0.79 -51.97
N VAL C 184 3.18 0.46 -52.38
CA VAL C 184 3.50 0.91 -53.75
C VAL C 184 4.35 2.20 -53.65
N LYS C 185 5.51 2.25 -54.32
CA LYS C 185 6.31 3.51 -54.36
C LYS C 185 5.72 4.58 -55.32
N ASP C 186 5.92 5.84 -55.01
CA ASP C 186 5.69 6.95 -55.95
C ASP C 186 4.36 6.84 -56.68
N ASP C 187 3.31 6.53 -55.94
CA ASP C 187 1.97 6.52 -56.49
C ASP C 187 0.99 6.42 -55.34
N ALA C 188 0.68 7.56 -54.72
CA ALA C 188 -0.14 7.54 -53.49
C ALA C 188 -1.53 6.91 -53.73
N ASP C 189 -2.13 7.17 -54.89
CA ASP C 189 -3.45 6.59 -55.20
C ASP C 189 -3.43 5.05 -55.30
N ALA C 190 -2.39 4.50 -55.93
CA ALA C 190 -2.25 3.06 -56.06
C ALA C 190 -1.94 2.44 -54.67
N ASP C 191 -1.06 3.07 -53.90
CA ASP C 191 -0.79 2.64 -52.50
C ASP C 191 -2.10 2.61 -51.65
N ASP C 192 -2.88 3.69 -51.70
CA ASP C 192 -4.22 3.76 -51.04
C ASP C 192 -5.13 2.64 -51.51
N ALA C 193 -5.19 2.41 -52.83
CA ALA C 193 -6.09 1.37 -53.37
C ALA C 193 -5.79 -0.02 -52.84
N GLU C 194 -4.50 -0.35 -52.81
CA GLU C 194 -3.99 -1.63 -52.27
C GLU C 194 -4.35 -1.77 -50.79
N TRP C 195 -4.10 -0.72 -50.02
CA TRP C 195 -4.41 -0.81 -48.58
C TRP C 195 -5.89 -0.93 -48.34
N ASP C 196 -6.69 -0.21 -49.13
CA ASP C 196 -8.15 -0.33 -49.03
C ASP C 196 -8.65 -1.75 -49.34
N ARG C 197 -8.08 -2.36 -50.38
CA ARG C 197 -8.44 -3.72 -50.79
C ARG C 197 -8.12 -4.73 -49.64
N LEU C 198 -6.90 -4.66 -49.12
CA LEU C 198 -6.44 -5.58 -48.06
C LEU C 198 -7.19 -5.38 -46.73
N TYR C 199 -7.31 -4.10 -46.31
CA TYR C 199 -8.05 -3.80 -45.10
C TYR C 199 -9.52 -4.25 -45.13
N THR C 200 -10.17 -4.10 -46.28
CA THR C 200 -11.61 -4.49 -46.39
C THR C 200 -11.71 -5.99 -46.19
N LYS C 201 -10.78 -6.76 -46.80
CA LYS C 201 -10.75 -8.23 -46.61
C LYS C 201 -10.48 -8.57 -45.13
N ALA C 202 -9.52 -7.88 -44.56
CA ALA C 202 -9.12 -8.11 -43.13
C ALA C 202 -10.31 -7.87 -42.19
N GLU C 203 -11.00 -6.76 -42.41
CA GLU C 203 -12.21 -6.42 -41.67
C GLU C 203 -13.29 -7.48 -41.82
N SER C 204 -13.43 -8.10 -43.01
CA SER C 204 -14.41 -9.18 -43.15
CA SER C 204 -14.40 -9.19 -43.15
C SER C 204 -13.96 -10.44 -42.37
N TYR C 205 -12.65 -10.74 -42.39
CA TYR C 205 -12.12 -11.92 -41.61
C TYR C 205 -12.41 -11.81 -40.09
N PHE C 206 -12.27 -10.57 -39.61
CA PHE C 206 -12.38 -10.25 -38.15
C PHE C 206 -13.82 -9.94 -37.77
N GLN C 207 -14.66 -9.70 -38.79
CA GLN C 207 -16.06 -9.23 -38.58
C GLN C 207 -16.12 -7.90 -37.86
N THR C 208 -15.21 -7.02 -38.27
CA THR C 208 -15.13 -5.64 -37.81
C THR C 208 -16.42 -4.91 -38.15
N GLY C 209 -16.94 -4.20 -37.18
CA GLY C 209 -18.04 -3.22 -37.37
C GLY C 209 -17.93 -2.00 -36.44
N THR C 210 -18.90 -1.10 -36.61
CA THR C 210 -18.87 0.13 -35.88
C THR C 210 -20.24 0.46 -35.30
N ASP C 211 -21.14 -0.57 -35.16
CA ASP C 211 -22.56 -0.40 -34.80
C ASP C 211 -23.00 -1.06 -33.51
N GLN C 212 -22.07 -1.78 -32.86
CA GLN C 212 -22.44 -2.76 -31.83
C GLN C 212 -22.81 -1.98 -30.52
N PHE C 213 -22.40 -0.69 -30.39
CA PHE C 213 -22.74 0.09 -29.19
C PHE C 213 -23.68 1.27 -29.46
N LYS C 214 -24.31 1.23 -30.63
CA LYS C 214 -25.08 2.38 -31.09
C LYS C 214 -26.27 2.74 -30.19
N GLU C 215 -26.74 1.77 -29.41
CA GLU C 215 -27.85 1.98 -28.43
C GLU C 215 -27.49 1.85 -26.94
N SER C 216 -26.24 2.11 -26.68
CA SER C 216 -25.73 2.38 -25.33
C SER C 216 -25.97 3.84 -25.01
N ILE C 217 -26.61 4.07 -23.87
CA ILE C 217 -26.76 5.45 -23.28
C ILE C 217 -25.40 6.03 -22.90
N ARG C 218 -24.57 5.31 -22.12
CA ARG C 218 -23.22 5.81 -21.83
C ARG C 218 -22.35 6.11 -23.04
N HIS C 219 -22.45 5.23 -24.07
CA HIS C 219 -21.64 5.45 -25.28
C HIS C 219 -22.08 6.74 -25.94
N ASN C 220 -23.40 6.92 -26.15
CA ASN C 220 -23.88 8.16 -26.83
C ASN C 220 -23.73 9.42 -25.98
N LEU C 221 -23.85 9.29 -24.65
CA LEU C 221 -23.64 10.40 -23.75
C LEU C 221 -22.21 11.01 -23.98
N VAL C 222 -21.22 10.14 -23.96
CA VAL C 222 -19.82 10.55 -24.11
C VAL C 222 -19.51 10.98 -25.54
N LEU C 223 -19.96 10.17 -26.47
CA LEU C 223 -19.75 10.43 -27.89
C LEU C 223 -20.32 11.81 -28.28
N ASN C 224 -21.56 12.09 -27.87
CA ASN C 224 -22.19 13.34 -28.26
C ASN C 224 -21.53 14.56 -27.61
N LYS C 225 -21.11 14.42 -26.31
CA LYS C 225 -20.49 15.50 -25.67
C LYS C 225 -19.13 15.85 -26.35
N LEU C 226 -18.33 14.84 -26.64
CA LEU C 226 -17.02 15.06 -27.26
C LEU C 226 -17.22 15.64 -28.67
N THR C 227 -18.22 15.16 -29.39
CA THR C 227 -18.48 15.67 -30.78
C THR C 227 -18.77 17.19 -30.69
N GLU C 228 -19.59 17.56 -29.73
CA GLU C 228 -19.98 18.97 -29.53
C GLU C 228 -18.81 19.84 -29.08
N GLU C 229 -18.00 19.29 -28.16
CA GLU C 229 -16.90 20.07 -27.60
C GLU C 229 -15.80 20.28 -28.62
N TYR C 230 -15.71 19.37 -29.59
CA TYR C 230 -14.67 19.46 -30.63
C TYR C 230 -15.25 19.74 -32.01
N LYS C 231 -16.44 20.32 -32.02
CA LYS C 231 -17.15 20.62 -33.30
C LYS C 231 -16.23 21.42 -34.25
N GLY C 232 -16.07 20.89 -35.45
CA GLY C 232 -15.20 21.50 -36.45
C GLY C 232 -13.69 21.36 -36.21
N GLN C 233 -13.27 20.66 -35.15
CA GLN C 233 -11.86 20.48 -34.82
C GLN C 233 -11.43 19.02 -34.91
N ARG C 234 -12.22 18.14 -34.28
CA ARG C 234 -11.91 16.70 -34.28
C ARG C 234 -13.19 15.88 -34.47
N ASP C 235 -13.08 14.72 -35.15
CA ASP C 235 -14.23 13.85 -35.38
C ASP C 235 -14.14 12.67 -34.41
N PHE C 236 -15.27 12.30 -33.80
CA PHE C 236 -15.37 11.17 -32.94
C PHE C 236 -16.31 10.14 -33.53
N GLN C 237 -16.09 8.86 -33.22
CA GLN C 237 -16.92 7.74 -33.69
C GLN C 237 -16.78 6.58 -32.70
N GLN C 238 -17.51 5.51 -32.96
CA GLN C 238 -17.24 4.26 -32.23
C GLN C 238 -15.90 3.69 -32.65
N ILE C 239 -15.20 3.14 -31.66
CA ILE C 239 -14.03 2.34 -31.96
C ILE C 239 -14.45 1.22 -32.89
N PRO C 240 -13.73 1.01 -34.04
CA PRO C 240 -14.03 -0.16 -34.82
C PRO C 240 -13.66 -1.43 -34.06
N LEU C 241 -14.60 -2.38 -34.00
CA LEU C 241 -14.50 -3.54 -33.11
C LEU C 241 -14.78 -4.81 -33.91
N ALA C 242 -13.92 -5.81 -33.69
CA ALA C 242 -14.10 -7.16 -34.23
C ALA C 242 -14.98 -7.96 -33.27
N ALA C 243 -16.28 -7.94 -33.54
CA ALA C 243 -17.35 -8.27 -32.62
C ALA C 243 -18.73 -8.23 -33.32
N THR C 244 -19.59 -9.14 -32.88
CA THR C 244 -20.99 -9.16 -33.33
C THR C 244 -21.86 -9.21 -32.09
N ARG C 245 -22.73 -8.20 -31.93
CA ARG C 245 -23.67 -8.21 -30.80
C ARG C 245 -24.76 -9.31 -31.01
N ARG C 246 -24.98 -10.15 -29.99
CA ARG C 246 -25.98 -11.22 -30.06
C ARG C 246 -27.25 -10.84 -29.34
N SER C 247 -27.14 -10.03 -28.31
CA SER C 247 -28.30 -9.59 -27.55
C SER C 247 -27.95 -8.27 -26.84
N PRO C 248 -28.96 -7.58 -26.25
CA PRO C 248 -28.58 -6.37 -25.52
C PRO C 248 -27.52 -6.55 -24.38
N THR C 249 -27.27 -7.79 -23.94
CA THR C 249 -26.32 -8.00 -22.85
C THR C 249 -25.19 -8.98 -23.21
N PHE C 250 -25.06 -9.32 -24.49
CA PHE C 250 -24.00 -10.22 -24.90
C PHE C 250 -23.42 -9.84 -26.26
N VAL C 251 -22.08 -9.74 -26.28
CA VAL C 251 -21.29 -9.48 -27.48
C VAL C 251 -20.40 -10.69 -27.74
N GLU C 252 -20.51 -11.25 -28.97
CA GLU C 252 -19.58 -12.27 -29.38
C GLU C 252 -18.32 -11.59 -29.93
N TRP C 253 -17.29 -11.51 -29.11
CA TRP C 253 -16.03 -10.93 -29.50
C TRP C 253 -15.32 -11.85 -30.43
N SER C 254 -14.69 -11.30 -31.46
CA SER C 254 -13.94 -12.09 -32.44
C SER C 254 -12.57 -12.48 -31.91
N SER C 255 -11.95 -13.40 -32.62
CA SER C 255 -10.71 -14.04 -32.21
C SER C 255 -10.11 -14.76 -33.44
N ALA C 256 -9.01 -15.44 -33.20
CA ALA C 256 -8.43 -16.45 -34.19
C ALA C 256 -9.48 -17.38 -34.77
N ASN C 257 -10.41 -17.87 -33.94
CA ASN C 257 -11.43 -18.84 -34.31
C ASN C 257 -12.36 -18.22 -35.34
N THR C 258 -12.63 -16.93 -35.24
CA THR C 258 -13.45 -16.17 -36.20
C THR C 258 -12.83 -16.23 -37.58
N VAL C 259 -11.49 -16.04 -37.64
CA VAL C 259 -10.70 -16.00 -38.85
C VAL C 259 -10.63 -17.43 -39.46
N PHE C 260 -10.35 -18.43 -38.64
CA PHE C 260 -10.21 -19.83 -39.06
C PHE C 260 -10.56 -20.70 -37.82
N ASP C 261 -11.44 -21.68 -37.98
CA ASP C 261 -12.02 -22.40 -36.82
C ASP C 261 -11.10 -23.44 -36.21
N LEU C 262 -9.95 -23.65 -36.83
CA LEU C 262 -8.90 -24.54 -36.29
C LEU C 262 -9.28 -26.02 -36.15
N GLN C 263 -10.41 -26.45 -36.72
CA GLN C 263 -10.78 -27.89 -36.75
C GLN C 263 -9.91 -28.62 -37.80
N ASN C 264 -9.45 -29.80 -37.44
CA ASN C 264 -8.73 -30.58 -38.41
C ASN C 264 -9.60 -30.92 -39.61
N ARG C 265 -8.93 -30.96 -40.75
CA ARG C 265 -9.53 -31.22 -42.06
C ARG C 265 -8.74 -32.28 -42.79
N PRO C 266 -9.43 -33.12 -43.61
CA PRO C 266 -10.85 -33.00 -43.97
C PRO C 266 -11.85 -33.28 -42.85
N ASN C 267 -12.99 -32.63 -42.96
CA ASN C 267 -14.14 -32.96 -42.11
C ASN C 267 -15.39 -32.82 -42.95
N THR C 268 -16.54 -33.16 -42.37
CA THR C 268 -17.82 -33.11 -43.08
C THR C 268 -18.03 -31.75 -43.74
N ASP C 269 -17.75 -30.66 -43.04
CA ASP C 269 -18.00 -29.32 -43.58
C ASP C 269 -16.97 -28.86 -44.64
N ALA C 270 -15.81 -29.50 -44.65
CA ALA C 270 -14.73 -29.14 -45.57
C ALA C 270 -14.02 -30.44 -45.97
N PRO C 271 -14.70 -31.28 -46.81
CA PRO C 271 -14.20 -32.62 -47.17
C PRO C 271 -12.98 -32.66 -48.09
N GLU C 272 -12.72 -31.57 -48.82
CA GLU C 272 -11.60 -31.47 -49.76
C GLU C 272 -10.41 -30.68 -49.19
N GLU C 273 -10.49 -30.29 -47.90
CA GLU C 273 -9.45 -29.47 -47.24
C GLU C 273 -8.53 -30.30 -46.33
N ARG C 274 -7.31 -29.84 -46.19
CA ARG C 274 -6.26 -30.54 -45.45
C ARG C 274 -5.57 -29.59 -44.42
N PHE C 275 -5.85 -29.85 -43.15
CA PHE C 275 -5.35 -29.04 -42.06
C PHE C 275 -5.23 -29.85 -40.78
N ASN C 276 -4.05 -29.77 -40.13
CA ASN C 276 -3.83 -30.36 -38.82
C ASN C 276 -3.17 -29.30 -37.92
N LEU C 277 -3.77 -29.17 -36.72
CA LEU C 277 -3.26 -28.38 -35.63
C LEU C 277 -2.63 -29.30 -34.59
N PHE C 278 -1.41 -28.98 -34.21
CA PHE C 278 -0.62 -29.72 -33.24
C PHE C 278 -0.28 -28.77 -32.10
N PRO C 279 -1.11 -28.81 -31.06
CA PRO C 279 -0.77 -28.04 -29.82
C PRO C 279 0.34 -28.68 -28.99
N ALA C 280 0.87 -27.89 -28.04
CA ALA C 280 1.97 -28.36 -27.13
C ALA C 280 3.19 -28.80 -27.94
N VAL C 281 3.46 -28.10 -29.06
CA VAL C 281 4.70 -28.32 -29.84
C VAL C 281 5.48 -26.99 -29.89
N ALA C 282 6.69 -27.03 -29.33
CA ALA C 282 7.63 -25.88 -29.37
C ALA C 282 8.45 -25.96 -30.62
N CYS C 283 8.29 -24.96 -31.47
CA CYS C 283 9.10 -24.87 -32.75
C CYS C 283 10.43 -24.15 -32.35
N GLU C 284 11.58 -24.74 -32.73
CA GLU C 284 12.89 -24.26 -32.21
C GLU C 284 13.76 -23.62 -33.33
N ARG C 285 13.75 -24.20 -34.53
CA ARG C 285 14.71 -23.79 -35.55
C ARG C 285 14.16 -24.07 -36.91
N VAL C 286 14.44 -23.17 -37.86
CA VAL C 286 14.34 -23.52 -39.31
C VAL C 286 15.79 -23.79 -39.80
N VAL C 287 15.97 -24.83 -40.63
CA VAL C 287 17.31 -25.19 -41.09
C VAL C 287 17.53 -24.60 -42.48
N ARG C 288 18.62 -23.85 -42.60
CA ARG C 288 18.97 -23.17 -43.85
C ARG C 288 19.76 -24.17 -44.65
N ASN C 289 19.55 -24.16 -45.97
CA ASN C 289 20.51 -24.81 -46.87
C ASN C 289 21.91 -24.10 -46.86
N ALA C 290 22.92 -24.79 -47.41
CA ALA C 290 24.28 -24.24 -47.36
C ALA C 290 24.39 -22.91 -48.10
N LEU C 291 23.60 -22.74 -49.17
CA LEU C 291 23.58 -21.50 -49.99
C LEU C 291 22.89 -20.27 -49.38
N ASN C 292 22.11 -20.48 -48.29
CA ASN C 292 21.26 -19.44 -47.64
C ASN C 292 20.29 -18.90 -48.70
N SER C 293 19.70 -19.84 -49.42
CA SER C 293 18.68 -19.50 -50.40
C SER C 293 17.34 -20.19 -50.13
N GLU C 294 17.28 -21.15 -49.22
CA GLU C 294 16.05 -21.93 -48.99
C GLU C 294 16.09 -22.54 -47.54
N ILE C 295 14.92 -22.70 -46.95
CA ILE C 295 14.70 -23.51 -45.76
C ILE C 295 14.40 -24.97 -46.11
N GLU C 296 15.05 -25.86 -45.38
CA GLU C 296 15.02 -27.31 -45.54
C GLU C 296 14.21 -28.15 -44.56
N SER C 297 14.02 -27.64 -43.32
CA SER C 297 13.13 -28.31 -42.33
C SER C 297 12.85 -27.31 -41.26
N LEU C 298 11.83 -27.70 -40.49
CA LEU C 298 11.48 -27.09 -39.21
C LEU C 298 11.73 -28.11 -38.09
N HIS C 299 12.56 -27.71 -37.10
CA HIS C 299 12.85 -28.60 -35.96
C HIS C 299 11.94 -28.29 -34.79
N ILE C 300 11.24 -29.32 -34.35
CA ILE C 300 10.15 -29.12 -33.33
C ILE C 300 10.44 -30.02 -32.11
N HIS C 301 9.89 -29.62 -30.95
CA HIS C 301 9.99 -30.42 -29.73
C HIS C 301 8.55 -30.63 -29.22
N ASP C 302 8.12 -31.90 -29.22
CA ASP C 302 6.80 -32.31 -28.66
C ASP C 302 6.88 -32.30 -27.12
N LEU C 303 6.13 -31.36 -26.50
CA LEU C 303 6.22 -31.12 -25.06
C LEU C 303 5.54 -32.22 -24.25
N ILE C 304 4.64 -33.00 -24.86
CA ILE C 304 3.94 -34.09 -24.12
C ILE C 304 4.84 -35.32 -24.05
N SER C 305 5.38 -35.78 -25.19
CA SER C 305 6.29 -36.97 -25.20
C SER C 305 7.74 -36.61 -24.84
N GLY C 306 8.15 -35.36 -25.09
CA GLY C 306 9.53 -34.89 -24.97
C GLY C 306 10.41 -35.10 -26.21
N ASP C 307 9.84 -35.74 -27.25
CA ASP C 307 10.53 -36.10 -28.49
C ASP C 307 10.77 -34.90 -29.40
N ARG C 308 11.92 -34.92 -30.08
CA ARG C 308 12.24 -33.92 -31.11
C ARG C 308 12.12 -34.52 -32.54
N PHE C 309 11.56 -33.72 -33.47
CA PHE C 309 11.31 -34.13 -34.87
C PHE C 309 11.77 -33.05 -35.83
N GLU C 310 11.95 -33.47 -37.07
CA GLU C 310 12.32 -32.60 -38.18
C GLU C 310 11.14 -32.67 -39.15
N ILE C 311 10.49 -31.55 -39.40
CA ILE C 311 9.33 -31.53 -40.34
C ILE C 311 9.71 -30.82 -41.65
N LYS C 312 9.30 -31.42 -42.77
CA LYS C 312 9.61 -30.88 -44.12
C LYS C 312 8.33 -30.26 -44.67
N ALA C 313 8.49 -29.07 -45.28
CA ALA C 313 7.39 -28.40 -45.97
C ALA C 313 7.95 -27.69 -47.20
N ASP C 314 7.08 -27.43 -48.16
CA ASP C 314 7.45 -26.53 -49.30
C ASP C 314 7.62 -25.07 -48.83
N VAL C 315 6.78 -24.67 -47.88
CA VAL C 315 6.62 -23.27 -47.49
C VAL C 315 6.62 -23.23 -45.94
N TYR C 316 7.38 -22.29 -45.39
CA TYR C 316 7.51 -22.14 -43.92
C TYR C 316 7.06 -20.74 -43.56
N VAL C 317 6.02 -20.69 -42.72
CA VAL C 317 5.42 -19.43 -42.21
C VAL C 317 5.61 -19.28 -40.68
N LEU C 318 6.27 -18.20 -40.26
CA LEU C 318 6.57 -17.91 -38.83
C LEU C 318 5.59 -16.84 -38.37
N THR C 319 4.61 -17.25 -37.55
CA THR C 319 3.60 -16.30 -36.97
C THR C 319 3.52 -16.53 -35.45
N ALA C 320 4.68 -16.44 -34.82
CA ALA C 320 4.86 -16.83 -33.39
C ALA C 320 4.77 -15.57 -32.49
N GLY C 321 4.49 -14.40 -33.08
CA GLY C 321 4.41 -13.11 -32.35
C GLY C 321 5.72 -12.35 -32.63
N ALA C 322 5.67 -11.07 -32.32
CA ALA C 322 6.81 -10.19 -32.62
C ALA C 322 8.07 -10.55 -31.85
N VAL C 323 7.97 -11.06 -30.61
CA VAL C 323 9.16 -11.53 -29.93
C VAL C 323 9.60 -12.89 -30.38
N HIS C 324 8.67 -13.86 -30.42
CA HIS C 324 9.04 -15.26 -30.63
C HIS C 324 9.40 -15.56 -32.08
N ASN C 325 8.92 -14.78 -33.04
CA ASN C 325 9.42 -14.93 -34.46
C ASN C 325 10.91 -14.61 -34.55
N THR C 326 11.30 -13.55 -33.83
CA THR C 326 12.69 -13.05 -33.82
C THR C 326 13.57 -14.08 -33.10
N GLN C 327 13.05 -14.67 -32.01
CA GLN C 327 13.80 -15.64 -31.26
C GLN C 327 14.13 -16.86 -32.15
N LEU C 328 13.11 -17.31 -32.84
CA LEU C 328 13.24 -18.54 -33.67
C LEU C 328 14.21 -18.30 -34.77
N LEU C 329 14.13 -17.11 -35.36
CA LEU C 329 15.15 -16.74 -36.40
C LEU C 329 16.59 -16.60 -35.91
N VAL C 330 16.77 -15.93 -34.76
CA VAL C 330 18.08 -15.84 -34.22
C VAL C 330 18.60 -17.21 -33.89
N ASN C 331 17.71 -18.07 -33.35
CA ASN C 331 18.08 -19.48 -32.99
C ASN C 331 18.44 -20.39 -34.23
N SER C 332 18.13 -19.86 -35.40
CA SER C 332 18.34 -20.56 -36.69
C SER C 332 19.51 -19.99 -37.47
N GLY C 333 20.15 -18.93 -36.98
CA GLY C 333 21.35 -18.40 -37.61
C GLY C 333 21.13 -17.11 -38.38
N PHE C 334 19.95 -16.50 -38.24
CA PHE C 334 19.68 -15.17 -38.79
C PHE C 334 19.99 -14.11 -37.75
N GLY C 335 20.38 -12.93 -38.21
CA GLY C 335 20.83 -11.89 -37.30
C GLY C 335 22.04 -12.33 -36.47
N GLN C 336 22.09 -11.83 -35.24
CA GLN C 336 23.26 -11.96 -34.37
C GLN C 336 22.77 -12.50 -33.02
N LEU C 337 23.28 -13.62 -32.59
CA LEU C 337 23.03 -14.11 -31.23
C LEU C 337 23.94 -13.36 -30.23
N GLY C 338 23.37 -13.07 -29.06
CA GLY C 338 24.16 -12.54 -28.02
C GLY C 338 24.04 -11.04 -28.01
N ARG C 339 24.77 -10.44 -27.11
CA ARG C 339 24.84 -9.02 -26.87
C ARG C 339 25.33 -8.35 -28.17
N PRO C 340 24.67 -7.27 -28.61
CA PRO C 340 25.00 -6.76 -29.97
C PRO C 340 26.46 -6.40 -30.04
N ASN C 341 27.07 -6.74 -31.17
CA ASN C 341 28.47 -6.45 -31.38
C ASN C 341 28.74 -6.08 -32.84
N PRO C 342 28.79 -4.76 -33.13
CA PRO C 342 29.00 -4.29 -34.53
C PRO C 342 30.33 -4.72 -35.18
N ALA C 343 31.33 -5.09 -34.37
CA ALA C 343 32.62 -5.59 -34.85
C ALA C 343 32.46 -6.90 -35.63
N ASN C 344 31.43 -7.69 -35.29
CA ASN C 344 31.05 -8.90 -36.06
C ASN C 344 29.72 -8.66 -36.74
N PRO C 345 29.74 -8.05 -37.94
CA PRO C 345 28.44 -7.79 -38.55
C PRO C 345 27.76 -9.13 -38.89
N PRO C 346 26.43 -9.25 -38.70
CA PRO C 346 25.86 -10.59 -39.01
C PRO C 346 25.86 -10.97 -40.51
N GLU C 347 26.03 -12.27 -40.78
CA GLU C 347 25.97 -12.91 -42.12
C GLU C 347 24.61 -12.75 -42.82
N LEU C 348 23.49 -12.81 -42.06
CA LEU C 348 22.11 -12.70 -42.62
C LEU C 348 21.26 -11.78 -41.79
N LEU C 349 20.37 -11.05 -42.49
CA LEU C 349 19.38 -10.10 -41.86
C LEU C 349 19.94 -9.21 -40.80
N PRO C 350 20.88 -8.34 -41.18
CA PRO C 350 21.49 -7.53 -40.12
C PRO C 350 20.56 -6.60 -39.39
N SER C 351 19.40 -6.28 -39.96
CA SER C 351 18.40 -5.41 -39.30
C SER C 351 17.46 -6.15 -38.38
N LEU C 352 17.58 -7.47 -38.30
CA LEU C 352 16.73 -8.32 -37.47
C LEU C 352 16.85 -7.93 -35.99
N GLY C 353 15.72 -7.63 -35.40
CA GLY C 353 15.70 -7.16 -33.95
C GLY C 353 16.21 -5.75 -33.70
N SER C 354 16.40 -4.97 -34.76
CA SER C 354 16.68 -3.57 -34.63
C SER C 354 15.49 -2.73 -35.13
N TYR C 355 15.47 -1.45 -34.75
CA TYR C 355 14.40 -0.53 -35.17
C TYR C 355 13.07 -0.93 -34.57
N ILE C 356 13.15 -1.52 -33.38
CA ILE C 356 11.93 -1.95 -32.69
C ILE C 356 11.14 -0.73 -32.20
N THR C 357 9.82 -0.86 -32.24
CA THR C 357 8.94 0.20 -31.79
C THR C 357 7.94 -0.36 -30.77
N GLU C 358 7.67 0.49 -29.79
CA GLU C 358 6.55 0.24 -28.85
C GLU C 358 5.99 1.59 -28.56
N GLN C 359 4.66 1.61 -28.37
CA GLN C 359 3.93 2.83 -28.10
C GLN C 359 4.05 3.30 -26.66
N SER C 360 4.00 4.61 -26.51
CA SER C 360 3.74 5.25 -25.20
C SER C 360 2.22 5.11 -24.94
N LEU C 361 1.87 4.81 -23.66
CA LEU C 361 0.45 4.65 -23.21
C LEU C 361 0.23 5.52 -21.97
N VAL C 362 -0.74 6.44 -22.09
CA VAL C 362 -1.21 7.22 -20.93
C VAL C 362 -2.61 6.68 -20.62
N PHE C 363 -3.00 6.79 -19.36
CA PHE C 363 -4.22 6.22 -18.84
C PHE C 363 -4.75 7.08 -17.72
N CYS C 364 -6.08 7.15 -17.60
CA CYS C 364 -6.78 7.58 -16.39
C CYS C 364 -8.18 7.05 -16.39
N GLN C 365 -8.90 7.23 -15.32
CA GLN C 365 -10.40 7.10 -15.28
C GLN C 365 -10.98 8.39 -14.74
N THR C 366 -12.21 8.68 -15.16
CA THR C 366 -13.01 9.74 -14.71
C THR C 366 -14.32 9.26 -14.12
N VAL C 367 -14.85 10.17 -13.29
CA VAL C 367 -16.19 10.07 -12.63
C VAL C 367 -17.13 11.05 -13.32
N MET C 368 -18.25 10.59 -13.89
CA MET C 368 -19.00 11.44 -14.81
C MET C 368 -19.54 12.67 -14.14
N SER C 369 -19.52 13.79 -14.86
CA SER C 369 -19.95 15.02 -14.25
C SER C 369 -21.40 15.05 -13.84
N THR C 370 -21.72 15.80 -12.80
CA THR C 370 -23.10 16.01 -12.42
C THR C 370 -23.93 16.50 -13.56
N GLU C 371 -23.36 17.37 -14.33
CA GLU C 371 -24.09 17.94 -15.47
C GLU C 371 -24.47 16.90 -16.51
N LEU C 372 -23.53 16.02 -16.82
CA LEU C 372 -23.82 14.95 -17.79
C LEU C 372 -24.78 13.98 -17.24
N ILE C 373 -24.67 13.57 -15.99
CA ILE C 373 -25.65 12.69 -15.43
C ILE C 373 -27.07 13.27 -15.47
N ASP C 374 -27.24 14.53 -15.04
CA ASP C 374 -28.57 15.23 -15.06
C ASP C 374 -29.10 15.28 -16.49
N SER C 375 -28.22 15.45 -17.46
CA SER C 375 -28.62 15.42 -18.89
C SER C 375 -29.24 14.11 -19.37
N VAL C 376 -28.88 12.98 -18.75
CA VAL C 376 -29.44 11.70 -19.19
C VAL C 376 -30.95 11.73 -19.03
N LYS C 377 -31.46 12.38 -18.00
CA LYS C 377 -32.92 12.43 -17.71
C LYS C 377 -33.53 13.81 -18.05
N SER C 378 -32.90 14.55 -18.97
CA SER C 378 -33.37 15.88 -19.33
C SER C 378 -34.82 15.90 -19.87
N ASP C 379 -35.20 14.84 -20.59
CA ASP C 379 -36.51 14.80 -21.20
C ASP C 379 -37.66 14.29 -20.30
N MET C 380 -37.34 13.91 -19.07
CA MET C 380 -38.32 13.32 -18.14
C MET C 380 -39.07 14.34 -17.31
N THR C 381 -40.36 14.07 -17.08
CA THR C 381 -41.09 14.82 -16.05
C THR C 381 -41.26 13.88 -14.84
N ILE C 382 -40.89 14.32 -13.66
CA ILE C 382 -41.00 13.53 -12.45
C ILE C 382 -42.20 14.06 -11.69
N ARG C 383 -43.16 13.19 -11.42
CA ARG C 383 -44.29 13.45 -10.49
C ARG C 383 -43.97 12.62 -9.24
N GLY C 384 -44.10 13.22 -8.07
CA GLY C 384 -44.00 12.48 -6.82
C GLY C 384 -42.57 12.29 -6.42
N THR C 385 -42.37 11.47 -5.38
CA THR C 385 -41.03 11.18 -4.91
C THR C 385 -40.82 9.66 -4.92
N PRO C 386 -39.58 9.25 -5.25
CA PRO C 386 -39.24 7.83 -5.38
C PRO C 386 -39.73 7.04 -4.22
N GLY C 387 -40.36 5.91 -4.53
CA GLY C 387 -40.86 5.01 -3.52
C GLY C 387 -42.32 5.30 -3.20
N GLU C 388 -42.82 6.52 -3.47
CA GLU C 388 -44.24 6.82 -3.16
C GLU C 388 -45.21 6.21 -4.17
N LEU C 389 -46.42 5.98 -3.71
CA LEU C 389 -47.47 5.41 -4.52
C LEU C 389 -47.61 6.05 -5.90
N THR C 390 -47.51 7.37 -5.87
CA THR C 390 -47.79 8.14 -7.09
C THR C 390 -46.49 8.64 -7.74
N TYR C 391 -45.35 8.04 -7.42
CA TYR C 391 -44.14 8.38 -8.21
C TYR C 391 -44.29 7.95 -9.65
N SER C 392 -44.00 8.90 -10.55
CA SER C 392 -44.14 8.67 -11.95
C SER C 392 -43.05 9.42 -12.64
N VAL C 393 -42.47 8.73 -13.62
CA VAL C 393 -41.48 9.27 -14.48
C VAL C 393 -42.03 9.08 -15.89
N THR C 394 -42.22 10.21 -16.58
CA THR C 394 -42.77 10.18 -17.94
C THR C 394 -41.98 11.06 -18.90
N TYR C 395 -42.12 10.75 -20.20
CA TYR C 395 -41.66 11.66 -21.26
C TYR C 395 -42.71 11.64 -22.39
N THR C 396 -42.51 12.50 -23.37
CA THR C 396 -43.42 12.62 -24.53
C THR C 396 -42.65 12.08 -25.73
N PRO C 397 -43.01 10.89 -26.14
CA PRO C 397 -42.29 10.34 -27.29
C PRO C 397 -42.40 11.24 -28.55
N GLY C 398 -41.29 11.43 -29.25
CA GLY C 398 -41.26 12.22 -30.49
C GLY C 398 -41.25 13.73 -30.34
N ALA C 399 -41.19 14.26 -29.11
CA ALA C 399 -41.36 15.70 -28.88
C ALA C 399 -40.14 16.46 -29.40
N SER C 400 -40.39 17.52 -30.18
CA SER C 400 -39.29 18.21 -30.87
C SER C 400 -38.32 18.85 -29.85
N THR C 401 -38.80 19.18 -28.64
CA THR C 401 -37.94 19.69 -27.57
C THR C 401 -37.12 18.63 -26.77
N ASN C 402 -37.38 17.34 -26.99
CA ASN C 402 -36.53 16.26 -26.46
C ASN C 402 -35.06 16.36 -26.93
N LYS C 403 -34.10 16.24 -26.00
CA LYS C 403 -32.67 16.17 -26.39
C LYS C 403 -32.22 14.81 -26.83
N HIS C 404 -33.00 13.80 -26.47
CA HIS C 404 -32.60 12.44 -26.74
C HIS C 404 -33.73 11.72 -27.50
N PRO C 405 -33.34 10.66 -28.16
CA PRO C 405 -34.21 9.80 -28.91
C PRO C 405 -35.06 8.90 -28.06
N ASP C 406 -36.10 8.40 -28.68
CA ASP C 406 -37.09 7.63 -27.97
C ASP C 406 -36.50 6.40 -27.30
N TRP C 407 -35.56 5.77 -27.97
CA TRP C 407 -34.93 4.48 -27.45
C TRP C 407 -34.21 4.73 -26.12
N TRP C 408 -33.55 5.88 -26.06
CA TRP C 408 -32.85 6.36 -24.86
C TRP C 408 -33.87 6.65 -23.79
N ASN C 409 -34.84 7.47 -24.09
CA ASN C 409 -35.79 7.89 -23.03
C ASN C 409 -36.60 6.71 -22.45
N GLU C 410 -36.95 5.76 -23.32
CA GLU C 410 -37.67 4.61 -22.82
C GLU C 410 -36.82 3.84 -21.79
N LYS C 411 -35.55 3.63 -22.12
CA LYS C 411 -34.59 2.94 -21.23
C LYS C 411 -34.44 3.65 -19.89
N VAL C 412 -34.36 4.99 -19.94
CA VAL C 412 -34.13 5.84 -18.71
C VAL C 412 -35.42 5.75 -17.89
N LYS C 413 -36.59 5.91 -18.52
CA LYS C 413 -37.87 5.84 -17.82
C LYS C 413 -38.07 4.52 -17.08
N ASN C 414 -37.85 3.43 -17.78
CA ASN C 414 -38.09 2.16 -17.15
C ASN C 414 -37.12 1.90 -16.01
N HIS C 415 -35.84 2.28 -16.18
CA HIS C 415 -34.87 2.12 -15.08
C HIS C 415 -35.28 2.91 -13.84
N MET C 416 -35.73 4.15 -14.06
CA MET C 416 -36.13 4.99 -12.95
C MET C 416 -37.40 4.51 -12.26
N MET C 417 -38.33 3.94 -13.01
CA MET C 417 -39.55 3.40 -12.42
C MET C 417 -39.37 2.04 -11.76
N GLN C 418 -38.46 1.22 -12.30
CA GLN C 418 -38.29 -0.18 -11.82
C GLN C 418 -37.32 -0.24 -10.66
N HIS C 419 -36.49 0.79 -10.53
CA HIS C 419 -35.43 0.92 -9.49
C HIS C 419 -35.46 2.24 -8.79
N GLN C 420 -36.51 2.41 -7.99
CA GLN C 420 -36.77 3.71 -7.36
C GLN C 420 -35.84 4.01 -6.18
N GLU C 421 -35.11 3.00 -5.76
CA GLU C 421 -34.10 3.10 -4.71
C GLU C 421 -32.77 3.57 -5.29
N ASP C 422 -32.64 3.60 -6.60
CA ASP C 422 -31.37 3.91 -7.20
C ASP C 422 -31.29 5.37 -7.59
N PRO C 423 -30.16 6.05 -7.28
CA PRO C 423 -30.14 7.50 -7.51
C PRO C 423 -29.76 7.93 -8.95
N LEU C 424 -29.37 6.99 -9.80
CA LEU C 424 -28.80 7.32 -11.11
C LEU C 424 -29.83 6.96 -12.19
N PRO C 425 -29.76 7.66 -13.32
CA PRO C 425 -30.75 7.41 -14.39
C PRO C 425 -30.27 6.45 -15.47
N ILE C 426 -29.06 5.94 -15.33
CA ILE C 426 -28.41 5.01 -16.29
C ILE C 426 -28.86 3.57 -15.93
N PRO C 427 -29.44 2.80 -16.90
CA PRO C 427 -29.84 1.41 -16.63
C PRO C 427 -28.64 0.52 -16.19
N PHE C 428 -28.92 -0.47 -15.35
CA PHE C 428 -27.85 -1.24 -14.80
C PHE C 428 -27.09 -2.08 -15.82
N GLU C 429 -27.74 -2.50 -16.87
CA GLU C 429 -26.93 -3.29 -17.87
C GLU C 429 -26.66 -2.46 -19.13
N ASP C 430 -26.64 -1.15 -18.99
CA ASP C 430 -26.28 -0.32 -20.13
C ASP C 430 -24.86 -0.67 -20.55
N PRO C 431 -24.62 -0.93 -21.85
CA PRO C 431 -23.20 -1.19 -22.18
C PRO C 431 -22.27 0.05 -22.07
N GLU C 432 -20.98 -0.20 -21.96
CA GLU C 432 -19.95 0.80 -21.81
C GLU C 432 -19.81 1.65 -23.08
N PRO C 433 -19.24 2.85 -22.95
CA PRO C 433 -18.82 3.60 -24.15
C PRO C 433 -17.71 2.83 -24.89
N GLN C 434 -17.63 3.03 -26.20
CA GLN C 434 -16.52 2.56 -27.03
C GLN C 434 -16.15 3.71 -28.01
N VAL C 435 -15.55 4.77 -27.52
CA VAL C 435 -15.43 6.05 -28.22
C VAL C 435 -13.97 6.26 -28.59
N THR C 436 -13.74 6.78 -29.80
CA THR C 436 -12.44 7.25 -30.30
C THR C 436 -12.48 8.52 -31.12
N THR C 437 -11.40 9.30 -31.05
CA THR C 437 -11.02 10.19 -32.12
C THR C 437 -9.70 9.60 -32.68
N LEU C 438 -9.72 9.15 -33.92
CA LEU C 438 -8.58 8.50 -34.48
C LEU C 438 -7.43 9.50 -34.71
N PHE C 439 -6.23 8.93 -34.70
CA PHE C 439 -4.98 9.62 -34.98
C PHE C 439 -5.08 10.60 -36.19
N GLN C 440 -4.61 11.82 -35.96
CA GLN C 440 -4.45 12.83 -37.03
C GLN C 440 -3.21 13.66 -36.81
N PRO C 441 -2.76 14.43 -37.83
CA PRO C 441 -1.59 15.25 -37.65
C PRO C 441 -1.63 16.18 -36.48
N SER C 442 -2.80 16.75 -36.19
CA SER C 442 -2.92 17.75 -35.10
C SER C 442 -3.15 17.08 -33.73
N HIS C 443 -3.34 15.76 -33.70
CA HIS C 443 -3.47 14.96 -32.47
C HIS C 443 -2.95 13.58 -32.77
N PRO C 444 -1.60 13.42 -32.81
CA PRO C 444 -0.95 12.23 -33.40
C PRO C 444 -0.85 11.10 -32.37
N TRP C 445 -2.02 10.67 -31.89
CA TRP C 445 -2.16 9.52 -30.97
C TRP C 445 -3.49 8.86 -31.22
N HIS C 446 -3.60 7.55 -30.99
CA HIS C 446 -4.85 6.86 -30.97
C HIS C 446 -5.48 7.02 -29.60
N THR C 447 -6.82 7.01 -29.59
CA THR C 447 -7.59 7.20 -28.36
C THR C 447 -8.66 6.07 -28.22
N GLN C 448 -8.81 5.59 -26.97
CA GLN C 448 -9.96 4.71 -26.61
C GLN C 448 -10.54 5.14 -25.32
N ILE C 449 -11.84 5.39 -25.35
CA ILE C 449 -12.57 5.98 -24.27
C ILE C 449 -13.78 5.10 -23.96
N GLY C 450 -13.87 4.59 -22.74
CA GLY C 450 -14.91 3.67 -22.42
C GLY C 450 -14.63 2.82 -21.21
N ARG C 451 -14.72 1.53 -21.39
CA ARG C 451 -14.27 0.61 -20.35
C ARG C 451 -13.49 -0.53 -20.95
N ASP C 452 -12.25 -0.70 -20.50
CA ASP C 452 -11.41 -1.79 -20.94
C ASP C 452 -11.46 -2.89 -19.87
N ALA C 453 -11.47 -4.15 -20.32
CA ALA C 453 -11.38 -5.36 -19.41
C ALA C 453 -10.00 -5.43 -18.72
N PHE C 454 -8.98 -4.79 -19.27
CA PHE C 454 -7.62 -4.84 -18.68
C PHE C 454 -7.46 -3.69 -17.72
N SER C 455 -8.02 -3.91 -16.51
CA SER C 455 -7.86 -2.92 -15.44
C SER C 455 -6.45 -3.06 -14.85
N TYR C 456 -5.94 -1.92 -14.33
CA TYR C 456 -4.53 -1.89 -13.89
C TYR C 456 -4.26 -1.87 -12.41
N GLY C 457 -5.25 -1.60 -11.63
CA GLY C 457 -5.06 -1.89 -10.15
C GLY C 457 -6.29 -2.61 -9.65
N ALA C 458 -6.37 -2.78 -8.33
CA ALA C 458 -7.53 -3.38 -7.67
C ALA C 458 -8.79 -2.63 -8.17
N VAL C 459 -9.93 -3.33 -8.44
CA VAL C 459 -11.09 -2.58 -8.97
C VAL C 459 -11.82 -1.90 -7.81
N GLN C 460 -11.88 -0.57 -7.86
CA GLN C 460 -12.55 0.17 -6.81
C GLN C 460 -14.10 -0.17 -6.78
N GLN C 461 -14.69 -0.26 -5.59
CA GLN C 461 -16.11 -0.56 -5.47
C GLN C 461 -16.92 0.58 -4.81
N SER C 462 -16.24 1.66 -4.45
CA SER C 462 -16.94 2.73 -3.70
C SER C 462 -17.72 3.67 -4.67
N ILE C 463 -17.22 3.91 -5.89
CA ILE C 463 -17.86 4.81 -6.83
C ILE C 463 -18.62 3.86 -7.77
N ASP C 464 -19.90 4.20 -8.05
CA ASP C 464 -20.74 3.33 -8.96
C ASP C 464 -20.10 3.20 -10.32
N SER C 465 -20.05 1.95 -10.83
CA SER C 465 -19.36 1.68 -12.09
C SER C 465 -19.96 2.35 -13.30
N ARG C 466 -21.27 2.68 -13.24
CA ARG C 466 -21.89 3.42 -14.33
C ARG C 466 -21.31 4.81 -14.59
N LEU C 467 -20.67 5.38 -13.56
CA LEU C 467 -20.07 6.76 -13.61
C LEU C 467 -18.69 6.77 -14.24
N ILE C 468 -18.07 5.59 -14.33
CA ILE C 468 -16.59 5.44 -14.59
CA ILE C 468 -16.60 5.52 -14.59
C ILE C 468 -16.36 5.37 -16.08
N VAL C 469 -15.46 6.20 -16.61
CA VAL C 469 -15.08 6.16 -18.05
C VAL C 469 -13.56 6.05 -18.04
N ASP C 470 -13.02 5.12 -18.81
CA ASP C 470 -11.55 4.93 -18.92
C ASP C 470 -11.07 5.79 -20.09
N TRP C 471 -9.83 6.24 -20.10
CA TRP C 471 -9.14 7.05 -21.15
C TRP C 471 -7.84 6.34 -21.37
N ARG C 472 -7.53 5.91 -22.56
CA ARG C 472 -6.21 5.36 -22.97
C ARG C 472 -5.83 6.04 -24.28
N PHE C 473 -4.69 6.75 -24.28
CA PHE C 473 -4.11 7.39 -25.42
C PHE C 473 -2.77 6.73 -25.74
N PHE C 474 -2.60 6.37 -27.00
CA PHE C 474 -1.43 5.69 -27.47
C PHE C 474 -0.60 6.48 -28.47
N GLY C 475 0.69 6.59 -28.22
CA GLY C 475 1.55 7.38 -29.06
C GLY C 475 2.33 6.55 -30.01
N ARG C 476 2.81 7.20 -31.06
CA ARG C 476 3.67 6.56 -32.04
C ARG C 476 5.15 6.81 -31.74
N THR C 477 5.94 5.75 -32.01
CA THR C 477 7.33 5.71 -31.70
C THR C 477 8.19 5.59 -32.99
N GLU C 478 9.06 6.57 -33.17
CA GLU C 478 10.04 6.62 -34.29
C GLU C 478 10.93 5.35 -34.25
N PRO C 479 11.01 4.58 -35.36
CA PRO C 479 11.98 3.49 -35.48
C PRO C 479 13.44 4.01 -35.44
N LYS C 480 14.24 3.48 -34.54
CA LYS C 480 15.64 3.84 -34.36
C LYS C 480 16.49 2.56 -34.30
N GLU C 481 17.64 2.50 -35.01
CA GLU C 481 18.52 1.32 -35.00
CA GLU C 481 18.55 1.31 -34.99
C GLU C 481 18.97 0.84 -33.59
N GLU C 482 19.20 1.79 -32.69
CA GLU C 482 19.66 1.53 -31.35
C GLU C 482 18.63 0.82 -30.48
N ASN C 483 17.34 0.94 -30.81
CA ASN C 483 16.24 0.23 -30.07
C ASN C 483 16.16 -1.21 -30.57
N LYS C 484 16.48 -2.14 -29.67
CA LYS C 484 16.79 -3.57 -30.00
C LYS C 484 16.06 -4.57 -29.10
N LEU C 485 15.68 -5.64 -29.70
CA LEU C 485 15.38 -6.94 -29.10
C LEU C 485 16.49 -7.91 -29.52
N TRP C 486 17.24 -8.42 -28.52
CA TRP C 486 18.27 -9.44 -28.76
C TRP C 486 18.17 -10.58 -27.80
N PHE C 487 18.96 -11.62 -28.10
CA PHE C 487 18.83 -12.89 -27.41
C PHE C 487 20.13 -13.37 -26.86
N SER C 488 20.10 -13.72 -25.58
CA SER C 488 21.32 -14.13 -24.89
C SER C 488 21.93 -15.36 -25.54
N ASP C 489 23.24 -15.41 -25.58
CA ASP C 489 23.95 -16.63 -25.94
C ASP C 489 24.21 -17.60 -24.76
N LYS C 490 23.77 -17.25 -23.54
CA LYS C 490 24.03 -18.05 -22.34
C LYS C 490 22.74 -18.31 -21.56
N ILE C 491 21.96 -17.26 -21.37
CA ILE C 491 20.72 -17.36 -20.56
C ILE C 491 19.62 -17.98 -21.47
N THR C 492 18.82 -18.90 -20.94
CA THR C 492 17.70 -19.46 -21.66
C THR C 492 16.40 -19.24 -20.90
N ASP C 493 15.31 -19.27 -21.65
CA ASP C 493 13.99 -19.10 -21.09
C ASP C 493 13.37 -20.47 -20.60
N ALA C 494 12.07 -20.41 -20.25
CA ALA C 494 11.38 -21.62 -19.75
C ALA C 494 11.26 -22.75 -20.68
N TYR C 495 11.36 -22.46 -22.00
CA TYR C 495 11.44 -23.51 -23.02
C TYR C 495 12.86 -23.75 -23.59
N ASN C 496 13.89 -23.40 -22.80
CA ASN C 496 15.25 -23.67 -23.16
C ASN C 496 15.70 -23.01 -24.46
N MET C 497 15.11 -21.86 -24.74
CA MET C 497 15.43 -21.05 -25.93
C MET C 497 16.18 -19.83 -25.50
N PRO C 498 16.99 -19.25 -26.41
CA PRO C 498 17.73 -18.03 -26.00
C PRO C 498 16.89 -16.93 -25.34
N GLN C 499 17.34 -16.36 -24.19
CA GLN C 499 16.54 -15.41 -23.41
C GLN C 499 16.40 -14.07 -24.14
N PRO C 500 15.15 -13.65 -24.40
CA PRO C 500 15.00 -12.25 -24.90
C PRO C 500 15.41 -11.15 -23.94
N THR C 501 16.07 -10.11 -24.51
CA THR C 501 16.57 -8.96 -23.77
C THR C 501 16.22 -7.72 -24.60
N PHE C 502 15.67 -6.69 -23.98
CA PHE C 502 15.43 -5.42 -24.61
C PHE C 502 16.53 -4.44 -24.31
N ASP C 503 16.79 -3.61 -25.28
CA ASP C 503 17.58 -2.39 -25.13
C ASP C 503 16.80 -1.26 -25.75
N PHE C 504 16.00 -0.54 -24.95
CA PHE C 504 14.92 0.33 -25.44
C PHE C 504 14.80 1.58 -24.66
N ARG C 505 14.73 2.74 -25.33
CA ARG C 505 14.23 3.98 -24.72
C ARG C 505 13.38 4.60 -25.73
N PHE C 506 12.44 5.40 -25.26
CA PHE C 506 11.62 6.19 -26.19
C PHE C 506 12.60 7.26 -26.79
N PRO C 507 12.59 7.40 -28.14
CA PRO C 507 13.52 8.36 -28.72
C PRO C 507 13.23 9.80 -28.32
N ALA C 508 14.34 10.54 -28.23
CA ALA C 508 14.27 11.95 -28.01
C ALA C 508 13.62 12.57 -29.29
N GLY C 509 13.24 13.81 -29.15
CA GLY C 509 12.69 14.55 -30.32
C GLY C 509 11.23 14.25 -30.39
N ARG C 510 10.73 14.00 -31.59
CA ARG C 510 9.29 14.04 -31.81
C ARG C 510 8.52 13.04 -30.92
N THR C 511 9.08 11.85 -30.80
CA THR C 511 8.42 10.80 -29.98
C THR C 511 8.19 11.28 -28.56
N SER C 512 9.21 11.87 -27.94
CA SER C 512 9.07 12.27 -26.58
C SER C 512 8.17 13.48 -26.45
N LYS C 513 8.27 14.45 -27.39
CA LYS C 513 7.38 15.60 -27.37
C LYS C 513 5.96 15.26 -27.53
N GLU C 514 5.67 14.40 -28.50
CA GLU C 514 4.32 13.91 -28.74
C GLU C 514 3.76 13.18 -27.53
N ALA C 515 4.57 12.34 -26.87
CA ALA C 515 4.12 11.58 -25.72
C ALA C 515 3.66 12.49 -24.58
N GLU C 516 4.44 13.52 -24.25
CA GLU C 516 3.98 14.48 -23.24
C GLU C 516 2.80 15.34 -23.70
N ASP C 517 2.75 15.72 -25.00
CA ASP C 517 1.60 16.48 -25.46
C ASP C 517 0.32 15.63 -25.42
N MET C 518 0.52 14.32 -25.63
CA MET C 518 -0.54 13.30 -25.53
C MET C 518 -1.11 13.30 -24.11
N MET C 519 -0.22 13.16 -23.12
CA MET C 519 -0.64 13.26 -21.70
C MET C 519 -1.48 14.51 -21.41
N THR C 520 -1.00 15.68 -21.86
CA THR C 520 -1.78 16.91 -21.65
C THR C 520 -3.12 16.87 -22.36
N ASP C 521 -3.14 16.32 -23.58
CA ASP C 521 -4.39 16.19 -24.30
C ASP C 521 -5.44 15.34 -23.58
N MET C 522 -5.01 14.23 -22.97
CA MET C 522 -5.91 13.38 -22.20
C MET C 522 -6.46 14.16 -20.99
N CYS C 523 -5.58 14.89 -20.30
CA CYS C 523 -6.01 15.74 -19.13
C CYS C 523 -7.09 16.75 -19.51
N VAL C 524 -6.87 17.39 -20.64
CA VAL C 524 -7.79 18.41 -21.17
C VAL C 524 -9.07 17.76 -21.66
N MET C 525 -9.01 16.70 -22.48
CA MET C 525 -10.19 16.11 -23.01
C MET C 525 -11.08 15.48 -21.94
N SER C 526 -10.44 14.70 -21.09
CA SER C 526 -11.20 13.89 -20.13
C SER C 526 -11.98 14.84 -19.15
N ALA C 527 -11.48 16.05 -18.87
CA ALA C 527 -12.10 17.02 -17.96
C ALA C 527 -13.47 17.42 -18.53
N LYS C 528 -13.65 17.31 -19.84
CA LYS C 528 -14.94 17.68 -20.44
C LYS C 528 -16.04 16.69 -20.03
N ILE C 529 -15.64 15.49 -19.59
CA ILE C 529 -16.58 14.45 -19.20
C ILE C 529 -16.72 14.36 -17.66
N GLY C 530 -15.65 14.48 -16.97
CA GLY C 530 -15.67 14.50 -15.51
C GLY C 530 -14.29 14.57 -14.94
N GLY C 531 -14.21 14.77 -13.61
CA GLY C 531 -12.90 14.77 -13.00
C GLY C 531 -12.30 13.35 -12.85
N PHE C 532 -11.03 13.31 -12.52
CA PHE C 532 -10.33 11.99 -12.41
C PHE C 532 -10.86 11.20 -11.18
N LEU C 533 -10.92 9.89 -11.35
CA LEU C 533 -11.16 8.93 -10.27
C LEU C 533 -9.95 8.72 -9.41
N PRO C 534 -10.06 9.03 -8.13
CA PRO C 534 -8.94 8.77 -7.18
C PRO C 534 -8.49 7.33 -7.33
N GLY C 535 -7.20 7.11 -7.43
CA GLY C 535 -6.60 5.82 -7.72
C GLY C 535 -6.41 5.41 -9.15
N SER C 536 -6.92 6.25 -10.06
CA SER C 536 -6.77 6.10 -11.49
C SER C 536 -6.42 7.48 -12.11
N LEU C 537 -5.42 8.12 -11.49
CA LEU C 537 -5.03 9.43 -11.94
C LEU C 537 -4.18 9.34 -13.21
N PRO C 538 -3.99 10.47 -13.93
CA PRO C 538 -3.32 10.45 -15.24
C PRO C 538 -1.88 9.95 -15.12
N GLN C 539 -1.50 9.00 -15.92
CA GLN C 539 -0.23 8.32 -15.73
C GLN C 539 0.24 7.66 -17.00
N PHE C 540 1.53 7.58 -17.15
CA PHE C 540 2.17 6.69 -18.13
C PHE C 540 2.18 5.31 -17.60
N MET C 541 1.85 4.37 -18.47
CA MET C 541 1.90 2.93 -18.13
C MET C 541 3.35 2.35 -18.40
N GLU C 542 3.64 1.26 -17.74
CA GLU C 542 4.98 0.61 -17.87
CA GLU C 542 4.95 0.60 -17.90
C GLU C 542 5.23 0.36 -19.37
N PRO C 543 6.48 0.62 -19.82
CA PRO C 543 6.80 0.45 -21.23
C PRO C 543 6.53 -0.97 -21.77
N GLY C 544 5.75 -1.08 -22.84
CA GLY C 544 5.37 -2.35 -23.37
C GLY C 544 4.10 -3.00 -22.84
N LEU C 545 3.52 -2.44 -21.74
CA LEU C 545 2.28 -3.01 -21.17
C LEU C 545 1.15 -3.10 -22.24
N CYS C 546 1.17 -2.14 -23.15
CA CYS C 546 0.22 -2.01 -24.25
C CYS C 546 0.34 -3.08 -25.29
N LEU C 547 1.47 -3.83 -25.36
CA LEU C 547 1.58 -5.00 -26.21
C LEU C 547 1.35 -4.61 -27.69
N HIS C 548 2.00 -3.53 -28.15
CA HIS C 548 1.88 -3.11 -29.57
C HIS C 548 3.24 -3.05 -30.22
N LEU C 549 4.12 -3.90 -29.75
CA LEU C 549 5.50 -4.01 -30.30
C LEU C 549 5.52 -4.32 -31.78
N GLY C 550 6.31 -3.53 -32.48
CA GLY C 550 6.52 -3.68 -33.93
C GLY C 550 7.98 -3.56 -34.30
N GLY C 551 8.20 -3.89 -35.60
CA GLY C 551 9.45 -3.62 -36.25
C GLY C 551 10.61 -4.58 -35.92
N THR C 552 10.34 -5.66 -35.17
CA THR C 552 11.36 -6.64 -34.83
C THR C 552 11.86 -7.51 -36.02
N HIS C 553 11.09 -7.59 -37.12
CA HIS C 553 11.53 -8.30 -38.36
C HIS C 553 10.89 -7.57 -39.52
N ARG C 554 11.31 -6.31 -39.64
CA ARG C 554 10.51 -5.30 -40.34
C ARG C 554 10.52 -5.43 -41.89
N MET C 555 9.43 -4.99 -42.50
CA MET C 555 9.21 -4.98 -43.93
C MET C 555 9.78 -3.72 -44.59
N GLY C 556 10.28 -3.92 -45.81
CA GLY C 556 10.56 -2.78 -46.70
C GLY C 556 10.78 -3.25 -48.13
N PHE C 557 11.05 -2.30 -48.99
CA PHE C 557 11.28 -2.67 -50.39
C PHE C 557 12.71 -3.28 -50.63
N ASP C 558 13.71 -2.71 -49.97
CA ASP C 558 15.08 -3.13 -50.23
C ASP C 558 15.79 -3.39 -48.90
N GLU C 559 16.39 -4.55 -48.75
CA GLU C 559 17.02 -4.97 -47.49
C GLU C 559 18.01 -3.96 -46.94
N LYS C 560 18.99 -3.57 -47.73
CA LYS C 560 19.94 -2.57 -47.30
C LYS C 560 19.37 -1.15 -47.17
N GLU C 561 18.67 -0.65 -48.19
CA GLU C 561 18.22 0.75 -48.21
C GLU C 561 17.11 1.07 -47.22
N ASP C 562 16.25 0.09 -46.98
CA ASP C 562 15.14 0.30 -46.01
C ASP C 562 15.37 -0.40 -44.66
N ASN C 563 16.58 -0.91 -44.45
CA ASN C 563 17.03 -1.53 -43.19
C ASN C 563 16.00 -2.54 -42.68
N CYS C 564 15.76 -3.59 -43.46
CA CYS C 564 14.60 -4.46 -43.23
C CYS C 564 14.96 -5.92 -43.49
N CYS C 565 14.00 -6.77 -43.17
CA CYS C 565 14.13 -8.21 -43.05
C CYS C 565 13.25 -8.96 -44.03
N VAL C 566 12.09 -8.40 -44.41
CA VAL C 566 11.16 -9.02 -45.34
C VAL C 566 10.74 -8.02 -46.37
N ASN C 567 10.40 -8.49 -47.55
CA ASN C 567 9.85 -7.66 -48.59
C ASN C 567 8.33 -7.44 -48.45
N THR C 568 7.69 -6.80 -49.45
CA THR C 568 6.25 -6.54 -49.32
C THR C 568 5.33 -7.78 -49.48
N ASP C 569 5.93 -8.92 -49.81
CA ASP C 569 5.28 -10.23 -49.76
C ASP C 569 5.53 -10.93 -48.48
N SER C 570 6.22 -10.26 -47.55
CA SER C 570 6.58 -10.78 -46.20
C SER C 570 7.53 -11.99 -46.34
N ARG C 571 8.21 -12.07 -47.51
CA ARG C 571 9.26 -13.02 -47.72
C ARG C 571 10.64 -12.54 -47.16
N VAL C 572 11.29 -13.41 -46.43
CA VAL C 572 12.64 -13.13 -45.93
C VAL C 572 13.62 -13.02 -47.11
N PHE C 573 14.33 -11.89 -47.13
CA PHE C 573 15.26 -11.60 -48.21
C PHE C 573 16.22 -12.78 -48.37
N GLY C 574 16.40 -13.14 -49.64
CA GLY C 574 17.26 -14.23 -50.09
C GLY C 574 16.68 -15.63 -50.02
N PHE C 575 15.53 -15.82 -49.37
CA PHE C 575 15.05 -17.15 -49.07
C PHE C 575 13.77 -17.33 -49.86
N LYS C 576 13.75 -18.38 -50.65
CA LYS C 576 12.63 -18.64 -51.55
C LYS C 576 11.33 -18.98 -50.85
N ASN C 577 11.39 -19.58 -49.63
CA ASN C 577 10.19 -20.30 -49.09
C ASN C 577 9.95 -20.01 -47.63
N LEU C 578 10.50 -18.88 -47.17
CA LEU C 578 10.34 -18.46 -45.76
C LEU C 578 9.63 -17.10 -45.62
N PHE C 579 8.56 -17.06 -44.79
CA PHE C 579 7.64 -15.90 -44.69
C PHE C 579 7.40 -15.66 -43.20
N LEU C 580 7.39 -14.39 -42.91
CA LEU C 580 7.07 -13.94 -41.54
C LEU C 580 5.72 -13.21 -41.56
N GLY C 581 4.90 -13.48 -40.54
CA GLY C 581 3.66 -12.75 -40.32
C GLY C 581 3.62 -12.14 -38.95
N GLY C 582 3.06 -10.92 -38.84
CA GLY C 582 2.69 -10.32 -37.58
C GLY C 582 3.17 -8.87 -37.51
N CYS C 583 3.00 -8.31 -36.30
CA CYS C 583 3.28 -6.89 -36.09
C CYS C 583 4.75 -6.56 -36.12
N GLY C 584 5.61 -7.56 -35.94
CA GLY C 584 7.03 -7.43 -36.22
C GLY C 584 7.39 -7.03 -37.66
N ASN C 585 6.46 -7.14 -38.56
CA ASN C 585 6.74 -6.71 -39.96
C ASN C 585 6.54 -5.19 -40.11
N ILE C 586 5.71 -4.57 -39.20
CA ILE C 586 5.39 -3.18 -39.37
C ILE C 586 6.61 -2.28 -39.12
N PRO C 587 7.05 -1.45 -40.09
CA PRO C 587 8.29 -0.67 -39.99
C PRO C 587 8.13 0.82 -39.63
N THR C 588 6.87 1.30 -39.51
CA THR C 588 6.60 2.68 -39.27
C THR C 588 6.35 2.96 -37.76
N ALA C 589 6.32 4.26 -37.46
CA ALA C 589 5.82 4.82 -36.18
C ALA C 589 4.24 4.91 -36.24
N TYR C 590 3.56 4.05 -35.48
CA TYR C 590 2.08 4.02 -35.48
C TYR C 590 1.55 4.12 -34.06
N GLY C 591 0.39 4.79 -33.91
CA GLY C 591 -0.29 4.92 -32.64
C GLY C 591 -1.50 4.01 -32.50
N ALA C 592 -2.18 3.66 -33.61
CA ALA C 592 -3.39 2.79 -33.60
C ALA C 592 -3.03 1.31 -33.33
N ASN C 593 -4.02 0.51 -33.01
CA ASN C 593 -3.79 -0.89 -32.64
C ASN C 593 -3.38 -1.64 -33.93
N PRO C 594 -2.27 -2.41 -33.89
CA PRO C 594 -1.63 -2.92 -35.11
C PRO C 594 -2.21 -4.16 -35.82
N THR C 595 -3.04 -4.95 -35.14
CA THR C 595 -3.31 -6.32 -35.62
C THR C 595 -3.99 -6.32 -37.01
N LEU C 596 -4.94 -5.40 -37.24
CA LEU C 596 -5.59 -5.32 -38.52
C LEU C 596 -4.58 -5.08 -39.61
N THR C 597 -3.66 -4.15 -39.40
CA THR C 597 -2.58 -3.89 -40.40
C THR C 597 -1.72 -5.14 -40.62
N ALA C 598 -1.31 -5.88 -39.57
CA ALA C 598 -0.55 -7.11 -39.73
C ALA C 598 -1.33 -8.15 -40.52
N MET C 599 -2.64 -8.26 -40.26
CA MET C 599 -3.41 -9.25 -40.96
C MET C 599 -3.48 -8.90 -42.46
N SER C 600 -3.57 -7.61 -42.74
CA SER C 600 -3.61 -7.13 -44.15
C SER C 600 -2.34 -7.46 -44.89
N LEU C 601 -1.20 -7.34 -44.25
CA LEU C 601 0.08 -7.76 -44.81
C LEU C 601 0.08 -9.25 -45.04
N ALA C 602 -0.52 -10.04 -44.13
CA ALA C 602 -0.54 -11.45 -44.28
C ALA C 602 -1.36 -11.94 -45.48
N ILE C 603 -2.48 -11.31 -45.68
CA ILE C 603 -3.28 -11.56 -46.87
C ILE C 603 -2.46 -11.35 -48.15
N LYS C 604 -1.70 -10.28 -48.21
CA LYS C 604 -0.83 -10.03 -49.35
C LYS C 604 0.25 -11.11 -49.53
N SER C 605 0.87 -11.53 -48.43
CA SER C 605 1.81 -12.63 -48.40
C SER C 605 1.26 -13.90 -49.03
N CYS C 606 0.01 -14.23 -48.66
CA CYS C 606 -0.64 -15.43 -49.11
C CYS C 606 -0.88 -15.32 -50.60
N GLU C 607 -1.15 -14.12 -51.08
CA GLU C 607 -1.28 -13.92 -52.55
C GLU C 607 0.02 -14.34 -53.30
N TYR C 608 1.17 -14.00 -52.72
CA TYR C 608 2.43 -14.43 -53.34
C TYR C 608 2.61 -15.95 -53.27
N ILE C 609 2.32 -16.56 -52.12
CA ILE C 609 2.50 -17.98 -51.91
C ILE C 609 1.62 -18.75 -52.94
N LYS C 610 0.37 -18.31 -53.10
CA LYS C 610 -0.55 -18.97 -54.07
C LYS C 610 -0.04 -18.94 -55.49
N GLN C 611 0.71 -17.90 -55.83
CA GLN C 611 1.17 -17.76 -57.21
C GLN C 611 2.47 -18.51 -57.44
N ASN C 612 3.17 -18.87 -56.36
CA ASN C 612 4.56 -19.33 -56.46
C ASN C 612 4.78 -20.76 -55.96
N PHE C 613 3.75 -21.36 -55.39
CA PHE C 613 3.81 -22.75 -54.90
C PHE C 613 2.51 -23.43 -55.26
N THR C 614 2.62 -24.71 -55.61
CA THR C 614 1.50 -25.51 -56.08
C THR C 614 1.08 -26.49 -54.99
N PRO C 615 -0.23 -26.57 -54.70
CA PRO C 615 -0.69 -27.58 -53.75
C PRO C 615 -0.40 -28.99 -54.19
N SER C 616 -0.14 -29.89 -53.25
CA SER C 616 0.13 -31.26 -53.62
C SER C 616 -1.20 -31.87 -53.95
N PRO C 617 -1.21 -32.94 -54.77
CA PRO C 617 -2.49 -33.63 -54.97
C PRO C 617 -3.08 -34.26 -53.68
N PHE C 618 -4.40 -34.13 -53.54
CA PHE C 618 -5.14 -34.54 -52.33
C PHE C 618 -5.05 -36.06 -52.00
N MET D 43 -31.94 -31.87 -26.72
CA MET D 43 -32.59 -32.04 -25.34
C MET D 43 -33.91 -32.78 -25.40
N ASP D 44 -34.16 -33.72 -24.47
CA ASP D 44 -35.49 -34.46 -24.36
C ASP D 44 -36.38 -33.86 -23.27
N ILE D 45 -37.61 -34.34 -23.32
CA ILE D 45 -38.60 -33.93 -22.34
C ILE D 45 -38.44 -34.73 -21.01
N LYS D 46 -37.77 -35.91 -21.13
CA LYS D 46 -37.81 -37.03 -20.15
C LYS D 46 -36.53 -37.88 -20.00
N TYR D 47 -36.09 -38.02 -18.74
CA TYR D 47 -34.92 -38.78 -18.39
C TYR D 47 -35.18 -39.73 -17.24
N ASP D 48 -34.28 -40.68 -16.97
CA ASP D 48 -34.41 -41.47 -15.74
C ASP D 48 -33.94 -40.64 -14.55
N VAL D 49 -32.80 -39.94 -14.79
CA VAL D 49 -32.12 -39.17 -13.75
C VAL D 49 -31.71 -37.86 -14.35
N VAL D 50 -32.00 -36.80 -13.64
CA VAL D 50 -31.39 -35.46 -13.92
C VAL D 50 -30.51 -35.03 -12.76
N ILE D 51 -29.33 -34.48 -13.10
CA ILE D 51 -28.33 -34.06 -12.18
C ILE D 51 -28.11 -32.55 -12.44
N VAL D 52 -28.25 -31.73 -11.37
CA VAL D 52 -27.95 -30.26 -11.42
C VAL D 52 -26.54 -30.05 -10.96
N GLY D 53 -25.64 -29.70 -11.87
CA GLY D 53 -24.24 -29.41 -11.50
C GLY D 53 -23.28 -30.49 -12.06
N SER D 54 -22.21 -30.05 -12.64
CA SER D 54 -21.19 -30.90 -13.22
C SER D 54 -19.83 -30.84 -12.53
N GLY D 55 -19.85 -30.46 -11.25
CA GLY D 55 -18.69 -30.56 -10.37
C GLY D 55 -18.36 -32.06 -10.08
N PRO D 56 -17.38 -32.31 -9.23
CA PRO D 56 -16.95 -33.67 -9.02
C PRO D 56 -18.09 -34.52 -8.33
N ILE D 57 -18.96 -33.89 -7.50
CA ILE D 57 -20.02 -34.67 -6.87
C ILE D 57 -21.15 -35.03 -7.87
N GLY D 58 -21.60 -34.11 -8.69
CA GLY D 58 -22.51 -34.53 -9.77
C GLY D 58 -21.89 -35.55 -10.64
N CYS D 59 -20.57 -35.48 -10.92
CA CYS D 59 -19.89 -36.47 -11.73
C CYS D 59 -19.81 -37.85 -11.04
N THR D 60 -19.86 -37.87 -9.72
CA THR D 60 -19.92 -39.13 -8.98
C THR D 60 -21.30 -39.80 -9.28
N TYR D 61 -22.39 -39.05 -9.16
CA TYR D 61 -23.71 -39.56 -9.51
C TYR D 61 -23.71 -40.03 -10.97
N ALA D 62 -23.15 -39.26 -11.91
CA ALA D 62 -23.11 -39.64 -13.32
C ALA D 62 -22.32 -40.90 -13.49
N ARG D 63 -21.12 -40.99 -12.94
CA ARG D 63 -20.32 -42.23 -13.09
C ARG D 63 -21.11 -43.46 -12.62
N GLU D 64 -21.70 -43.41 -11.44
CA GLU D 64 -22.43 -44.54 -10.87
C GLU D 64 -23.67 -44.89 -11.66
N LEU D 65 -24.44 -43.90 -12.05
CA LEU D 65 -25.76 -44.15 -12.62
C LEU D 65 -25.73 -44.36 -14.12
N VAL D 66 -24.92 -43.59 -14.85
CA VAL D 66 -24.71 -43.88 -16.28
C VAL D 66 -24.14 -45.29 -16.42
N GLY D 67 -23.22 -45.63 -15.50
CA GLY D 67 -22.55 -46.96 -15.56
C GLY D 67 -23.43 -48.15 -15.25
N ALA D 68 -24.55 -47.88 -14.58
CA ALA D 68 -25.62 -48.88 -14.27
C ALA D 68 -26.78 -48.79 -15.25
N GLY D 69 -26.63 -48.07 -16.33
CA GLY D 69 -27.62 -48.11 -17.40
C GLY D 69 -28.73 -47.06 -17.33
N TYR D 70 -28.73 -46.09 -16.42
CA TYR D 70 -29.78 -45.11 -16.34
C TYR D 70 -29.57 -44.07 -17.43
N LYS D 71 -30.68 -43.54 -17.95
CA LYS D 71 -30.66 -42.46 -18.95
C LYS D 71 -30.56 -41.15 -18.17
N VAL D 72 -29.37 -40.55 -18.23
CA VAL D 72 -29.01 -39.43 -17.39
C VAL D 72 -28.85 -38.17 -18.25
N ALA D 73 -29.44 -37.10 -17.73
CA ALA D 73 -29.18 -35.73 -18.18
C ALA D 73 -28.50 -34.96 -17.03
N MET D 74 -27.54 -34.08 -17.38
CA MET D 74 -26.88 -33.23 -16.39
C MET D 74 -26.89 -31.84 -16.94
N PHE D 75 -27.23 -30.88 -16.09
CA PHE D 75 -27.28 -29.43 -16.47
C PHE D 75 -26.23 -28.70 -15.66
N ASP D 76 -25.57 -27.76 -16.37
CA ASP D 76 -24.68 -26.85 -15.65
C ASP D 76 -24.91 -25.46 -16.16
N ILE D 77 -25.01 -24.48 -15.21
CA ILE D 77 -25.27 -23.06 -15.50
C ILE D 77 -24.04 -22.50 -16.25
N GLY D 78 -22.85 -23.04 -16.00
CA GLY D 78 -21.65 -22.60 -16.71
C GLY D 78 -21.31 -23.41 -17.95
N GLU D 79 -20.15 -23.11 -18.50
CA GLU D 79 -19.82 -23.56 -19.83
C GLU D 79 -18.52 -24.35 -19.87
N ILE D 80 -18.32 -25.04 -20.98
CA ILE D 80 -17.14 -25.86 -21.20
C ILE D 80 -15.98 -24.88 -21.48
N ASP D 81 -14.96 -24.91 -20.63
CA ASP D 81 -13.77 -24.06 -20.77
C ASP D 81 -12.47 -24.67 -20.09
N SER D 82 -12.23 -25.97 -20.23
CA SER D 82 -10.95 -26.62 -19.88
C SER D 82 -10.20 -27.25 -21.07
N GLY D 83 -10.55 -26.91 -22.30
CA GLY D 83 -10.03 -27.68 -23.43
C GLY D 83 -10.87 -28.89 -23.81
N LEU D 84 -10.27 -29.81 -24.56
CA LEU D 84 -11.01 -30.97 -25.09
C LEU D 84 -11.43 -31.99 -24.02
N LYS D 85 -10.71 -32.05 -22.87
CA LYS D 85 -11.14 -32.94 -21.77
C LYS D 85 -12.13 -32.10 -20.99
N ILE D 86 -13.42 -32.45 -21.12
CA ILE D 86 -14.54 -31.71 -20.54
C ILE D 86 -14.45 -31.72 -19.03
N GLY D 87 -14.54 -30.54 -18.41
CA GLY D 87 -14.42 -30.46 -16.93
C GLY D 87 -13.06 -30.78 -16.25
N ALA D 88 -11.97 -30.75 -17.01
CA ALA D 88 -10.65 -31.14 -16.49
C ALA D 88 -9.98 -29.97 -15.73
N HIS D 89 -8.85 -30.30 -15.10
CA HIS D 89 -8.18 -29.34 -14.21
C HIS D 89 -7.49 -28.34 -15.17
N LYS D 90 -7.71 -27.07 -14.96
CA LYS D 90 -7.06 -26.00 -15.73
C LYS D 90 -5.58 -25.80 -15.48
N LYS D 91 -4.99 -26.42 -14.42
CA LYS D 91 -3.56 -26.31 -14.17
C LYS D 91 -2.79 -27.36 -14.96
N ASN D 92 -3.49 -28.23 -15.71
CA ASN D 92 -2.86 -29.30 -16.49
C ASN D 92 -2.38 -28.82 -17.87
N THR D 93 -1.77 -27.67 -17.90
CA THR D 93 -1.11 -27.16 -19.11
C THR D 93 0.37 -27.09 -18.84
N VAL D 94 1.16 -27.34 -19.89
CA VAL D 94 2.62 -27.23 -19.79
C VAL D 94 3.00 -25.79 -19.34
N GLU D 95 2.25 -24.83 -19.86
CA GLU D 95 2.51 -23.44 -19.59
C GLU D 95 2.23 -23.09 -18.15
N TYR D 96 1.10 -23.57 -17.60
CA TYR D 96 0.90 -23.30 -16.16
C TYR D 96 1.86 -23.96 -15.20
N GLN D 97 2.35 -25.13 -15.55
CA GLN D 97 3.31 -25.81 -14.65
C GLN D 97 4.74 -25.32 -14.83
N LYS D 98 5.00 -24.67 -15.97
CA LYS D 98 6.20 -23.83 -16.08
C LYS D 98 6.15 -22.43 -15.46
N ASN D 99 4.96 -21.92 -15.13
CA ASN D 99 4.73 -20.56 -14.69
C ASN D 99 3.69 -20.64 -13.56
N ILE D 100 3.99 -21.40 -12.52
CA ILE D 100 2.91 -21.79 -11.58
C ILE D 100 2.37 -20.59 -10.80
N ASP D 101 3.24 -19.58 -10.64
CA ASP D 101 2.82 -18.28 -10.00
C ASP D 101 1.65 -17.56 -10.69
N LYS D 102 1.37 -17.97 -11.91
CA LYS D 102 0.27 -17.36 -12.68
C LYS D 102 -1.06 -17.99 -12.46
N PHE D 103 -1.09 -19.24 -11.98
CA PHE D 103 -2.37 -19.93 -11.79
C PHE D 103 -3.36 -19.25 -10.83
N VAL D 104 -2.88 -18.50 -9.87
CA VAL D 104 -3.76 -17.77 -8.98
C VAL D 104 -4.77 -16.92 -9.75
N ASN D 105 -4.33 -16.45 -10.91
CA ASN D 105 -5.25 -15.68 -11.78
C ASN D 105 -6.38 -16.46 -12.30
N VAL D 106 -6.16 -17.73 -12.64
CA VAL D 106 -7.24 -18.67 -13.01
C VAL D 106 -8.27 -18.79 -11.89
N ILE D 107 -7.75 -19.03 -10.69
CA ILE D 107 -8.60 -19.20 -9.51
C ILE D 107 -9.44 -17.94 -9.29
N GLN D 108 -8.78 -16.78 -9.25
CA GLN D 108 -9.51 -15.54 -8.97
C GLN D 108 -10.55 -15.18 -10.03
N GLY D 109 -10.23 -15.56 -11.27
CA GLY D 109 -11.09 -15.30 -12.39
C GLY D 109 -12.42 -16.04 -12.32
N GLN D 110 -12.46 -17.11 -11.54
CA GLN D 110 -13.73 -17.87 -11.50
C GLN D 110 -14.20 -18.09 -10.07
N LEU D 111 -13.80 -17.18 -9.17
CA LEU D 111 -14.36 -17.08 -7.84
C LEU D 111 -15.20 -15.84 -7.70
N MET D 112 -16.52 -16.01 -7.76
CA MET D 112 -17.49 -14.89 -7.71
C MET D 112 -18.03 -14.86 -6.27
N SER D 113 -17.82 -13.73 -5.60
CA SER D 113 -18.20 -13.58 -4.18
C SER D 113 -19.71 -13.82 -3.98
N VAL D 114 -20.03 -14.57 -2.92
CA VAL D 114 -21.40 -14.94 -2.65
C VAL D 114 -22.25 -13.73 -2.16
N SER D 115 -21.75 -13.03 -1.16
CA SER D 115 -22.49 -11.91 -0.61
C SER D 115 -21.52 -10.77 -0.24
N VAL D 116 -21.63 -9.67 -0.91
CA VAL D 116 -20.79 -8.51 -0.70
C VAL D 116 -21.65 -7.42 -0.05
N PRO D 117 -21.30 -6.98 1.20
CA PRO D 117 -22.17 -5.95 1.84
C PRO D 117 -21.98 -4.60 1.11
N VAL D 118 -22.94 -3.75 1.35
CA VAL D 118 -22.91 -2.37 0.82
C VAL D 118 -21.60 -1.70 1.28
N ASN D 119 -20.96 -1.04 0.34
CA ASN D 119 -19.63 -0.40 0.57
C ASN D 119 -19.82 0.93 1.28
N THR D 120 -18.97 1.20 2.28
CA THR D 120 -19.05 2.49 2.98
C THR D 120 -17.74 3.19 3.01
N LEU D 121 -16.86 2.86 2.05
CA LEU D 121 -15.61 3.57 1.94
C LEU D 121 -15.83 5.04 1.58
N VAL D 122 -15.10 5.92 2.25
CA VAL D 122 -15.26 7.36 1.94
C VAL D 122 -14.26 7.87 0.91
N VAL D 123 -14.75 8.37 -0.21
CA VAL D 123 -13.89 8.98 -1.23
C VAL D 123 -14.29 10.44 -1.16
N ASP D 124 -13.42 11.28 -0.64
CA ASP D 124 -13.70 12.72 -0.55
C ASP D 124 -12.76 13.62 -1.36
N THR D 125 -12.11 13.03 -2.34
CA THR D 125 -11.18 13.72 -3.20
C THR D 125 -11.64 13.70 -4.65
N LEU D 126 -12.92 13.49 -4.90
CA LEU D 126 -13.47 13.70 -6.22
C LEU D 126 -13.38 15.16 -6.60
N SER D 127 -13.34 15.43 -7.88
CA SER D 127 -13.50 16.80 -8.35
C SER D 127 -14.87 17.32 -8.00
N PRO D 128 -14.99 18.58 -7.57
CA PRO D 128 -16.38 19.19 -7.44
C PRO D 128 -17.29 19.08 -8.67
N THR D 129 -16.81 18.84 -9.89
CA THR D 129 -17.74 18.67 -11.00
C THR D 129 -18.28 17.28 -11.09
N SER D 130 -17.65 16.28 -10.45
CA SER D 130 -18.10 14.85 -10.58
C SER D 130 -19.36 14.63 -9.82
N TRP D 131 -20.21 13.76 -10.36
CA TRP D 131 -21.43 13.27 -9.71
C TRP D 131 -21.01 12.57 -8.38
N GLN D 132 -21.57 13.04 -7.20
CA GLN D 132 -21.09 12.70 -5.80
C GLN D 132 -22.27 12.18 -5.07
N ALA D 133 -21.98 10.99 -4.49
CA ALA D 133 -23.04 10.28 -3.73
C ALA D 133 -23.51 11.10 -2.52
N SER D 134 -24.85 11.14 -2.16
CA SER D 134 -25.26 11.63 -0.78
C SER D 134 -25.39 10.52 0.27
N THR D 135 -25.50 9.32 -0.17
CA THR D 135 -25.60 8.15 0.70
C THR D 135 -24.72 7.03 0.19
N PHE D 136 -24.52 6.00 1.07
CA PHE D 136 -23.94 4.73 0.62
C PHE D 136 -25.04 3.84 0.07
N PHE D 137 -25.47 4.15 -1.19
CA PHE D 137 -26.57 3.41 -1.82
C PHE D 137 -26.08 2.06 -2.36
N VAL D 138 -27.02 1.23 -2.77
CA VAL D 138 -26.67 -0.11 -3.27
C VAL D 138 -26.02 -0.04 -4.66
N ARG D 139 -24.75 -0.32 -4.72
CA ARG D 139 -23.84 -0.10 -5.91
C ARG D 139 -23.23 -1.43 -6.23
N ASN D 140 -22.94 -1.58 -7.53
CA ASN D 140 -22.05 -2.58 -8.00
C ASN D 140 -22.41 -4.04 -7.59
N GLY D 141 -23.70 -4.36 -7.52
CA GLY D 141 -24.17 -5.71 -7.21
C GLY D 141 -24.11 -6.13 -5.74
N SER D 142 -23.88 -5.14 -4.88
CA SER D 142 -23.86 -5.42 -3.44
C SER D 142 -25.21 -5.76 -2.83
N ASN D 143 -25.12 -6.47 -1.71
CA ASN D 143 -26.23 -7.10 -1.01
C ASN D 143 -26.66 -6.30 0.21
N PRO D 144 -27.73 -5.45 0.14
CA PRO D 144 -28.10 -4.67 1.30
C PRO D 144 -28.70 -5.48 2.47
N GLU D 145 -29.01 -6.75 2.29
CA GLU D 145 -29.38 -7.65 3.40
C GLU D 145 -28.20 -7.95 4.35
N GLN D 146 -26.96 -7.86 3.86
CA GLN D 146 -25.83 -8.44 4.54
C GLN D 146 -25.20 -7.49 5.61
N ASP D 147 -25.14 -8.03 6.84
CA ASP D 147 -24.42 -7.38 7.91
C ASP D 147 -22.93 -7.66 7.57
N PRO D 148 -22.12 -6.59 7.36
CA PRO D 148 -20.72 -6.82 7.03
C PRO D 148 -19.98 -7.51 8.13
N LEU D 149 -20.48 -7.46 9.37
CA LEU D 149 -19.78 -7.98 10.52
C LEU D 149 -20.14 -9.44 10.89
N ARG D 150 -21.08 -9.99 10.13
CA ARG D 150 -21.53 -11.42 10.37
C ARG D 150 -21.60 -12.12 9.04
N ASN D 151 -20.57 -11.98 8.22
CA ASN D 151 -20.51 -12.49 6.92
C ASN D 151 -19.43 -13.61 6.82
N LEU D 152 -19.52 -14.32 5.70
CA LEU D 152 -18.39 -15.10 5.20
C LEU D 152 -17.90 -14.37 3.96
N SER D 153 -17.14 -13.29 4.13
CA SER D 153 -16.83 -12.43 3.00
C SER D 153 -15.99 -13.13 1.93
N GLY D 154 -15.25 -14.15 2.33
CA GLY D 154 -14.43 -14.93 1.40
C GLY D 154 -15.15 -16.00 0.62
N GLN D 155 -16.37 -16.34 1.01
CA GLN D 155 -17.16 -17.34 0.30
C GLN D 155 -17.48 -16.91 -1.14
N ALA D 156 -17.23 -17.83 -2.10
CA ALA D 156 -17.34 -17.54 -3.48
C ALA D 156 -17.78 -18.80 -4.18
N VAL D 157 -18.27 -18.64 -5.40
CA VAL D 157 -18.77 -19.74 -6.19
C VAL D 157 -18.21 -19.69 -7.62
N THR D 158 -18.15 -20.88 -8.20
CA THR D 158 -17.55 -21.11 -9.51
C THR D 158 -18.59 -21.69 -10.50
N ARG D 159 -18.86 -20.98 -11.60
CA ARG D 159 -19.81 -21.42 -12.60
C ARG D 159 -19.14 -21.73 -13.94
N VAL D 160 -18.66 -22.96 -14.01
CA VAL D 160 -17.97 -23.57 -15.19
C VAL D 160 -18.20 -25.02 -15.15
N VAL D 161 -18.17 -25.70 -16.29
CA VAL D 161 -18.32 -27.14 -16.30
C VAL D 161 -17.10 -27.76 -15.57
N GLY D 162 -17.40 -28.66 -14.66
CA GLY D 162 -16.42 -29.22 -13.72
C GLY D 162 -16.41 -28.50 -12.39
N GLY D 163 -17.14 -27.42 -12.29
CA GLY D 163 -17.17 -26.69 -11.01
C GLY D 163 -15.80 -26.28 -10.48
N MET D 164 -15.66 -26.29 -9.17
CA MET D 164 -14.43 -25.85 -8.48
C MET D 164 -13.32 -26.84 -8.70
N SER D 165 -13.64 -28.08 -9.17
CA SER D 165 -12.62 -29.09 -9.46
C SER D 165 -11.77 -28.74 -10.69
N THR D 166 -12.12 -27.69 -11.40
CA THR D 166 -11.28 -27.15 -12.49
C THR D 166 -10.12 -26.33 -11.95
N HIS D 167 -10.11 -25.96 -10.65
CA HIS D 167 -9.01 -25.18 -10.04
C HIS D 167 -8.49 -25.66 -8.71
N TRP D 168 -9.11 -26.70 -8.13
CA TRP D 168 -8.83 -27.06 -6.72
C TRP D 168 -7.45 -27.63 -6.51
N THR D 169 -7.07 -27.67 -5.23
CA THR D 169 -5.74 -28.08 -4.81
C THR D 169 -5.55 -29.65 -4.87
N CYS D 170 -6.65 -30.39 -4.91
CA CYS D 170 -6.65 -31.82 -5.04
C CYS D 170 -6.26 -32.56 -3.76
N ALA D 171 -6.31 -31.90 -2.60
CA ALA D 171 -6.05 -32.58 -1.33
C ALA D 171 -7.28 -33.34 -0.91
N THR D 172 -7.10 -34.63 -0.66
CA THR D 172 -8.27 -35.55 -0.42
C THR D 172 -7.94 -36.46 0.75
N PRO D 173 -7.79 -35.89 1.93
CA PRO D 173 -7.73 -36.74 3.15
C PRO D 173 -9.03 -37.37 3.60
N ARG D 174 -8.98 -38.51 4.29
CA ARG D 174 -10.14 -39.04 5.00
C ARG D 174 -10.36 -38.30 6.32
N PHE D 175 -11.62 -38.17 6.75
CA PHE D 175 -11.91 -37.80 8.11
C PHE D 175 -11.76 -38.98 9.04
N ASP D 176 -11.13 -38.73 10.19
CA ASP D 176 -11.22 -39.67 11.33
C ASP D 176 -12.56 -39.59 12.02
N ARG D 177 -12.83 -40.52 12.94
CA ARG D 177 -14.14 -40.64 13.54
C ARG D 177 -14.61 -39.34 14.15
N GLU D 178 -13.67 -38.63 14.81
CA GLU D 178 -14.10 -37.42 15.52
C GLU D 178 -14.67 -36.30 14.60
N GLN D 179 -14.27 -36.30 13.35
CA GLN D 179 -14.77 -35.33 12.37
C GLN D 179 -15.95 -35.75 11.51
N ARG D 180 -16.34 -37.02 11.61
CA ARG D 180 -17.14 -37.70 10.56
C ARG D 180 -18.55 -38.01 11.07
N PRO D 181 -19.64 -37.84 10.23
CA PRO D 181 -20.96 -38.27 10.69
C PRO D 181 -21.03 -39.82 10.72
N LEU D 182 -21.79 -40.32 11.68
CA LEU D 182 -22.15 -41.73 11.73
C LEU D 182 -23.02 -42.13 10.53
N LEU D 183 -22.67 -43.29 9.94
CA LEU D 183 -23.51 -43.94 8.94
C LEU D 183 -24.15 -45.17 9.55
N VAL D 184 -23.58 -45.70 10.64
CA VAL D 184 -24.18 -46.89 11.32
C VAL D 184 -24.24 -46.52 12.78
N LYS D 185 -25.41 -46.66 13.40
CA LYS D 185 -25.61 -46.34 14.85
C LYS D 185 -25.17 -47.50 15.77
N ASP D 186 -24.62 -47.16 16.92
CA ASP D 186 -24.23 -48.13 17.95
C ASP D 186 -23.56 -49.38 17.41
N ASP D 187 -22.54 -49.18 16.57
CA ASP D 187 -21.71 -50.27 16.11
C ASP D 187 -20.54 -49.62 15.42
N ALA D 188 -19.53 -49.29 16.19
CA ALA D 188 -18.42 -48.46 15.68
C ALA D 188 -17.61 -49.26 14.62
N ASP D 189 -17.47 -50.59 14.79
CA ASP D 189 -16.73 -51.39 13.80
C ASP D 189 -17.40 -51.37 12.41
N ALA D 190 -18.74 -51.44 12.45
CA ALA D 190 -19.61 -51.41 11.23
C ALA D 190 -19.56 -50.05 10.59
N ASP D 191 -19.61 -49.02 11.41
CA ASP D 191 -19.46 -47.66 10.91
C ASP D 191 -18.06 -47.48 10.20
N ASP D 192 -17.02 -47.93 10.87
CA ASP D 192 -15.63 -47.81 10.35
C ASP D 192 -15.53 -48.58 9.03
N ALA D 193 -16.13 -49.76 8.98
CA ALA D 193 -16.02 -50.54 7.74
C ALA D 193 -16.76 -49.93 6.55
N GLU D 194 -17.95 -49.40 6.80
CA GLU D 194 -18.73 -48.71 5.78
C GLU D 194 -17.97 -47.48 5.26
N TRP D 195 -17.41 -46.70 6.18
CA TRP D 195 -16.58 -45.52 5.73
C TRP D 195 -15.32 -45.95 4.92
N ASP D 196 -14.66 -47.00 5.37
CA ASP D 196 -13.50 -47.49 4.68
C ASP D 196 -13.84 -47.96 3.27
N ARG D 197 -14.94 -48.69 3.17
CA ARG D 197 -15.42 -49.17 1.82
C ARG D 197 -15.71 -47.93 0.89
N LEU D 198 -16.44 -46.92 1.40
CA LEU D 198 -16.83 -45.76 0.58
C LEU D 198 -15.61 -44.89 0.22
N TYR D 199 -14.81 -44.59 1.23
CA TYR D 199 -13.57 -43.83 0.97
C TYR D 199 -12.63 -44.50 -0.01
N THR D 200 -12.43 -45.82 0.10
CA THR D 200 -11.58 -46.57 -0.86
C THR D 200 -12.08 -46.37 -2.35
N LYS D 201 -13.41 -46.45 -2.55
CA LYS D 201 -14.00 -46.25 -3.83
C LYS D 201 -13.81 -44.80 -4.28
N ALA D 202 -14.06 -43.87 -3.37
CA ALA D 202 -13.89 -42.46 -3.71
C ALA D 202 -12.46 -42.12 -4.15
N GLU D 203 -11.49 -42.65 -3.36
CA GLU D 203 -10.10 -42.52 -3.71
C GLU D 203 -9.77 -43.04 -5.10
N SER D 204 -10.42 -44.16 -5.48
CA SER D 204 -10.20 -44.71 -6.80
CA SER D 204 -10.20 -44.71 -6.80
C SER D 204 -10.72 -43.76 -7.90
N TYR D 205 -11.87 -43.22 -7.67
CA TYR D 205 -12.51 -42.27 -8.63
C TYR D 205 -11.64 -41.07 -8.82
N PHE D 206 -11.06 -40.53 -7.73
CA PHE D 206 -10.22 -39.35 -7.86
C PHE D 206 -8.76 -39.63 -8.21
N GLN D 207 -8.34 -40.90 -8.12
CA GLN D 207 -6.96 -41.30 -8.30
C GLN D 207 -6.08 -40.66 -7.23
N THR D 208 -6.59 -40.70 -6.02
CA THR D 208 -5.83 -40.27 -4.82
C THR D 208 -4.60 -41.14 -4.61
N GLY D 209 -3.48 -40.50 -4.28
CA GLY D 209 -2.26 -41.24 -3.90
C GLY D 209 -1.42 -40.40 -2.95
N THR D 210 -0.37 -41.03 -2.43
CA THR D 210 0.50 -40.35 -1.48
C THR D 210 1.98 -40.46 -1.90
N ASP D 211 2.19 -40.66 -3.19
CA ASP D 211 3.50 -40.99 -3.74
C ASP D 211 4.10 -39.98 -4.72
N GLN D 212 3.34 -38.97 -5.11
CA GLN D 212 3.64 -38.14 -6.23
C GLN D 212 4.81 -37.24 -5.96
N PHE D 213 5.07 -36.93 -4.70
CA PHE D 213 6.20 -36.04 -4.33
C PHE D 213 7.33 -36.76 -3.62
N LYS D 214 7.42 -38.08 -3.75
CA LYS D 214 8.47 -38.85 -3.10
C LYS D 214 9.91 -38.50 -3.46
N GLU D 215 10.15 -37.94 -4.66
CA GLU D 215 11.45 -37.69 -5.18
C GLU D 215 11.77 -36.16 -5.22
N SER D 216 11.02 -35.39 -4.44
CA SER D 216 11.36 -33.96 -4.21
C SER D 216 12.30 -33.80 -3.02
N ILE D 217 13.38 -33.10 -3.25
CA ILE D 217 14.30 -32.71 -2.18
C ILE D 217 13.57 -31.84 -1.15
N ARG D 218 12.96 -30.77 -1.61
CA ARG D 218 12.22 -29.85 -0.65
C ARG D 218 11.17 -30.56 0.18
N HIS D 219 10.44 -31.44 -0.43
CA HIS D 219 9.39 -32.23 0.24
C HIS D 219 9.98 -33.04 1.35
N ASN D 220 11.03 -33.79 1.05
CA ASN D 220 11.71 -34.67 2.00
C ASN D 220 12.47 -33.91 3.06
N LEU D 221 13.05 -32.75 2.67
CA LEU D 221 13.72 -31.97 3.64
C LEU D 221 12.72 -31.56 4.74
N VAL D 222 11.59 -31.00 4.34
CA VAL D 222 10.56 -30.53 5.31
C VAL D 222 9.96 -31.75 6.09
N LEU D 223 9.58 -32.76 5.39
CA LEU D 223 8.97 -33.92 5.98
C LEU D 223 9.85 -34.56 7.02
N ASN D 224 11.11 -34.78 6.71
CA ASN D 224 12.00 -35.43 7.61
C ASN D 224 12.27 -34.60 8.89
N LYS D 225 12.43 -33.26 8.76
CA LYS D 225 12.71 -32.41 9.85
C LYS D 225 11.50 -32.38 10.79
N LEU D 226 10.30 -32.28 10.23
CA LEU D 226 9.10 -32.32 11.09
C LEU D 226 8.88 -33.70 11.76
N THR D 227 9.10 -34.76 11.02
CA THR D 227 9.08 -36.12 11.62
C THR D 227 10.00 -36.24 12.84
N GLU D 228 11.24 -35.77 12.72
CA GLU D 228 12.22 -35.86 13.75
C GLU D 228 11.80 -34.97 14.93
N GLU D 229 11.38 -33.71 14.61
CA GLU D 229 10.99 -32.79 15.65
C GLU D 229 9.77 -33.19 16.52
N TYR D 230 8.87 -33.99 15.96
CA TYR D 230 7.64 -34.49 16.60
C TYR D 230 7.68 -36.00 16.80
N LYS D 231 8.89 -36.56 16.81
CA LYS D 231 9.04 -38.05 16.98
C LYS D 231 8.42 -38.47 18.33
N GLY D 232 7.50 -39.39 18.18
CA GLY D 232 6.68 -39.94 19.23
C GLY D 232 5.47 -39.14 19.61
N GLN D 233 5.25 -37.99 18.94
CA GLN D 233 4.21 -37.02 19.33
C GLN D 233 3.16 -36.87 18.21
N ARG D 234 3.62 -36.65 16.99
CA ARG D 234 2.78 -36.47 15.83
C ARG D 234 3.40 -37.16 14.61
N ASP D 235 2.54 -37.68 13.75
CA ASP D 235 2.94 -38.33 12.50
C ASP D 235 2.78 -37.38 11.33
N PHE D 236 3.80 -37.34 10.47
CA PHE D 236 3.73 -36.56 9.20
C PHE D 236 3.74 -37.46 8.01
N GLN D 237 3.15 -37.02 6.91
CA GLN D 237 3.11 -37.78 5.65
C GLN D 237 2.91 -36.81 4.50
N GLN D 238 2.92 -37.33 3.28
CA GLN D 238 2.54 -36.51 2.17
C GLN D 238 1.00 -36.28 2.31
N ILE D 239 0.57 -35.10 1.91
CA ILE D 239 -0.84 -34.78 1.72
C ILE D 239 -1.41 -35.76 0.69
N PRO D 240 -2.51 -36.50 1.03
CA PRO D 240 -3.10 -37.33 -0.05
C PRO D 240 -3.66 -36.48 -1.16
N LEU D 241 -3.24 -36.73 -2.40
CA LEU D 241 -3.51 -35.82 -3.50
C LEU D 241 -4.16 -36.67 -4.61
N ALA D 242 -5.23 -36.04 -5.19
CA ALA D 242 -5.91 -36.57 -6.39
C ALA D 242 -5.13 -36.14 -7.62
N ALA D 243 -4.22 -37.00 -8.10
CA ALA D 243 -3.18 -36.60 -9.08
C ALA D 243 -2.38 -37.78 -9.48
N THR D 244 -1.93 -37.74 -10.75
CA THR D 244 -0.94 -38.71 -11.21
C THR D 244 0.26 -37.98 -11.80
N ARG D 245 1.46 -38.26 -11.32
CA ARG D 245 2.67 -37.59 -11.89
C ARG D 245 2.96 -38.18 -13.27
N ARG D 246 3.15 -37.29 -14.26
CA ARG D 246 3.51 -37.77 -15.62
C ARG D 246 5.01 -37.71 -15.90
N SER D 247 5.71 -36.79 -15.25
CA SER D 247 7.12 -36.52 -15.50
C SER D 247 7.70 -35.79 -14.28
N PRO D 248 9.05 -35.63 -14.22
CA PRO D 248 9.57 -34.94 -13.03
C PRO D 248 9.18 -33.49 -12.92
N THR D 249 8.61 -32.90 -13.98
CA THR D 249 8.17 -31.48 -13.93
C THR D 249 6.68 -31.33 -14.31
N PHE D 250 5.93 -32.43 -14.38
CA PHE D 250 4.48 -32.36 -14.76
C PHE D 250 3.58 -33.35 -14.00
N VAL D 251 2.56 -32.76 -13.27
CA VAL D 251 1.55 -33.55 -12.56
C VAL D 251 0.19 -33.36 -13.25
N GLU D 252 -0.47 -34.49 -13.58
CA GLU D 252 -1.83 -34.48 -14.04
C GLU D 252 -2.75 -34.49 -12.83
N TRP D 253 -3.20 -33.29 -12.48
CA TRP D 253 -4.11 -33.05 -11.33
C TRP D 253 -5.48 -33.60 -11.70
N SER D 254 -6.14 -34.25 -10.77
CA SER D 254 -7.49 -34.82 -11.03
C SER D 254 -8.55 -33.69 -10.93
N SER D 255 -9.77 -34.02 -11.30
CA SER D 255 -10.86 -33.07 -11.48
C SER D 255 -12.12 -33.96 -11.66
N ALA D 256 -13.26 -33.25 -11.81
CA ALA D 256 -14.53 -33.91 -12.29
C ALA D 256 -14.31 -34.83 -13.48
N ASN D 257 -13.50 -34.39 -14.43
CA ASN D 257 -13.21 -35.21 -15.63
C ASN D 257 -12.58 -36.58 -15.33
N THR D 258 -11.80 -36.65 -14.24
CA THR D 258 -11.15 -37.90 -13.78
C THR D 258 -12.27 -38.87 -13.35
N VAL D 259 -13.27 -38.32 -12.70
CA VAL D 259 -14.36 -39.11 -12.07
C VAL D 259 -15.28 -39.60 -13.23
N PHE D 260 -15.59 -38.69 -14.13
CA PHE D 260 -16.46 -39.00 -15.26
C PHE D 260 -16.10 -38.06 -16.43
N ASP D 261 -15.90 -38.61 -17.63
CA ASP D 261 -15.31 -37.73 -18.67
C ASP D 261 -16.29 -36.70 -19.31
N LEU D 262 -17.59 -36.80 -19.01
CA LEU D 262 -18.61 -35.83 -19.43
C LEU D 262 -18.91 -35.81 -20.93
N GLN D 263 -18.41 -36.83 -21.64
CA GLN D 263 -18.78 -37.07 -23.03
C GLN D 263 -20.20 -37.61 -23.15
N ASN D 264 -20.95 -37.11 -24.15
CA ASN D 264 -22.26 -37.63 -24.43
C ASN D 264 -22.20 -39.10 -24.84
N ARG D 265 -23.18 -39.89 -24.39
CA ARG D 265 -23.25 -41.31 -24.58
C ARG D 265 -24.67 -41.57 -25.06
N PRO D 266 -24.85 -42.54 -25.98
CA PRO D 266 -23.89 -43.60 -26.34
C PRO D 266 -22.75 -43.09 -27.22
N ASN D 267 -21.59 -43.70 -27.09
CA ASN D 267 -20.45 -43.32 -27.94
C ASN D 267 -19.68 -44.59 -28.23
N THR D 268 -18.64 -44.50 -29.04
CA THR D 268 -17.87 -45.70 -29.40
C THR D 268 -17.34 -46.54 -28.23
N ASP D 269 -16.88 -45.85 -27.20
CA ASP D 269 -16.34 -46.44 -26.00
C ASP D 269 -17.40 -46.96 -25.02
N ALA D 270 -18.63 -46.39 -25.06
CA ALA D 270 -19.77 -46.81 -24.14
C ALA D 270 -21.06 -46.83 -24.99
N PRO D 271 -21.18 -47.84 -25.88
CA PRO D 271 -22.27 -47.86 -26.84
C PRO D 271 -23.64 -48.13 -26.23
N GLU D 272 -23.67 -48.57 -24.96
CA GLU D 272 -24.95 -48.96 -24.30
C GLU D 272 -25.32 -47.96 -23.20
N GLU D 273 -24.46 -46.98 -22.97
CA GLU D 273 -24.73 -45.96 -21.93
C GLU D 273 -25.46 -44.74 -22.56
N ARG D 274 -26.17 -43.99 -21.69
CA ARG D 274 -26.98 -42.84 -22.09
C ARG D 274 -26.72 -41.66 -21.12
N PHE D 275 -26.14 -40.62 -21.68
CA PHE D 275 -25.68 -39.42 -20.93
C PHE D 275 -25.71 -38.25 -21.88
N ASN D 276 -26.29 -37.15 -21.39
CA ASN D 276 -26.24 -35.86 -22.12
C ASN D 276 -25.88 -34.76 -21.10
N LEU D 277 -24.88 -33.95 -21.45
CA LEU D 277 -24.55 -32.76 -20.70
C LEU D 277 -25.07 -31.53 -21.42
N PHE D 278 -25.71 -30.63 -20.65
CA PHE D 278 -26.26 -29.39 -21.15
C PHE D 278 -25.64 -28.22 -20.41
N PRO D 279 -24.63 -27.60 -21.01
CA PRO D 279 -24.05 -26.46 -20.33
C PRO D 279 -24.86 -25.18 -20.61
N ALA D 280 -24.58 -24.09 -19.85
CA ALA D 280 -25.30 -22.81 -19.99
C ALA D 280 -26.81 -22.94 -19.74
N VAL D 281 -27.16 -23.80 -18.80
CA VAL D 281 -28.55 -23.99 -18.36
C VAL D 281 -28.61 -23.77 -16.85
N ALA D 282 -29.35 -22.74 -16.49
CA ALA D 282 -29.63 -22.34 -15.09
C ALA D 282 -30.84 -23.11 -14.60
N CYS D 283 -30.64 -23.98 -13.60
CA CYS D 283 -31.71 -24.75 -12.99
C CYS D 283 -32.30 -23.86 -11.88
N GLU D 284 -33.61 -23.74 -11.80
CA GLU D 284 -34.24 -22.72 -10.99
C GLU D 284 -35.15 -23.32 -9.89
N ARG D 285 -35.84 -24.45 -10.15
CA ARG D 285 -36.88 -24.90 -9.20
C ARG D 285 -37.13 -26.39 -9.44
N VAL D 286 -37.19 -27.17 -8.35
CA VAL D 286 -37.87 -28.45 -8.38
C VAL D 286 -39.38 -28.26 -7.99
N VAL D 287 -40.28 -28.93 -8.70
CA VAL D 287 -41.75 -28.81 -8.48
C VAL D 287 -42.20 -30.00 -7.59
N ARG D 288 -42.70 -29.66 -6.41
CA ARG D 288 -43.28 -30.62 -5.47
C ARG D 288 -44.68 -30.96 -5.83
N ASN D 289 -45.07 -32.24 -5.68
CA ASN D 289 -46.46 -32.66 -5.77
C ASN D 289 -47.25 -32.14 -4.58
N ALA D 290 -48.54 -32.26 -4.70
CA ALA D 290 -49.47 -31.57 -3.76
C ALA D 290 -49.29 -32.13 -2.35
N LEU D 291 -48.91 -33.41 -2.24
CA LEU D 291 -48.74 -33.98 -0.91
C LEU D 291 -47.33 -33.90 -0.32
N ASN D 292 -46.45 -33.22 -1.02
CA ASN D 292 -45.03 -33.12 -0.56
C ASN D 292 -44.40 -34.49 -0.33
N SER D 293 -44.58 -35.38 -1.33
CA SER D 293 -43.95 -36.71 -1.26
C SER D 293 -43.06 -37.04 -2.44
N GLU D 294 -43.13 -36.26 -3.51
CA GLU D 294 -42.35 -36.52 -4.71
C GLU D 294 -42.12 -35.20 -5.46
N ILE D 295 -41.02 -35.15 -6.19
CA ILE D 295 -40.80 -34.11 -7.15
C ILE D 295 -41.33 -34.53 -8.55
N GLU D 296 -41.97 -33.57 -9.23
CA GLU D 296 -42.68 -33.77 -10.50
C GLU D 296 -41.98 -33.25 -11.73
N SER D 297 -41.11 -32.25 -11.55
CA SER D 297 -40.37 -31.66 -12.70
C SER D 297 -39.24 -30.79 -12.21
N LEU D 298 -38.30 -30.58 -13.10
CA LEU D 298 -37.21 -29.63 -12.87
C LEU D 298 -37.40 -28.46 -13.89
N HIS D 299 -37.58 -27.23 -13.35
CA HIS D 299 -37.65 -26.04 -14.21
C HIS D 299 -36.32 -25.40 -14.50
N ILE D 300 -36.02 -25.23 -15.76
CA ILE D 300 -34.72 -24.74 -16.23
C ILE D 300 -34.86 -23.50 -17.11
N HIS D 301 -33.77 -22.78 -17.27
CA HIS D 301 -33.67 -21.62 -18.11
C HIS D 301 -32.43 -21.78 -18.96
N ASP D 302 -32.64 -21.96 -20.29
CA ASP D 302 -31.52 -22.02 -21.22
C ASP D 302 -30.97 -20.62 -21.47
N LEU D 303 -29.70 -20.43 -21.11
CA LEU D 303 -29.10 -19.08 -21.12
C LEU D 303 -28.74 -18.56 -22.52
N ILE D 304 -28.62 -19.47 -23.50
CA ILE D 304 -28.30 -19.05 -24.86
C ILE D 304 -29.58 -18.61 -25.59
N SER D 305 -30.65 -19.37 -25.50
CA SER D 305 -31.90 -19.06 -26.24
C SER D 305 -32.76 -18.08 -25.42
N GLY D 306 -32.60 -18.13 -24.10
CA GLY D 306 -33.48 -17.39 -23.17
C GLY D 306 -34.73 -18.18 -22.79
N ASP D 307 -34.96 -19.33 -23.39
CA ASP D 307 -36.19 -20.08 -23.19
C ASP D 307 -36.22 -20.89 -21.89
N ARG D 308 -37.44 -21.10 -21.35
CA ARG D 308 -37.65 -21.90 -20.15
C ARG D 308 -38.34 -23.24 -20.49
N PHE D 309 -38.01 -24.28 -19.72
CA PHE D 309 -38.43 -25.64 -19.96
C PHE D 309 -38.70 -26.32 -18.62
N GLU D 310 -39.59 -27.32 -18.65
CA GLU D 310 -39.88 -28.23 -17.53
C GLU D 310 -39.36 -29.60 -18.01
N ILE D 311 -38.44 -30.16 -17.23
CA ILE D 311 -37.84 -31.48 -17.55
C ILE D 311 -38.35 -32.51 -16.54
N LYS D 312 -38.81 -33.64 -17.07
CA LYS D 312 -39.32 -34.71 -16.24
C LYS D 312 -38.25 -35.81 -16.09
N ALA D 313 -38.14 -36.35 -14.87
CA ALA D 313 -37.17 -37.39 -14.52
C ALA D 313 -37.84 -38.29 -13.46
N ASP D 314 -37.37 -39.52 -13.32
CA ASP D 314 -37.73 -40.35 -12.15
C ASP D 314 -36.98 -39.97 -10.88
N VAL D 315 -35.73 -39.55 -11.07
CA VAL D 315 -34.85 -39.18 -9.96
C VAL D 315 -34.23 -37.84 -10.24
N TYR D 316 -34.24 -36.99 -9.20
CA TYR D 316 -33.70 -35.58 -9.22
C TYR D 316 -32.54 -35.54 -8.22
N VAL D 317 -31.39 -35.11 -8.73
CA VAL D 317 -30.17 -35.03 -7.96
C VAL D 317 -29.61 -33.62 -8.04
N LEU D 318 -29.48 -32.95 -6.84
CA LEU D 318 -28.96 -31.54 -6.75
C LEU D 318 -27.58 -31.59 -6.25
N THR D 319 -26.66 -31.29 -7.16
CA THR D 319 -25.20 -31.16 -6.80
C THR D 319 -24.66 -29.83 -7.33
N ALA D 320 -25.29 -28.75 -6.90
CA ALA D 320 -24.95 -27.38 -7.40
C ALA D 320 -23.97 -26.61 -6.53
N GLY D 321 -23.51 -27.30 -5.47
CA GLY D 321 -22.72 -26.67 -4.42
C GLY D 321 -23.48 -26.40 -3.13
N ALA D 322 -22.69 -26.20 -2.07
CA ALA D 322 -23.28 -25.95 -0.74
C ALA D 322 -24.21 -24.72 -0.71
N VAL D 323 -23.86 -23.68 -1.46
CA VAL D 323 -24.69 -22.47 -1.50
C VAL D 323 -25.91 -22.66 -2.49
N HIS D 324 -25.60 -23.05 -3.71
CA HIS D 324 -26.64 -23.06 -4.74
C HIS D 324 -27.61 -24.26 -4.64
N ASN D 325 -27.24 -25.39 -4.03
CA ASN D 325 -28.26 -26.38 -3.70
C ASN D 325 -29.29 -25.70 -2.74
N THR D 326 -28.84 -24.97 -1.73
CA THR D 326 -29.72 -24.36 -0.77
C THR D 326 -30.65 -23.33 -1.46
N GLN D 327 -30.05 -22.57 -2.38
CA GLN D 327 -30.74 -21.56 -3.15
C GLN D 327 -31.90 -22.17 -3.97
N LEU D 328 -31.61 -23.24 -4.69
CA LEU D 328 -32.57 -23.88 -5.53
C LEU D 328 -33.73 -24.47 -4.63
N LEU D 329 -33.39 -25.10 -3.51
CA LEU D 329 -34.39 -25.67 -2.60
C LEU D 329 -35.29 -24.58 -2.07
N VAL D 330 -34.68 -23.46 -1.60
CA VAL D 330 -35.54 -22.41 -1.05
C VAL D 330 -36.40 -21.75 -2.11
N ASN D 331 -35.87 -21.66 -3.31
CA ASN D 331 -36.60 -21.19 -4.45
C ASN D 331 -37.74 -22.17 -4.85
N SER D 332 -37.69 -23.41 -4.36
CA SER D 332 -38.68 -24.48 -4.61
C SER D 332 -39.70 -24.65 -3.48
N GLY D 333 -39.62 -23.88 -2.39
CA GLY D 333 -40.59 -23.99 -1.31
C GLY D 333 -40.14 -24.80 -0.10
N PHE D 334 -38.88 -25.15 -0.03
CA PHE D 334 -38.28 -25.78 1.12
C PHE D 334 -37.67 -24.73 2.05
N GLY D 335 -37.62 -25.00 3.32
CA GLY D 335 -37.03 -24.07 4.26
C GLY D 335 -37.88 -22.81 4.23
N GLN D 336 -37.23 -21.67 4.45
CA GLN D 336 -37.91 -20.41 4.54
C GLN D 336 -37.23 -19.37 3.63
N LEU D 337 -38.00 -18.71 2.78
CA LEU D 337 -37.46 -17.55 2.02
C LEU D 337 -37.46 -16.27 2.88
N GLY D 338 -36.44 -15.42 2.73
CA GLY D 338 -36.32 -14.19 3.45
C GLY D 338 -35.54 -14.26 4.75
N ARG D 339 -35.54 -13.12 5.39
CA ARG D 339 -34.82 -12.95 6.60
C ARG D 339 -35.48 -13.88 7.64
N PRO D 340 -34.66 -14.57 8.41
CA PRO D 340 -35.26 -15.63 9.27
C PRO D 340 -36.28 -15.08 10.25
N ASN D 341 -37.38 -15.80 10.33
CA ASN D 341 -38.47 -15.36 11.20
C ASN D 341 -39.03 -16.58 11.94
N PRO D 342 -38.66 -16.75 13.23
CA PRO D 342 -39.13 -17.97 13.96
C PRO D 342 -40.67 -17.99 14.23
N ALA D 343 -41.30 -16.83 14.06
CA ALA D 343 -42.76 -16.70 14.19
C ALA D 343 -43.54 -17.38 13.06
N ASN D 344 -42.84 -17.77 11.99
CA ASN D 344 -43.45 -18.50 10.86
C ASN D 344 -42.68 -19.80 10.63
N PRO D 345 -43.00 -20.90 11.33
CA PRO D 345 -42.14 -22.07 11.10
C PRO D 345 -42.22 -22.50 9.62
N PRO D 346 -41.09 -22.93 9.03
CA PRO D 346 -41.34 -23.37 7.62
C PRO D 346 -42.11 -24.66 7.53
N GLU D 347 -42.85 -24.82 6.45
CA GLU D 347 -43.62 -26.04 6.31
C GLU D 347 -42.69 -27.27 6.09
N LEU D 348 -41.56 -27.07 5.40
CA LEU D 348 -40.73 -28.17 5.00
C LEU D 348 -39.26 -27.87 5.34
N LEU D 349 -38.55 -28.88 5.87
CA LEU D 349 -37.05 -28.83 6.07
C LEU D 349 -36.68 -27.58 6.86
N PRO D 350 -37.17 -27.52 8.08
CA PRO D 350 -36.89 -26.30 8.83
C PRO D 350 -35.42 -26.10 9.19
N SER D 351 -34.58 -27.15 9.11
CA SER D 351 -33.13 -26.98 9.37
C SER D 351 -32.34 -26.56 8.16
N LEU D 352 -32.98 -26.48 6.99
CA LEU D 352 -32.28 -26.08 5.78
C LEU D 352 -31.66 -24.66 5.95
N GLY D 353 -30.40 -24.54 5.62
CA GLY D 353 -29.69 -23.24 5.78
C GLY D 353 -29.32 -22.87 7.21
N SER D 354 -29.53 -23.73 8.20
CA SER D 354 -29.10 -23.51 9.57
C SER D 354 -27.99 -24.49 9.90
N TYR D 355 -27.27 -24.27 11.00
CA TYR D 355 -26.14 -25.12 11.42
C TYR D 355 -25.02 -25.11 10.46
N ILE D 356 -24.87 -24.00 9.68
CA ILE D 356 -23.81 -23.95 8.72
C ILE D 356 -22.40 -23.90 9.36
N THR D 357 -21.44 -24.51 8.75
CA THR D 357 -20.05 -24.56 9.25
C THR D 357 -19.15 -24.04 8.16
N GLU D 358 -18.17 -23.27 8.57
CA GLU D 358 -17.04 -22.90 7.77
C GLU D 358 -15.80 -22.96 8.70
N GLN D 359 -14.66 -23.38 8.10
CA GLN D 359 -13.45 -23.54 8.90
C GLN D 359 -12.77 -22.22 9.07
N SER D 360 -12.07 -22.10 10.18
CA SER D 360 -11.05 -21.05 10.37
C SER D 360 -9.79 -21.46 9.62
N LEU D 361 -9.15 -20.47 8.99
CA LEU D 361 -7.91 -20.77 8.28
C LEU D 361 -6.83 -19.71 8.74
N VAL D 362 -5.67 -20.29 9.09
CA VAL D 362 -4.50 -19.43 9.39
C VAL D 362 -3.41 -19.76 8.38
N PHE D 363 -2.56 -18.76 8.05
CA PHE D 363 -1.67 -18.83 6.94
C PHE D 363 -0.39 -18.06 7.31
N CYS D 364 0.75 -18.58 6.80
CA CYS D 364 1.98 -17.80 6.69
C CYS D 364 2.84 -18.43 5.68
N GLN D 365 3.94 -17.78 5.30
CA GLN D 365 5.03 -18.42 4.59
C GLN D 365 6.32 -18.23 5.44
N THR D 366 7.23 -19.15 5.23
CA THR D 366 8.52 -19.11 5.88
C THR D 366 9.66 -19.13 4.80
N VAL D 367 10.81 -18.67 5.23
CA VAL D 367 12.10 -18.71 4.50
C VAL D 367 13.06 -19.71 5.17
N MET D 368 13.45 -20.72 4.40
CA MET D 368 14.11 -21.90 4.98
C MET D 368 15.34 -21.53 5.75
N SER D 369 15.50 -22.12 6.91
CA SER D 369 16.69 -21.82 7.76
C SER D 369 18.04 -22.10 7.09
N THR D 370 19.03 -21.29 7.43
CA THR D 370 20.39 -21.55 6.99
C THR D 370 20.76 -22.99 7.33
N GLU D 371 20.41 -23.45 8.52
CA GLU D 371 20.73 -24.84 8.96
C GLU D 371 20.16 -25.90 8.04
N LEU D 372 18.89 -25.70 7.64
CA LEU D 372 18.29 -26.70 6.80
C LEU D 372 18.87 -26.66 5.42
N ILE D 373 19.16 -25.47 4.89
CA ILE D 373 19.76 -25.35 3.55
C ILE D 373 21.15 -25.93 3.52
N ASP D 374 21.93 -25.75 4.54
CA ASP D 374 23.30 -26.39 4.61
C ASP D 374 23.16 -27.91 4.76
N SER D 375 22.09 -28.37 5.40
CA SER D 375 21.89 -29.83 5.53
C SER D 375 21.59 -30.48 4.19
N VAL D 376 21.09 -29.73 3.20
CA VAL D 376 20.82 -30.32 1.89
C VAL D 376 22.11 -30.89 1.24
N LYS D 377 23.21 -30.22 1.46
CA LYS D 377 24.56 -30.61 0.90
C LYS D 377 25.50 -31.24 2.01
N SER D 378 24.91 -31.77 3.10
CA SER D 378 25.60 -32.41 4.24
C SER D 378 26.57 -33.52 3.79
N ASP D 379 26.19 -34.25 2.76
CA ASP D 379 26.88 -35.45 2.37
C ASP D 379 27.98 -35.17 1.31
N MET D 380 28.14 -33.92 0.89
CA MET D 380 29.04 -33.48 -0.20
C MET D 380 30.41 -33.13 0.36
N THR D 381 31.44 -33.49 -0.41
CA THR D 381 32.77 -32.93 -0.23
C THR D 381 32.98 -31.93 -1.35
N ILE D 382 33.36 -30.74 -0.94
CA ILE D 382 33.35 -29.55 -1.80
C ILE D 382 34.84 -29.13 -1.81
N ARG D 383 35.43 -29.11 -3.00
CA ARG D 383 36.81 -28.67 -3.19
C ARG D 383 36.85 -27.56 -4.23
N GLY D 384 37.73 -26.58 -3.99
CA GLY D 384 37.91 -25.49 -4.89
C GLY D 384 36.87 -24.39 -4.73
N THR D 385 36.96 -23.40 -5.59
CA THR D 385 36.09 -22.26 -5.51
C THR D 385 35.13 -22.34 -6.71
N PRO D 386 33.82 -22.07 -6.48
CA PRO D 386 32.92 -22.17 -7.62
C PRO D 386 33.35 -21.24 -8.77
N GLY D 387 33.13 -21.72 -9.98
CA GLY D 387 33.52 -21.04 -11.20
C GLY D 387 34.91 -21.42 -11.70
N GLU D 388 35.74 -22.03 -10.85
CA GLU D 388 37.11 -22.42 -11.23
C GLU D 388 37.09 -23.85 -11.78
N LEU D 389 38.00 -24.11 -12.72
CA LEU D 389 38.20 -25.47 -13.22
C LEU D 389 38.48 -26.45 -12.08
N THR D 390 39.10 -25.95 -11.01
CA THR D 390 39.45 -26.72 -9.80
C THR D 390 38.21 -27.24 -8.99
N TYR D 391 37.08 -26.56 -9.15
CA TYR D 391 35.86 -26.85 -8.37
C TYR D 391 35.34 -28.27 -8.56
N SER D 392 35.08 -28.93 -7.43
CA SER D 392 34.66 -30.31 -7.42
C SER D 392 33.67 -30.53 -6.26
N VAL D 393 32.54 -31.17 -6.58
CA VAL D 393 31.53 -31.57 -5.58
C VAL D 393 31.29 -33.05 -5.73
N THR D 394 31.59 -33.81 -4.67
CA THR D 394 31.47 -35.28 -4.76
C THR D 394 30.78 -35.85 -3.53
N TYR D 395 30.28 -37.09 -3.64
CA TYR D 395 29.78 -37.82 -2.47
C TYR D 395 30.09 -39.35 -2.61
N THR D 396 29.92 -40.09 -1.54
CA THR D 396 30.06 -41.53 -1.56
C THR D 396 28.73 -42.23 -1.53
N PRO D 397 28.37 -42.95 -2.62
CA PRO D 397 27.10 -43.61 -2.69
C PRO D 397 26.90 -44.63 -1.54
N GLY D 398 25.79 -44.48 -0.87
CA GLY D 398 25.33 -45.44 0.13
C GLY D 398 26.07 -45.47 1.43
N ALA D 399 26.91 -44.44 1.67
CA ALA D 399 27.76 -44.32 2.85
C ALA D 399 26.94 -44.36 4.12
N SER D 400 27.48 -45.05 5.14
CA SER D 400 26.75 -45.20 6.38
C SER D 400 26.56 -43.89 7.11
N THR D 401 27.42 -42.92 6.80
CA THR D 401 27.39 -41.55 7.40
C THR D 401 26.56 -40.54 6.59
N ASN D 402 26.07 -40.95 5.44
CA ASN D 402 25.22 -40.07 4.64
C ASN D 402 23.93 -39.89 5.35
N LYS D 403 23.44 -38.63 5.34
CA LYS D 403 22.09 -38.32 5.84
C LYS D 403 20.96 -38.36 4.82
N HIS D 404 21.32 -38.47 3.57
CA HIS D 404 20.38 -38.49 2.46
C HIS D 404 20.63 -39.62 1.49
N PRO D 405 19.56 -40.01 0.76
CA PRO D 405 19.71 -41.07 -0.24
C PRO D 405 20.52 -40.62 -1.44
N ASP D 406 21.00 -41.61 -2.20
CA ASP D 406 21.83 -41.31 -3.35
C ASP D 406 21.07 -40.54 -4.42
N TRP D 407 19.76 -40.75 -4.58
CA TRP D 407 19.01 -39.97 -5.60
C TRP D 407 19.09 -38.47 -5.27
N TRP D 408 19.04 -38.16 -3.98
CA TRP D 408 19.09 -36.73 -3.52
C TRP D 408 20.47 -36.21 -3.72
N ASN D 409 21.49 -36.98 -3.32
CA ASN D 409 22.84 -36.56 -3.47
C ASN D 409 23.27 -36.30 -4.89
N GLU D 410 22.83 -37.21 -5.78
CA GLU D 410 23.09 -37.02 -7.19
C GLU D 410 22.47 -35.73 -7.76
N LYS D 411 21.24 -35.41 -7.36
CA LYS D 411 20.59 -34.17 -7.80
C LYS D 411 21.35 -32.93 -7.32
N VAL D 412 21.81 -33.01 -6.08
CA VAL D 412 22.50 -31.86 -5.42
C VAL D 412 23.82 -31.62 -6.12
N LYS D 413 24.56 -32.70 -6.29
CA LYS D 413 25.85 -32.72 -6.97
C LYS D 413 25.73 -32.09 -8.34
N ASN D 414 24.79 -32.57 -9.13
CA ASN D 414 24.65 -32.09 -10.56
C ASN D 414 24.26 -30.60 -10.57
N HIS D 415 23.36 -30.24 -9.68
CA HIS D 415 22.98 -28.81 -9.59
C HIS D 415 24.15 -27.90 -9.24
N MET D 416 24.95 -28.28 -8.24
CA MET D 416 26.06 -27.50 -7.82
C MET D 416 27.20 -27.41 -8.81
N MET D 417 27.33 -28.44 -9.64
CA MET D 417 28.40 -28.47 -10.67
C MET D 417 27.94 -27.78 -11.95
N GLN D 418 26.68 -27.95 -12.30
CA GLN D 418 26.14 -27.33 -13.51
C GLN D 418 25.81 -25.86 -13.33
N HIS D 419 25.63 -25.41 -12.08
CA HIS D 419 25.23 -24.03 -11.85
C HIS D 419 26.07 -23.42 -10.78
N GLN D 420 27.34 -23.22 -11.10
CA GLN D 420 28.33 -22.71 -10.13
C GLN D 420 28.09 -21.25 -9.74
N GLU D 421 27.26 -20.53 -10.50
CA GLU D 421 26.87 -19.15 -10.17
C GLU D 421 25.75 -19.10 -9.12
N ASP D 422 25.15 -20.25 -8.83
CA ASP D 422 23.96 -20.23 -8.01
C ASP D 422 24.34 -20.63 -6.57
N PRO D 423 23.83 -19.87 -5.55
CA PRO D 423 24.29 -20.08 -4.19
C PRO D 423 23.61 -21.16 -3.38
N LEU D 424 22.60 -21.69 -3.96
CA LEU D 424 21.74 -22.70 -3.27
C LEU D 424 22.00 -24.11 -3.81
N PRO D 425 21.80 -25.11 -2.91
CA PRO D 425 22.08 -26.52 -3.33
C PRO D 425 20.83 -27.25 -3.92
N ILE D 426 19.68 -26.57 -3.90
CA ILE D 426 18.38 -27.17 -4.33
C ILE D 426 18.26 -27.00 -5.85
N PRO D 427 18.02 -28.10 -6.58
CA PRO D 427 17.91 -27.95 -8.04
C PRO D 427 16.75 -27.03 -8.45
N PHE D 428 16.91 -26.38 -9.56
CA PHE D 428 15.89 -25.44 -10.02
C PHE D 428 14.51 -26.03 -10.23
N GLU D 429 14.39 -27.22 -10.75
CA GLU D 429 13.02 -27.67 -11.01
C GLU D 429 12.50 -28.65 -9.94
N ASP D 430 13.11 -28.61 -8.76
CA ASP D 430 12.64 -29.50 -7.68
C ASP D 430 11.20 -29.19 -7.31
N PRO D 431 10.33 -30.24 -7.20
CA PRO D 431 8.96 -30.01 -6.80
C PRO D 431 8.84 -29.48 -5.38
N GLU D 432 7.68 -28.86 -5.14
CA GLU D 432 7.35 -28.28 -3.88
C GLU D 432 7.11 -29.36 -2.80
N PRO D 433 7.26 -29.02 -1.52
CA PRO D 433 6.77 -29.91 -0.50
C PRO D 433 5.23 -30.04 -0.56
N GLN D 434 4.76 -31.16 -0.04
CA GLN D 434 3.33 -31.40 0.15
C GLN D 434 3.13 -32.19 1.40
N VAL D 435 3.30 -31.53 2.57
CA VAL D 435 3.41 -32.23 3.80
C VAL D 435 2.18 -31.92 4.69
N THR D 436 1.78 -32.92 5.48
CA THR D 436 0.64 -32.82 6.44
C THR D 436 0.98 -33.59 7.70
N THR D 437 0.55 -33.05 8.85
CA THR D 437 0.16 -33.90 10.00
C THR D 437 -1.37 -33.81 10.13
N LEU D 438 -2.04 -34.95 9.92
CA LEU D 438 -3.54 -34.91 9.93
C LEU D 438 -4.08 -34.62 11.34
N PHE D 439 -5.27 -34.07 11.36
CA PHE D 439 -6.12 -33.82 12.50
C PHE D 439 -6.07 -34.95 13.51
N GLN D 440 -5.74 -34.60 14.75
CA GLN D 440 -5.88 -35.52 15.88
C GLN D 440 -6.45 -34.81 17.07
N PRO D 441 -6.96 -35.57 18.06
CA PRO D 441 -7.47 -34.94 19.23
C PRO D 441 -6.55 -33.90 19.92
N SER D 442 -5.21 -34.16 19.98
CA SER D 442 -4.25 -33.25 20.58
C SER D 442 -3.80 -32.08 19.69
N HIS D 443 -4.20 -32.13 18.43
CA HIS D 443 -3.97 -31.00 17.49
C HIS D 443 -5.11 -31.01 16.51
N PRO D 444 -6.28 -30.52 16.94
CA PRO D 444 -7.55 -30.69 16.16
C PRO D 444 -7.69 -29.66 15.00
N TRP D 445 -6.76 -29.75 14.06
CA TRP D 445 -6.79 -28.95 12.86
C TRP D 445 -6.16 -29.74 11.78
N HIS D 446 -6.54 -29.47 10.54
CA HIS D 446 -5.82 -30.04 9.41
C HIS D 446 -4.67 -29.13 9.04
N THR D 447 -3.61 -29.65 8.44
CA THR D 447 -2.39 -28.86 8.08
C THR D 447 -2.03 -29.19 6.64
N GLN D 448 -1.55 -28.16 5.96
CA GLN D 448 -0.95 -28.30 4.59
C GLN D 448 0.27 -27.45 4.54
N ILE D 449 1.42 -28.05 4.24
CA ILE D 449 2.69 -27.35 4.32
C ILE D 449 3.41 -27.55 2.99
N GLY D 450 3.67 -26.49 2.24
CA GLY D 450 4.37 -26.61 0.98
C GLY D 450 4.18 -25.38 0.13
N ARG D 451 3.60 -25.56 -1.05
CA ARG D 451 3.31 -24.48 -1.97
C ARG D 451 1.91 -24.63 -2.60
N ASP D 452 1.05 -23.69 -2.30
CA ASP D 452 -0.34 -23.66 -2.77
C ASP D 452 -0.40 -22.69 -3.96
N ALA D 453 -1.11 -23.07 -5.03
CA ALA D 453 -1.31 -22.13 -6.12
C ALA D 453 -2.16 -20.92 -5.83
N PHE D 454 -2.94 -20.99 -4.76
CA PHE D 454 -3.78 -19.83 -4.34
C PHE D 454 -2.99 -18.90 -3.41
N SER D 455 -2.18 -18.03 -3.99
CA SER D 455 -1.44 -17.03 -3.19
C SER D 455 -2.43 -15.91 -2.86
N TYR D 456 -2.16 -15.25 -1.75
CA TYR D 456 -3.13 -14.24 -1.25
C TYR D 456 -2.66 -12.82 -1.42
N GLY D 457 -1.38 -12.61 -1.63
CA GLY D 457 -1.01 -11.25 -2.07
C GLY D 457 -0.13 -11.24 -3.27
N ALA D 458 0.39 -10.06 -3.65
CA ALA D 458 1.30 -10.02 -4.77
C ALA D 458 2.48 -11.01 -4.57
N VAL D 459 2.94 -11.71 -5.62
CA VAL D 459 4.00 -12.71 -5.36
C VAL D 459 5.35 -11.98 -5.24
N GLN D 460 6.05 -12.20 -4.14
CA GLN D 460 7.29 -11.47 -3.95
C GLN D 460 8.35 -12.07 -4.89
N GLN D 461 9.30 -11.25 -5.32
CA GLN D 461 10.34 -11.73 -6.19
C GLN D 461 11.75 -11.57 -5.57
N SER D 462 11.86 -11.04 -4.37
CA SER D 462 13.16 -10.76 -3.77
CA SER D 462 13.18 -10.76 -3.79
CA SER D 462 13.11 -10.75 -3.71
C SER D 462 13.81 -11.98 -3.16
N ILE D 463 13.01 -12.87 -2.60
CA ILE D 463 13.51 -14.11 -1.97
C ILE D 463 13.37 -15.24 -2.93
N ASP D 464 14.43 -16.04 -3.05
CA ASP D 464 14.39 -17.20 -3.97
C ASP D 464 13.23 -18.13 -3.64
N SER D 465 12.42 -18.46 -4.64
CA SER D 465 11.23 -19.35 -4.40
C SER D 465 11.56 -20.74 -3.80
N ARG D 466 12.80 -21.21 -4.08
CA ARG D 466 13.21 -22.53 -3.48
C ARG D 466 13.27 -22.53 -1.96
N LEU D 467 13.39 -21.35 -1.38
CA LEU D 467 13.43 -21.19 0.09
C LEU D 467 12.03 -21.11 0.74
N ILE D 468 10.99 -20.88 -0.04
CA ILE D 468 9.66 -20.54 0.52
CA ILE D 468 9.68 -20.53 0.54
C ILE D 468 8.85 -21.74 0.82
N VAL D 469 8.23 -21.80 1.99
CA VAL D 469 7.30 -22.93 2.36
C VAL D 469 6.06 -22.21 2.87
N ASP D 470 4.89 -22.68 2.43
CA ASP D 470 3.59 -22.16 2.86
C ASP D 470 3.08 -23.04 3.97
N TRP D 471 2.30 -22.44 4.85
CA TRP D 471 1.67 -23.10 6.01
C TRP D 471 0.22 -22.65 6.04
N ARG D 472 -0.71 -23.61 5.96
CA ARG D 472 -2.15 -23.39 6.06
C ARG D 472 -2.69 -24.40 7.04
N PHE D 473 -3.29 -23.95 8.14
CA PHE D 473 -3.95 -24.82 9.10
C PHE D 473 -5.41 -24.40 9.21
N PHE D 474 -6.26 -25.44 9.30
CA PHE D 474 -7.68 -25.34 9.16
C PHE D 474 -8.35 -25.93 10.34
N GLY D 475 -9.20 -25.13 10.95
CA GLY D 475 -9.89 -25.56 12.15
C GLY D 475 -11.28 -26.05 11.89
N ARG D 476 -11.81 -26.79 12.86
CA ARG D 476 -13.14 -27.28 12.79
C ARG D 476 -14.15 -26.43 13.53
N THR D 477 -15.36 -26.24 12.98
CA THR D 477 -16.38 -25.30 13.48
C THR D 477 -17.61 -26.08 13.95
N GLU D 478 -17.98 -25.86 15.19
CA GLU D 478 -19.14 -26.49 15.79
C GLU D 478 -20.38 -26.01 15.02
N PRO D 479 -21.29 -26.97 14.66
CA PRO D 479 -22.59 -26.58 14.04
C PRO D 479 -23.51 -25.94 15.06
N LYS D 480 -23.99 -24.76 14.73
CA LYS D 480 -24.89 -23.95 15.63
C LYS D 480 -26.05 -23.46 14.83
N GLU D 481 -27.26 -23.63 15.41
CA GLU D 481 -28.47 -23.32 14.69
CA GLU D 481 -28.51 -23.28 14.72
C GLU D 481 -28.46 -21.85 14.22
N GLU D 482 -27.86 -20.96 15.01
CA GLU D 482 -27.84 -19.54 14.65
C GLU D 482 -27.00 -19.12 13.50
N ASN D 483 -26.10 -20.01 13.09
CA ASN D 483 -25.28 -19.77 11.95
C ASN D 483 -26.00 -20.20 10.71
N LYS D 484 -26.26 -19.23 9.82
CA LYS D 484 -27.23 -19.42 8.75
C LYS D 484 -26.77 -18.87 7.42
N LEU D 485 -27.26 -19.56 6.39
CA LEU D 485 -27.29 -19.09 5.01
C LEU D 485 -28.75 -18.93 4.66
N TRP D 486 -29.19 -17.72 4.31
CA TRP D 486 -30.58 -17.49 3.92
C TRP D 486 -30.64 -16.66 2.66
N PHE D 487 -31.84 -16.55 2.08
CA PHE D 487 -32.02 -15.99 0.79
C PHE D 487 -33.03 -14.85 0.84
N SER D 488 -32.65 -13.75 0.25
CA SER D 488 -33.55 -12.54 0.26
C SER D 488 -34.87 -12.87 -0.50
N ASP D 489 -35.92 -12.27 -0.01
CA ASP D 489 -37.19 -12.29 -0.67
C ASP D 489 -37.38 -11.10 -1.62
N LYS D 490 -36.38 -10.21 -1.75
CA LYS D 490 -36.48 -9.07 -2.62
C LYS D 490 -35.24 -8.92 -3.51
N ILE D 491 -34.07 -9.13 -2.97
CA ILE D 491 -32.85 -8.89 -3.69
C ILE D 491 -32.53 -10.16 -4.48
N THR D 492 -32.10 -9.96 -5.74
CA THR D 492 -31.76 -11.08 -6.61
C THR D 492 -30.30 -10.98 -7.06
N ASP D 493 -29.73 -12.12 -7.41
CA ASP D 493 -28.36 -12.26 -7.93
C ASP D 493 -28.31 -12.08 -9.46
N ALA D 494 -27.13 -12.33 -10.03
CA ALA D 494 -26.87 -12.12 -11.44
C ALA D 494 -27.65 -13.05 -12.37
N TYR D 495 -28.26 -14.10 -11.82
CA TYR D 495 -29.10 -15.04 -12.61
C TYR D 495 -30.62 -14.92 -12.18
N ASN D 496 -30.99 -13.80 -11.53
CA ASN D 496 -32.37 -13.52 -11.09
C ASN D 496 -32.91 -14.53 -10.10
N MET D 497 -32.01 -15.02 -9.20
CA MET D 497 -32.37 -15.98 -8.21
C MET D 497 -32.21 -15.27 -6.82
N PRO D 498 -32.97 -15.74 -5.82
CA PRO D 498 -32.93 -15.07 -4.51
C PRO D 498 -31.45 -14.90 -3.99
N GLN D 499 -31.11 -13.69 -3.54
CA GLN D 499 -29.74 -13.37 -3.19
C GLN D 499 -29.29 -14.04 -1.89
N PRO D 500 -28.22 -14.84 -1.92
CA PRO D 500 -27.67 -15.42 -0.69
C PRO D 500 -27.15 -14.41 0.32
N THR D 501 -27.44 -14.66 1.60
CA THR D 501 -26.99 -13.78 2.68
C THR D 501 -26.48 -14.68 3.80
N PHE D 502 -25.41 -14.32 4.45
CA PHE D 502 -24.90 -15.08 5.59
C PHE D 502 -25.18 -14.32 6.88
N ASP D 503 -25.44 -15.13 7.91
CA ASP D 503 -25.38 -14.65 9.30
C ASP D 503 -24.56 -15.62 10.05
N PHE D 504 -23.28 -15.30 10.20
CA PHE D 504 -22.25 -16.27 10.70
C PHE D 504 -21.30 -15.59 11.65
N ARG D 505 -20.98 -16.24 12.78
CA ARG D 505 -19.80 -15.98 13.53
C ARG D 505 -19.17 -17.27 13.98
N PHE D 506 -17.87 -17.36 14.13
CA PHE D 506 -17.31 -18.56 14.74
C PHE D 506 -17.78 -18.72 16.14
N PRO D 507 -18.36 -19.88 16.49
CA PRO D 507 -18.89 -19.98 17.84
C PRO D 507 -17.87 -19.77 18.98
N ALA D 508 -18.32 -19.20 20.09
CA ALA D 508 -17.53 -19.11 21.32
C ALA D 508 -17.31 -20.59 21.79
N GLY D 509 -16.42 -20.74 22.71
CA GLY D 509 -16.15 -22.01 23.28
C GLY D 509 -15.10 -22.70 22.46
N ARG D 510 -15.30 -23.99 22.26
CA ARG D 510 -14.27 -24.81 21.68
C ARG D 510 -13.81 -24.34 20.30
N THR D 511 -14.68 -23.90 19.44
CA THR D 511 -14.26 -23.51 18.07
C THR D 511 -13.27 -22.34 18.19
N SER D 512 -13.57 -21.40 19.04
CA SER D 512 -12.72 -20.19 19.17
C SER D 512 -11.41 -20.52 19.86
N LYS D 513 -11.48 -21.28 20.95
CA LYS D 513 -10.24 -21.70 21.64
C LYS D 513 -9.29 -22.49 20.71
N GLU D 514 -9.85 -23.42 19.99
CA GLU D 514 -9.04 -24.22 19.13
C GLU D 514 -8.46 -23.31 18.00
N ALA D 515 -9.27 -22.41 17.46
CA ALA D 515 -8.80 -21.51 16.39
C ALA D 515 -7.54 -20.75 16.83
N GLU D 516 -7.55 -20.15 17.98
CA GLU D 516 -6.40 -19.49 18.45
C GLU D 516 -5.22 -20.39 18.83
N ASP D 517 -5.49 -21.58 19.39
CA ASP D 517 -4.42 -22.55 19.68
C ASP D 517 -3.84 -23.05 18.41
N MET D 518 -4.64 -23.09 17.30
CA MET D 518 -4.16 -23.46 15.94
C MET D 518 -3.14 -22.43 15.45
N MET D 519 -3.48 -21.17 15.57
CA MET D 519 -2.57 -20.07 15.18
C MET D 519 -1.26 -20.28 15.93
N THR D 520 -1.28 -20.46 17.26
CA THR D 520 -0.08 -20.63 18.08
C THR D 520 0.72 -21.85 17.55
N ASP D 521 0.03 -22.97 17.27
CA ASP D 521 0.64 -24.20 16.74
C ASP D 521 1.35 -23.94 15.44
N MET D 522 0.73 -23.21 14.51
CA MET D 522 1.45 -22.83 13.26
C MET D 522 2.70 -21.97 13.56
N CYS D 523 2.61 -20.97 14.44
CA CYS D 523 3.84 -20.17 14.79
C CYS D 523 5.00 -21.05 15.37
N VAL D 524 4.64 -22.02 16.22
CA VAL D 524 5.59 -22.94 16.89
C VAL D 524 6.17 -23.91 15.83
N MET D 525 5.31 -24.49 15.01
CA MET D 525 5.76 -25.52 14.09
C MET D 525 6.63 -24.94 13.02
N SER D 526 6.13 -23.86 12.46
CA SER D 526 6.80 -23.30 11.24
C SER D 526 8.20 -22.80 11.62
N ALA D 527 8.37 -22.32 12.87
CA ALA D 527 9.68 -21.94 13.32
C ALA D 527 10.79 -22.97 13.26
N LYS D 528 10.40 -24.22 13.24
CA LYS D 528 11.34 -25.30 13.14
C LYS D 528 11.94 -25.41 11.76
N ILE D 529 11.27 -24.81 10.75
CA ILE D 529 11.71 -24.86 9.37
C ILE D 529 12.40 -23.55 8.94
N GLY D 530 11.87 -22.41 9.42
CA GLY D 530 12.47 -21.08 9.08
C GLY D 530 11.68 -19.99 9.71
N GLY D 531 12.18 -18.79 9.59
CA GLY D 531 11.39 -17.64 10.08
C GLY D 531 10.40 -17.17 9.03
N PHE D 532 9.44 -16.31 9.44
CA PHE D 532 8.38 -15.87 8.54
C PHE D 532 8.93 -15.00 7.42
N LEU D 533 8.33 -15.14 6.26
CA LEU D 533 8.62 -14.28 5.16
C LEU D 533 7.88 -12.98 5.29
N PRO D 534 8.61 -11.86 5.26
CA PRO D 534 7.97 -10.52 5.35
C PRO D 534 6.92 -10.44 4.23
N GLY D 535 5.76 -9.92 4.58
CA GLY D 535 4.64 -9.93 3.64
C GLY D 535 3.70 -11.09 3.66
N SER D 536 4.11 -12.17 4.33
CA SER D 536 3.30 -13.35 4.56
C SER D 536 3.37 -13.78 6.06
N LEU D 537 3.09 -12.82 6.95
CA LEU D 537 3.20 -13.10 8.34
C LEU D 537 2.00 -13.88 8.80
N PRO D 538 2.04 -14.49 10.00
CA PRO D 538 0.89 -15.28 10.50
C PRO D 538 -0.40 -14.52 10.64
N GLN D 539 -1.43 -15.05 10.06
CA GLN D 539 -2.71 -14.33 9.97
C GLN D 539 -3.88 -15.25 9.82
N PHE D 540 -5.05 -14.80 10.29
CA PHE D 540 -6.32 -15.44 9.94
C PHE D 540 -6.69 -14.94 8.57
N MET D 541 -7.16 -15.85 7.75
CA MET D 541 -7.74 -15.44 6.48
C MET D 541 -9.23 -15.05 6.58
N GLU D 542 -9.72 -14.33 5.55
CA GLU D 542 -11.09 -13.85 5.56
CA GLU D 542 -11.11 -13.79 5.58
C GLU D 542 -12.06 -15.01 5.72
N PRO D 543 -13.10 -14.87 6.52
CA PRO D 543 -13.99 -16.01 6.75
C PRO D 543 -14.58 -16.58 5.47
N GLY D 544 -14.42 -17.88 5.24
CA GLY D 544 -14.90 -18.47 3.98
C GLY D 544 -14.00 -18.54 2.79
N LEU D 545 -12.87 -17.79 2.85
CA LEU D 545 -11.90 -17.89 1.83
C LEU D 545 -11.45 -19.27 1.46
N CYS D 546 -11.41 -20.13 2.44
CA CYS D 546 -11.00 -21.54 2.32
C CYS D 546 -12.06 -22.38 1.58
N LEU D 547 -13.30 -21.91 1.44
CA LEU D 547 -14.28 -22.62 0.59
C LEU D 547 -14.53 -24.08 1.05
N HIS D 548 -14.73 -24.25 2.33
CA HIS D 548 -15.00 -25.57 2.97
C HIS D 548 -16.33 -25.55 3.66
N LEU D 549 -17.25 -24.73 3.16
CA LEU D 549 -18.63 -24.60 3.72
C LEU D 549 -19.38 -25.90 3.78
N GLY D 550 -19.92 -26.23 4.93
CA GLY D 550 -20.72 -27.43 5.12
C GLY D 550 -22.00 -27.17 5.83
N GLY D 551 -22.82 -28.23 5.92
CA GLY D 551 -24.00 -28.25 6.81
C GLY D 551 -25.18 -27.43 6.37
N THR D 552 -25.17 -26.87 5.13
CA THR D 552 -26.27 -26.05 4.60
C THR D 552 -27.54 -26.88 4.29
N HIS D 553 -27.37 -28.20 4.08
CA HIS D 553 -28.53 -29.13 3.85
C HIS D 553 -28.18 -30.48 4.46
N ARG D 554 -27.98 -30.43 5.77
CA ARG D 554 -27.22 -31.41 6.49
C ARG D 554 -27.87 -32.79 6.62
N MET D 555 -27.03 -33.80 6.69
CA MET D 555 -27.39 -35.23 6.92
C MET D 555 -27.58 -35.62 8.39
N GLY D 556 -28.57 -36.48 8.66
CA GLY D 556 -28.67 -37.17 9.91
C GLY D 556 -29.66 -38.32 9.81
N PHE D 557 -29.82 -39.04 10.92
CA PHE D 557 -30.71 -40.19 10.91
C PHE D 557 -32.19 -39.77 11.00
N ASP D 558 -32.51 -38.74 11.77
CA ASP D 558 -33.88 -38.37 12.09
C ASP D 558 -34.02 -36.88 11.86
N GLU D 559 -34.92 -36.47 10.98
CA GLU D 559 -35.16 -35.03 10.66
C GLU D 559 -35.23 -34.10 11.88
N LYS D 560 -36.10 -34.45 12.80
CA LYS D 560 -36.30 -33.61 13.98
C LYS D 560 -35.20 -33.82 15.02
N GLU D 561 -34.85 -35.06 15.34
CA GLU D 561 -33.89 -35.30 16.44
C GLU D 561 -32.46 -34.84 16.13
N ASP D 562 -32.09 -34.98 14.84
CA ASP D 562 -30.74 -34.63 14.35
C ASP D 562 -30.76 -33.34 13.55
N ASN D 563 -31.86 -32.60 13.60
CA ASN D 563 -31.90 -31.24 13.04
C ASN D 563 -31.31 -31.18 11.63
N CYS D 564 -31.91 -31.94 10.73
CA CYS D 564 -31.27 -32.25 9.43
C CYS D 564 -32.31 -32.26 8.32
N CYS D 565 -31.80 -32.41 7.10
CA CYS D 565 -32.52 -32.20 5.84
C CYS D 565 -32.54 -33.43 4.92
N VAL D 566 -31.50 -34.23 5.02
CA VAL D 566 -31.38 -35.49 4.25
C VAL D 566 -30.99 -36.61 5.19
N ASN D 567 -31.40 -37.86 4.83
CA ASN D 567 -30.97 -39.03 5.54
C ASN D 567 -29.67 -39.61 5.05
N THR D 568 -29.28 -40.79 5.52
CA THR D 568 -27.90 -41.29 5.19
C THR D 568 -27.81 -41.84 3.78
N ASP D 569 -28.93 -41.90 3.05
CA ASP D 569 -28.96 -42.12 1.61
C ASP D 569 -28.94 -40.79 0.79
N SER D 570 -28.74 -39.69 1.54
CA SER D 570 -28.78 -38.32 0.99
C SER D 570 -30.16 -37.95 0.36
N ARG D 571 -31.19 -38.68 0.82
CA ARG D 571 -32.55 -38.49 0.35
C ARG D 571 -33.23 -37.36 1.20
N VAL D 572 -33.84 -36.42 0.54
CA VAL D 572 -34.61 -35.36 1.25
C VAL D 572 -35.79 -36.00 2.03
N PHE D 573 -35.83 -35.79 3.34
CA PHE D 573 -36.90 -36.32 4.14
C PHE D 573 -38.25 -36.00 3.51
N GLY D 574 -39.07 -37.07 3.53
CA GLY D 574 -40.44 -37.05 2.97
C GLY D 574 -40.60 -37.20 1.48
N PHE D 575 -39.49 -37.09 0.73
CA PHE D 575 -39.56 -37.09 -0.71
C PHE D 575 -38.89 -38.35 -1.26
N LYS D 576 -39.65 -39.08 -2.04
CA LYS D 576 -39.24 -40.35 -2.60
C LYS D 576 -38.05 -40.29 -3.56
N ASN D 577 -37.90 -39.16 -4.26
CA ASN D 577 -37.04 -39.16 -5.48
C ASN D 577 -36.15 -37.92 -5.66
N LEU D 578 -35.87 -37.28 -4.52
CA LEU D 578 -35.04 -36.06 -4.41
C LEU D 578 -33.84 -36.35 -3.51
N PHE D 579 -32.61 -36.11 -4.09
CA PHE D 579 -31.34 -36.40 -3.45
C PHE D 579 -30.44 -35.17 -3.58
N LEU D 580 -29.69 -34.94 -2.51
CA LEU D 580 -28.71 -33.79 -2.50
C LEU D 580 -27.33 -34.38 -2.32
N GLY D 581 -26.36 -33.85 -3.08
CA GLY D 581 -24.97 -34.24 -2.91
C GLY D 581 -24.14 -33.03 -2.68
N GLY D 582 -23.10 -33.24 -1.90
CA GLY D 582 -22.08 -32.22 -1.71
C GLY D 582 -21.72 -31.99 -0.29
N CYS D 583 -20.87 -30.99 -0.04
CA CYS D 583 -20.41 -30.67 1.29
C CYS D 583 -21.52 -30.14 2.21
N GLY D 584 -22.57 -29.57 1.63
CA GLY D 584 -23.73 -29.11 2.37
C GLY D 584 -24.39 -30.22 3.13
N ASN D 585 -24.11 -31.48 2.76
CA ASN D 585 -24.59 -32.66 3.52
C ASN D 585 -23.85 -32.92 4.84
N ILE D 586 -22.60 -32.45 4.94
CA ILE D 586 -21.77 -32.86 6.09
C ILE D 586 -22.25 -32.11 7.32
N PRO D 587 -22.63 -32.85 8.38
CA PRO D 587 -23.25 -32.15 9.55
C PRO D 587 -22.32 -31.95 10.74
N THR D 588 -21.10 -32.41 10.64
CA THR D 588 -20.17 -32.38 11.75
C THR D 588 -19.20 -31.17 11.65
N ALA D 589 -18.45 -30.99 12.73
CA ALA D 589 -17.28 -30.09 12.74
C ALA D 589 -16.06 -30.78 12.22
N TYR D 590 -15.56 -30.29 11.09
CA TYR D 590 -14.42 -30.95 10.43
C TYR D 590 -13.40 -29.89 10.07
N GLY D 591 -12.15 -30.32 10.12
CA GLY D 591 -10.99 -29.45 9.79
C GLY D 591 -10.36 -29.89 8.47
N ALA D 592 -10.40 -31.17 8.05
CA ALA D 592 -9.77 -31.66 6.81
C ALA D 592 -10.64 -31.19 5.60
N ASN D 593 -10.05 -31.33 4.42
CA ASN D 593 -10.76 -30.89 3.21
C ASN D 593 -11.92 -31.87 2.92
N PRO D 594 -13.07 -31.29 2.63
CA PRO D 594 -14.30 -32.14 2.68
C PRO D 594 -14.68 -32.97 1.45
N THR D 595 -14.18 -32.65 0.28
CA THR D 595 -14.69 -33.19 -1.00
C THR D 595 -14.69 -34.70 -1.02
N LEU D 596 -13.65 -35.40 -0.51
CA LEU D 596 -13.61 -36.81 -0.51
C LEU D 596 -14.75 -37.37 0.29
N THR D 597 -15.02 -36.79 1.43
CA THR D 597 -16.15 -37.19 2.32
C THR D 597 -17.48 -36.99 1.56
N ALA D 598 -17.74 -35.81 0.96
CA ALA D 598 -18.92 -35.60 0.13
C ALA D 598 -19.05 -36.64 -0.99
N MET D 599 -17.97 -37.01 -1.69
CA MET D 599 -18.00 -38.02 -2.73
C MET D 599 -18.40 -39.38 -2.12
N SER D 600 -17.84 -39.74 -0.95
CA SER D 600 -18.16 -41.00 -0.29
C SER D 600 -19.69 -41.08 -0.02
N LEU D 601 -20.26 -40.00 0.46
CA LEU D 601 -21.70 -39.94 0.74
C LEU D 601 -22.48 -40.05 -0.55
N ALA D 602 -21.96 -39.45 -1.59
CA ALA D 602 -22.62 -39.55 -2.89
C ALA D 602 -22.64 -41.00 -3.43
N ILE D 603 -21.56 -41.77 -3.20
CA ILE D 603 -21.51 -43.19 -3.58
C ILE D 603 -22.55 -43.99 -2.83
N LYS D 604 -22.67 -43.76 -1.55
CA LYS D 604 -23.73 -44.39 -0.73
C LYS D 604 -25.18 -44.06 -1.24
N SER D 605 -25.40 -42.82 -1.61
CA SER D 605 -26.65 -42.35 -2.12
C SER D 605 -26.99 -43.07 -3.47
N CYS D 606 -26.01 -43.17 -4.35
CA CYS D 606 -26.19 -43.94 -5.57
C CYS D 606 -26.60 -45.39 -5.34
N GLU D 607 -26.09 -45.99 -4.28
CA GLU D 607 -26.41 -47.37 -3.94
C GLU D 607 -27.88 -47.49 -3.63
N TYR D 608 -28.43 -46.53 -2.91
CA TYR D 608 -29.88 -46.42 -2.68
C TYR D 608 -30.65 -46.26 -3.98
N ILE D 609 -30.20 -45.37 -4.84
CA ILE D 609 -30.86 -45.11 -6.10
C ILE D 609 -30.93 -46.37 -6.95
N LYS D 610 -29.81 -47.08 -7.04
CA LYS D 610 -29.73 -48.31 -7.84
C LYS D 610 -30.65 -49.39 -7.32
N GLN D 611 -30.90 -49.44 -6.02
CA GLN D 611 -31.74 -50.47 -5.41
C GLN D 611 -33.24 -50.12 -5.47
N ASN D 612 -33.61 -48.84 -5.76
CA ASN D 612 -34.98 -48.32 -5.66
C ASN D 612 -35.60 -47.71 -6.91
N PHE D 613 -34.81 -47.57 -7.98
CA PHE D 613 -35.33 -47.03 -9.23
C PHE D 613 -34.73 -47.91 -10.32
N THR D 614 -35.36 -48.04 -11.48
CA THR D 614 -34.98 -48.98 -12.53
C THR D 614 -34.76 -48.20 -13.80
N PRO D 615 -33.64 -48.49 -14.54
CA PRO D 615 -33.45 -47.85 -15.85
C PRO D 615 -34.62 -48.06 -16.80
N SER D 616 -34.86 -47.11 -17.68
CA SER D 616 -35.79 -47.24 -18.77
C SER D 616 -35.17 -48.16 -19.82
N PRO D 617 -35.99 -48.81 -20.64
CA PRO D 617 -35.46 -49.68 -21.69
C PRO D 617 -34.60 -48.83 -22.65
N PHE D 618 -33.47 -49.37 -23.10
CA PHE D 618 -32.54 -48.55 -23.89
C PHE D 618 -33.19 -48.11 -25.22
PA FDA E . -3.65 29.93 15.12
O1A FDA E . -4.45 28.68 14.89
O2A FDA E . -2.24 30.04 14.53
O5B FDA E . -3.36 30.18 16.66
C5B FDA E . -4.56 30.16 17.59
C4B FDA E . -3.96 29.76 18.98
O4B FDA E . -5.10 29.61 19.88
C3B FDA E . -3.27 28.44 19.13
O3B FDA E . -1.91 28.52 19.45
C2B FDA E . -4.06 27.53 19.99
O2B FDA E . -3.35 26.74 20.92
C1B FDA E . -4.82 28.58 20.78
N9A FDA E . -6.09 28.18 21.35
C8A FDA E . -7.02 27.46 20.67
N7A FDA E . -8.13 27.22 21.34
C5A FDA E . -7.96 27.77 22.58
C6A FDA E . -8.68 28.01 23.75
N6A FDA E . -9.88 27.56 23.93
N1A FDA E . -8.06 28.59 24.80
C2A FDA E . -6.81 29.13 24.72
N3A FDA E . -6.06 29.05 23.58
C4A FDA E . -6.62 28.36 22.55
N1 FDA E . -1.26 30.61 6.15
C2 FDA E . -0.85 31.57 5.32
O2 FDA E . -1.47 32.64 5.16
N3 FDA E . 0.23 31.29 4.54
C4 FDA E . 0.89 30.12 4.48
O4 FDA E . 1.94 29.95 3.78
C4X FDA E . 0.43 29.13 5.51
N5 FDA E . 1.01 27.90 5.50
C5X FDA E . 0.51 26.94 6.35
C6 FDA E . 1.01 25.64 6.31
C7 FDA E . 0.56 24.64 7.19
C7M FDA E . 1.06 23.23 7.03
C8 FDA E . -0.16 25.10 8.35
C8M FDA E . -0.38 24.18 9.57
C9 FDA E . -0.76 26.36 8.25
C9A FDA E . -0.39 27.32 7.30
N10 FDA E . -1.06 28.53 7.21
C10 FDA E . -0.70 29.40 6.20
C1' FDA E . -2.19 28.97 8.00
C2' FDA E . -1.73 29.85 9.12
O2' FDA E . -0.78 29.23 9.92
C3' FDA E . -2.95 30.36 9.98
O3' FDA E . -3.90 31.03 9.08
C4' FDA E . -2.59 31.31 11.10
O4' FDA E . -1.63 30.78 11.99
C5' FDA E . -3.87 31.67 11.82
O5' FDA E . -3.49 32.49 12.90
P FDA E . -4.32 32.72 14.27
O1P FDA E . -3.49 33.45 15.31
O2P FDA E . -5.73 33.16 13.93
O3P FDA E . -4.65 31.19 14.65
C2 2H5 F . -0.43 26.96 2.93
C6 2H5 F . 0.10 22.83 2.14
C3 2H5 F . 0.10 26.66 1.59
C4 2H5 F . 0.62 25.28 1.48
C5 2H5 F . -0.47 24.21 1.97
C1 2H5 F . -1.50 25.94 3.35
O1 2H5 F . -1.99 26.16 4.61
O2 2H5 F . -0.95 28.27 2.98
F3 2H5 F . 1.20 27.55 1.41
O4 2H5 F . 1.80 25.03 2.31
O5 2H5 F . -0.90 24.67 3.30
O6 2H5 F . -0.98 21.92 2.36
O16 12P G . -26.54 10.88 12.07
C15 12P G . -25.52 11.69 11.50
C14 12P G . -24.17 11.02 11.29
O13 12P G . -24.23 10.07 10.26
C12 12P G . -23.19 9.14 10.08
C11 12P G . -23.49 8.11 9.02
O10 12P G . -23.43 8.90 7.84
C9 12P G . -23.49 7.93 6.82
C8 12P G . -23.86 8.61 5.54
O7 12P G . -25.07 9.41 5.71
C6 12P G . -25.33 10.15 4.49
C5 12P G . -26.58 11.06 4.67
O4 12P G . -27.71 10.22 4.98
C3 12P G . -29.06 10.75 4.99
C2 12P G . -30.11 9.65 4.68
PA FDA H . 22.43 10.95 22.73
O1A FDA H . 22.42 10.36 21.35
O2A FDA H . 21.16 11.03 23.54
O5B FDA H . 23.05 12.45 22.81
C5B FDA H . 24.29 12.70 22.09
C4B FDA H . 24.25 14.17 21.82
O4B FDA H . 25.46 14.44 21.14
C3B FDA H . 23.17 14.71 20.86
O3B FDA H . 22.28 15.64 21.45
C2B FDA H . 23.82 15.26 19.73
O2B FDA H . 23.22 16.33 19.01
C1B FDA H . 25.25 15.46 20.14
N9A FDA H . 26.27 15.39 19.09
C8A FDA H . 26.45 14.39 18.22
N7A FDA H . 27.53 14.63 17.49
C5A FDA H . 28.14 15.79 17.96
C6A FDA H . 29.24 16.44 17.56
N6A FDA H . 30.12 16.03 16.64
N1A FDA H . 29.45 17.62 18.22
C2A FDA H . 28.65 18.09 19.15
N3A FDA H . 27.58 17.38 19.59
C4A FDA H . 27.31 16.27 18.90
N1 FDA H . 16.97 3.94 25.83
C2 FDA H . 16.73 3.32 26.97
O2 FDA H . 17.62 2.96 27.82
N3 FDA H . 15.39 3.23 27.30
C4 FDA H . 14.36 3.53 26.51
O4 FDA H . 13.20 3.42 26.89
C4X FDA H . 14.65 4.25 25.29
N5 FDA H . 13.73 4.48 24.33
C5X FDA H . 14.15 5.14 23.22
C6 FDA H . 13.11 5.34 22.29
C7 FDA H . 13.40 6.06 21.10
C7M FDA H . 12.39 6.05 19.94
C8 FDA H . 14.66 6.60 20.87
C8M FDA H . 15.00 7.68 19.85
C9 FDA H . 15.67 6.33 21.82
C9A FDA H . 15.46 5.48 22.99
N10 FDA H . 16.43 5.06 23.88
C10 FDA H . 16.02 4.26 24.94
C1' FDA H . 17.87 5.31 23.67
C2' FDA H . 18.33 6.48 24.51
O2' FDA H . 17.60 7.63 24.13
C3' FDA H . 19.86 6.65 24.35
O3' FDA H . 20.61 5.45 24.66
C4' FDA H . 20.51 7.79 25.14
O4' FDA H . 19.81 9.01 24.83
C5' FDA H . 21.98 7.88 24.74
O5' FDA H . 22.49 8.95 25.51
P FDA H . 23.83 9.72 25.11
O1P FDA H . 23.88 10.93 26.00
O2P FDA H . 24.99 8.81 25.02
O3P FDA H . 23.49 10.11 23.51
C2 2H5 I . 13.37 1.69 23.39
C6 2H5 I . 10.85 1.25 20.04
C3 2H5 I . 12.21 0.73 23.66
C4 2H5 I . 11.16 0.91 22.61
C5 2H5 I . 11.79 0.88 21.15
C1 2H5 I . 13.94 1.49 22.02
O1 2H5 I . 14.97 2.41 21.76
O2 2H5 I . 14.34 1.38 24.36
F3 2H5 I . 11.65 1.06 24.92
O4 2H5 I . 10.46 2.15 22.70
O5 2H5 I . 12.93 1.79 21.08
O6 2H5 I . 11.33 0.99 18.67
O16 12P J . 30.86 -0.97 -3.19
C15 12P J . 30.15 -1.00 -1.92
C14 12P J . 28.66 -0.68 -2.04
O13 12P J . 27.93 -1.68 -2.69
C12 12P J . 26.61 -1.27 -3.00
C11 12P J . 26.12 -2.30 -3.95
O10 12P J . 25.87 -3.45 -3.11
C9 12P J . 25.05 -4.43 -3.78
C8 12P J . 25.09 -5.71 -2.97
O7 12P J . 26.46 -6.11 -2.80
C6 12P J . 26.52 -7.34 -2.06
C5 12P J . 27.96 -7.60 -1.59
O4 12P J . 28.68 -7.96 -2.79
C3 12P J . 30.10 -8.22 -2.62
C2 12P J . 30.79 -8.41 -3.98
O1 12P J . 30.12 -9.44 -4.76
O1 MES K . 14.43 4.66 -11.92
C2 MES K . 14.64 5.16 -13.28
C3 MES K . 16.12 5.62 -13.34
N4 MES K . 16.32 6.67 -12.26
C5 MES K . 15.84 6.22 -10.89
C6 MES K . 14.37 5.76 -11.02
C7 MES K . 17.70 7.20 -12.21
C8 MES K . 17.97 8.27 -11.10
S MES K . 17.33 9.81 -11.51
O1S MES K . 17.80 10.35 -12.82
O2S MES K . 15.84 9.47 -11.48
O3S MES K . 17.42 10.86 -10.50
PA FDA L . -0.02 -14.06 -31.08
O1A FDA L . 1.00 -13.71 -30.05
O2A FDA L . -1.46 -13.76 -30.92
O5B FDA L . 0.05 -15.63 -31.38
C5B FDA L . 1.30 -16.29 -31.60
C4B FDA L . 1.23 -17.74 -31.19
O4B FDA L . 2.48 -18.36 -31.41
C3B FDA L . 0.80 -18.03 -29.77
O3B FDA L . -0.44 -18.63 -29.64
C2B FDA L . 1.94 -18.78 -29.13
O2B FDA L . 1.64 -19.76 -28.22
C1B FDA L . 2.73 -19.26 -30.36
N9A FDA L . 4.11 -19.54 -30.22
C8A FDA L . 4.98 -18.70 -29.75
N7A FDA L . 6.19 -19.17 -29.86
C5A FDA L . 6.08 -20.41 -30.49
C6A FDA L . 7.06 -21.36 -30.81
N6A FDA L . 8.38 -21.18 -30.65
N1A FDA L . 6.50 -22.46 -31.41
C2A FDA L . 5.17 -22.66 -31.63
N3A FDA L . 4.22 -21.76 -31.28
C4A FDA L . 4.72 -20.61 -30.79
N1 FDA L . -4.38 -5.73 -30.75
C2 FDA L . -5.32 -5.16 -31.54
O2 FDA L . -4.99 -4.77 -32.71
N3 FDA L . -6.41 -4.55 -30.99
C4 FDA L . -6.86 -4.78 -29.68
O4 FDA L . -7.85 -4.20 -29.26
C4X FDA L . -5.86 -5.53 -28.95
N5 FDA L . -6.15 -5.66 -27.57
C5X FDA L . -5.21 -6.39 -26.87
C6 FDA L . -5.47 -6.50 -25.45
C7 FDA L . -4.65 -7.33 -24.68
C7M FDA L . -4.74 -7.23 -23.12
C8 FDA L . -3.80 -8.28 -25.27
C8M FDA L . -3.05 -9.38 -24.54
C9 FDA L . -3.48 -8.08 -26.66
C9A FDA L . -4.21 -7.17 -27.43
N10 FDA L . -3.85 -6.86 -28.74
C10 FDA L . -4.72 -6.10 -29.46
C1' FDA L . -2.69 -7.51 -29.43
C2' FDA L . -3.07 -8.64 -30.29
O2' FDA L . -3.70 -9.67 -29.51
C3' FDA L . -1.86 -9.17 -31.09
O3' FDA L . -1.30 -8.09 -31.85
C4' FDA L . -2.19 -10.37 -31.98
O4' FDA L . -2.82 -11.37 -31.26
C5' FDA L . -0.91 -10.86 -32.67
O5' FDA L . -1.24 -11.94 -33.54
P FDA L . -0.11 -13.01 -33.90
O1P FDA L . -0.85 -14.15 -34.54
O2P FDA L . 1.05 -12.32 -34.61
O3P FDA L . 0.58 -13.45 -32.47
C2 2H5 M . -5.15 -2.93 -26.84
C6 2H5 M . -4.79 -2.28 -22.65
C3 2H5 M . -5.86 -1.70 -26.34
C4 2H5 M . -6.11 -1.72 -24.81
C5 2H5 M . -4.71 -1.93 -24.14
C1 2H5 M . -3.85 -2.98 -26.10
O1 2H5 M . -3.08 -4.13 -26.44
O2 2H5 M . -4.91 -2.81 -28.22
F3 2H5 M . -7.07 -1.73 -26.95
O4 2H5 M . -6.96 -2.83 -24.43
O5 2H5 M . -4.04 -3.05 -24.68
O6 2H5 M . -3.54 -2.19 -22.00
C15 12P N . 24.16 -6.03 -17.54
C14 12P N . 22.75 -5.80 -16.93
O13 12P N . 22.94 -4.90 -15.81
C12 12P N . 22.00 -4.90 -14.70
C11 12P N . 22.32 -3.74 -13.73
O10 12P N . 21.81 -2.45 -14.15
C9 12P N . 22.19 -1.05 -13.66
C8 12P N . 22.72 -0.33 -15.02
O7 12P N . 22.61 1.05 -15.62
C6 12P N . 23.38 1.07 -16.88
C5 12P N . 24.85 1.04 -16.60
PA FDA O . -18.91 -27.49 -7.31
O1A FDA O . -19.16 -26.12 -6.81
O2A FDA O . -17.60 -28.01 -7.71
O5B FDA O . -19.78 -27.66 -8.66
C5B FDA O . -21.17 -27.27 -8.61
C4B FDA O . -21.61 -26.91 -10.02
O4B FDA O . -22.94 -26.62 -10.13
C3B FDA O . -20.82 -25.86 -10.76
O3B FDA O . -20.05 -26.26 -11.87
C2B FDA O . -21.84 -24.84 -11.10
O2B FDA O . -21.68 -24.05 -12.23
C1B FDA O . -23.18 -25.54 -11.01
N9A FDA O . -24.33 -24.85 -10.68
C8A FDA O . -24.45 -24.01 -9.65
N7A FDA O . -25.71 -23.54 -9.55
C5A FDA O . -26.46 -24.04 -10.64
C6A FDA O . -27.81 -23.91 -11.04
N6A FDA O . -28.77 -23.23 -10.46
N1A FDA O . -28.04 -24.62 -12.18
C2A FDA O . -27.12 -25.39 -12.77
N3A FDA O . -25.87 -25.58 -12.39
C4A FDA O . -25.56 -24.83 -11.28
N1 FDA O . -11.59 -29.28 -1.75
C2 FDA O . -10.90 -30.32 -1.29
O2 FDA O . -11.51 -31.29 -0.75
N3 FDA O . -9.54 -30.41 -1.42
C4 FDA O . -8.81 -29.34 -1.94
O4 FDA O . -7.59 -29.46 -2.11
C4X FDA O . -9.56 -28.21 -2.49
N5 FDA O . -8.85 -27.16 -2.95
C5X FDA O . -9.65 -26.13 -3.35
C6 FDA O . -8.98 -24.94 -3.76
C7 FDA O . -9.67 -23.87 -4.35
C7M FDA O . -8.96 -22.51 -4.63
C8 FDA O . -11.04 -23.97 -4.65
C8M FDA O . -11.77 -22.98 -5.56
C9 FDA O . -11.70 -25.08 -4.11
C9A FDA O . -11.01 -26.12 -3.45
N10 FDA O . -11.77 -27.19 -2.90
C10 FDA O . -11.00 -28.20 -2.39
C1' FDA O . -13.24 -27.32 -2.83
C2' FDA O . -13.77 -28.28 -3.90
O2' FDA O . -13.37 -27.76 -5.17
C3' FDA O . -15.26 -28.38 -3.68
O3' FDA O . -15.62 -28.90 -2.41
C4' FDA O . -15.87 -29.35 -4.76
O4' FDA O . -15.61 -28.93 -6.10
C5' FDA O . -17.36 -29.30 -4.48
O5' FDA O . -17.95 -30.22 -5.47
P FDA O . -19.52 -30.08 -5.96
O1P FDA O . -19.62 -31.00 -7.22
O2P FDA O . -20.38 -30.33 -4.76
O3P FDA O . -19.63 -28.52 -6.29
C2 2H5 P . -8.27 -26.22 -0.17
C6 2H5 P . -6.45 -22.29 -0.17
C3 2H5 P . -6.90 -26.13 0.45
C4 2H5 P . -6.10 -24.86 0.14
C5 2H5 P . -7.00 -23.58 0.40
C1 2H5 P . -9.01 -24.91 0.03
O1 2H5 P . -10.29 -24.89 -0.47
O2 2H5 P . -8.92 -27.41 0.27
F3 2H5 P . -6.12 -27.17 -0.02
O4 2H5 P . -5.75 -24.82 -1.22
O5 2H5 P . -8.28 -23.70 -0.29
O6 2H5 P . -7.17 -21.10 0.26
O16 12P Q . -30.12 -4.21 7.55
C15 12P Q . -29.03 -5.12 7.47
C14 12P Q . -27.83 -4.64 6.69
O13 12P Q . -27.02 -3.86 7.54
C12 12P Q . -25.90 -3.28 6.84
C11 12P Q . -25.24 -2.28 7.75
O10 12P Q . -24.68 -3.10 8.79
C9 12P Q . -23.91 -2.25 9.58
C8 12P Q . -23.47 -2.98 10.81
O7 12P Q . -24.64 -3.51 11.47
C6 12P Q . -24.29 -4.33 12.57
C5 12P Q . -25.56 -4.91 13.29
O4 12P Q . -26.39 -3.82 13.74
C3 12P Q . -27.75 -4.29 14.08
O1 MES R . 23.60 -46.39 6.51
C2 MES R . 23.15 -47.02 5.29
C3 MES R . 23.05 -46.03 4.08
N4 MES R . 22.20 -44.83 4.44
C5 MES R . 22.76 -44.25 5.74
C6 MES R . 22.73 -45.28 6.86
C7 MES R . 22.26 -43.89 3.30
C8 MES R . 21.49 -42.56 3.63
S MES R . 19.80 -42.68 3.71
O1S MES R . 19.33 -43.28 2.48
O2S MES R . 19.33 -43.46 4.91
O3S MES R . 19.37 -41.26 3.87
#